data_1O42
# 
_entry.id   1O42 
# 
_audit_conform.dict_name       mmcif_pdbx.dic 
_audit_conform.dict_version    5.376 
_audit_conform.dict_location   http://mmcif.pdb.org/dictionaries/ascii/mmcif_pdbx.dic 
# 
loop_
_database_2.database_id 
_database_2.database_code 
_database_2.pdbx_database_accession 
_database_2.pdbx_DOI 
PDB   1O42         pdb_00001o42 10.2210/pdb1o42/pdb 
RCSB  RCSB001777   ?            ?                   
WWPDB D_1000001777 ?            ?                   
# 
_pdbx_database_status.status_code                     REL 
_pdbx_database_status.entry_id                        1O42 
_pdbx_database_status.recvd_initial_deposition_date   2003-06-15 
_pdbx_database_status.deposit_site                    RCSB 
_pdbx_database_status.process_site                    RCSB 
_pdbx_database_status.SG_entry                        . 
_pdbx_database_status.pdb_format_compatible           Y 
_pdbx_database_status.status_code_mr                  ? 
_pdbx_database_status.status_code_sf                  ? 
_pdbx_database_status.status_code_cs                  ? 
_pdbx_database_status.status_code_nmr_data            ? 
_pdbx_database_status.methods_development_category    ? 
# 
loop_
_audit_author.name 
_audit_author.pdbx_ordinal 
'Lange, G.'  1 
'Loenze, P.' 2 
'Liesum, A.' 3 
# 
_citation.id                        primary 
_citation.title                     
;Requirements for specific binding of low affinity inhibitor fragments to the SH2 domain of (pp60)Src are identical to those for high affinity binding of full length inhibitors.
;
_citation.journal_abbrev            J.Med.Chem. 
_citation.journal_volume            46 
_citation.page_first                5184 
_citation.page_last                 5195 
_citation.year                      2003 
_citation.journal_id_ASTM           JMCMAR 
_citation.country                   US 
_citation.journal_id_ISSN           0022-2623 
_citation.journal_id_CSD            0151 
_citation.book_publisher            ? 
_citation.pdbx_database_id_PubMed   14613321 
_citation.pdbx_database_id_DOI      10.1021/jm020970s 
# 
loop_
_citation_author.citation_id 
_citation_author.name 
_citation_author.ordinal 
_citation_author.identifier_ORCID 
primary 'Lange, G.'       1  ? 
primary 'Lesuisse, D.'    2  ? 
primary 'Deprez, P.'      3  ? 
primary 'Schoot, B.'      4  ? 
primary 'Loenze, P.'      5  ? 
primary 'Benard, D.'      6  ? 
primary 'Marquette, J.P.' 7  ? 
primary 'Broto, P.'       8  ? 
primary 'Sarubbi, E.'     9  ? 
primary 'Mandine, E.'     10 ? 
# 
_cell.entry_id           1O42 
_cell.length_a           26.552 
_cell.length_b           59.052 
_cell.length_c           64.706 
_cell.angle_alpha        90.00 
_cell.angle_beta         90.00 
_cell.angle_gamma        90.00 
_cell.Z_PDB              4 
_cell.pdbx_unique_axis   ? 
# 
_symmetry.entry_id                         1O42 
_symmetry.space_group_name_H-M             'P 21 21 21' 
_symmetry.pdbx_full_space_group_name_H-M   ? 
_symmetry.cell_setting                     ? 
_symmetry.Int_Tables_number                19 
# 
loop_
_entity.id 
_entity.type 
_entity.src_method 
_entity.pdbx_description 
_entity.formula_weight 
_entity.pdbx_number_of_molecules 
_entity.pdbx_ec 
_entity.pdbx_mutation 
_entity.pdbx_fragment 
_entity.details 
1 polymer     man 'PROTO-ONCOGENE TYROSINE-PROTEIN KINASE SRC'                                         12374.964 1   2.7.1.112 ? 
'SH2 DOMAIN' ? 
2 non-polymer syn "N-ACETYL-N-[1-(1,1'-BIPHENYL-4-YLMETHYL)-2-OXOAZEPAN-3-YL]-O-PHOSPHONOTYROSINAMIDE" 579.581   1   ?         ? ? 
? 
3 water       nat water                                                                                18.015    132 ?         ? ? 
? 
# 
_entity_name_com.entity_id   1 
_entity_name_com.name        'P60-SRC, C-SRC' 
# 
_entity_poly.entity_id                      1 
_entity_poly.type                           'polypeptide(L)' 
_entity_poly.nstd_linkage                   no 
_entity_poly.nstd_monomer                   no 
_entity_poly.pdbx_seq_one_letter_code       
;SIQAEEWYFGKITRRESERLLLNAENPRGTFLVRESETTKGAYCLSVSDFDNAKGLNVKHYKIRKLDSGGFYITSRTQFN
SLQQLVAYYSKHADGLCHRLTTVCPTSK
;
_entity_poly.pdbx_seq_one_letter_code_can   
;SIQAEEWYFGKITRRESERLLLNAENPRGTFLVRESETTKGAYCLSVSDFDNAKGLNVKHYKIRKLDSGGFYITSRTQFN
SLQQLVAYYSKHADGLCHRLTTVCPTSK
;
_entity_poly.pdbx_strand_id                 A 
_entity_poly.pdbx_target_identifier         ? 
# 
loop_
_entity_poly_seq.entity_id 
_entity_poly_seq.num 
_entity_poly_seq.mon_id 
_entity_poly_seq.hetero 
1 1   SER n 
1 2   ILE n 
1 3   GLN n 
1 4   ALA n 
1 5   GLU n 
1 6   GLU n 
1 7   TRP n 
1 8   TYR n 
1 9   PHE n 
1 10  GLY n 
1 11  LYS n 
1 12  ILE n 
1 13  THR n 
1 14  ARG n 
1 15  ARG n 
1 16  GLU n 
1 17  SER n 
1 18  GLU n 
1 19  ARG n 
1 20  LEU n 
1 21  LEU n 
1 22  LEU n 
1 23  ASN n 
1 24  ALA n 
1 25  GLU n 
1 26  ASN n 
1 27  PRO n 
1 28  ARG n 
1 29  GLY n 
1 30  THR n 
1 31  PHE n 
1 32  LEU n 
1 33  VAL n 
1 34  ARG n 
1 35  GLU n 
1 36  SER n 
1 37  GLU n 
1 38  THR n 
1 39  THR n 
1 40  LYS n 
1 41  GLY n 
1 42  ALA n 
1 43  TYR n 
1 44  CYS n 
1 45  LEU n 
1 46  SER n 
1 47  VAL n 
1 48  SER n 
1 49  ASP n 
1 50  PHE n 
1 51  ASP n 
1 52  ASN n 
1 53  ALA n 
1 54  LYS n 
1 55  GLY n 
1 56  LEU n 
1 57  ASN n 
1 58  VAL n 
1 59  LYS n 
1 60  HIS n 
1 61  TYR n 
1 62  LYS n 
1 63  ILE n 
1 64  ARG n 
1 65  LYS n 
1 66  LEU n 
1 67  ASP n 
1 68  SER n 
1 69  GLY n 
1 70  GLY n 
1 71  PHE n 
1 72  TYR n 
1 73  ILE n 
1 74  THR n 
1 75  SER n 
1 76  ARG n 
1 77  THR n 
1 78  GLN n 
1 79  PHE n 
1 80  ASN n 
1 81  SER n 
1 82  LEU n 
1 83  GLN n 
1 84  GLN n 
1 85  LEU n 
1 86  VAL n 
1 87  ALA n 
1 88  TYR n 
1 89  TYR n 
1 90  SER n 
1 91  LYS n 
1 92  HIS n 
1 93  ALA n 
1 94  ASP n 
1 95  GLY n 
1 96  LEU n 
1 97  CYS n 
1 98  HIS n 
1 99  ARG n 
1 100 LEU n 
1 101 THR n 
1 102 THR n 
1 103 VAL n 
1 104 CYS n 
1 105 PRO n 
1 106 THR n 
1 107 SER n 
1 108 LYS n 
# 
_entity_src_gen.entity_id                          1 
_entity_src_gen.pdbx_src_id                        1 
_entity_src_gen.pdbx_alt_source_flag               sample 
_entity_src_gen.pdbx_seq_type                      ? 
_entity_src_gen.pdbx_beg_seq_num                   ? 
_entity_src_gen.pdbx_end_seq_num                   ? 
_entity_src_gen.gene_src_common_name               human 
_entity_src_gen.gene_src_genus                     Homo 
_entity_src_gen.pdbx_gene_src_gene                 SRC 
_entity_src_gen.gene_src_species                   ? 
_entity_src_gen.gene_src_strain                    ? 
_entity_src_gen.gene_src_tissue                    ? 
_entity_src_gen.gene_src_tissue_fraction           ? 
_entity_src_gen.gene_src_details                   ? 
_entity_src_gen.pdbx_gene_src_fragment             ? 
_entity_src_gen.pdbx_gene_src_scientific_name      'Homo sapiens' 
_entity_src_gen.pdbx_gene_src_ncbi_taxonomy_id     9606 
_entity_src_gen.pdbx_gene_src_variant              ? 
_entity_src_gen.pdbx_gene_src_cell_line            ? 
_entity_src_gen.pdbx_gene_src_atcc                 ? 
_entity_src_gen.pdbx_gene_src_organ                ? 
_entity_src_gen.pdbx_gene_src_organelle            ? 
_entity_src_gen.pdbx_gene_src_cell                 ? 
_entity_src_gen.pdbx_gene_src_cellular_location    ? 
_entity_src_gen.host_org_common_name               ? 
_entity_src_gen.pdbx_host_org_scientific_name      'Escherichia coli' 
_entity_src_gen.pdbx_host_org_ncbi_taxonomy_id     562 
_entity_src_gen.host_org_genus                     Escherichia 
_entity_src_gen.pdbx_host_org_gene                 ? 
_entity_src_gen.pdbx_host_org_organ                ? 
_entity_src_gen.host_org_species                   ? 
_entity_src_gen.pdbx_host_org_tissue               ? 
_entity_src_gen.pdbx_host_org_tissue_fraction      ? 
_entity_src_gen.pdbx_host_org_strain               ? 
_entity_src_gen.pdbx_host_org_variant              ? 
_entity_src_gen.pdbx_host_org_cell_line            ? 
_entity_src_gen.pdbx_host_org_atcc                 ? 
_entity_src_gen.pdbx_host_org_culture_collection   ? 
_entity_src_gen.pdbx_host_org_cell                 ? 
_entity_src_gen.pdbx_host_org_organelle            ? 
_entity_src_gen.pdbx_host_org_cellular_location    ? 
_entity_src_gen.pdbx_host_org_vector_type          ? 
_entity_src_gen.pdbx_host_org_vector               ? 
_entity_src_gen.host_org_details                   ? 
_entity_src_gen.expression_system_id               ? 
_entity_src_gen.plasmid_name                       'BL21 (DE3)' 
_entity_src_gen.plasmid_details                    ? 
_entity_src_gen.pdbx_description                   ? 
# 
_struct_ref.id                         1 
_struct_ref.db_name                    UNP 
_struct_ref.db_code                    SRC_HUMAN 
_struct_ref.pdbx_db_accession          P12931 
_struct_ref.entity_id                  1 
_struct_ref.pdbx_seq_one_letter_code   
;SIQAEEWYFGKITRRESERLLLNAENPRGTFLVRESETTKGAYCLSVSDFDNAKGLNVKHYKIRKLDSGGFYITSRTQFN
SLQQLVAYYSKHADGLCHRLTTVCPTSK
;
_struct_ref.pdbx_align_begin           144 
_struct_ref.pdbx_db_isoform            ? 
# 
_struct_ref_seq.align_id                      1 
_struct_ref_seq.ref_id                        1 
_struct_ref_seq.pdbx_PDB_id_code              1O42 
_struct_ref_seq.pdbx_strand_id                A 
_struct_ref_seq.seq_align_beg                 1 
_struct_ref_seq.pdbx_seq_align_beg_ins_code   ? 
_struct_ref_seq.seq_align_end                 108 
_struct_ref_seq.pdbx_seq_align_end_ins_code   ? 
_struct_ref_seq.pdbx_db_accession             P12931 
_struct_ref_seq.db_align_beg                  144 
_struct_ref_seq.pdbx_db_align_beg_ins_code    ? 
_struct_ref_seq.db_align_end                  251 
_struct_ref_seq.pdbx_db_align_end_ins_code    ? 
_struct_ref_seq.pdbx_auth_seq_align_beg       1 
_struct_ref_seq.pdbx_auth_seq_align_end       108 
# 
loop_
_chem_comp.id 
_chem_comp.type 
_chem_comp.mon_nstd_flag 
_chem_comp.name 
_chem_comp.pdbx_synonyms 
_chem_comp.formula 
_chem_comp.formula_weight 
843 non-polymer         . "N-ACETYL-N-[1-(1,1'-BIPHENYL-4-YLMETHYL)-2-OXOAZEPAN-3-YL]-O-PHOSPHONOTYROSINAMIDE" RU81843 
'C30 H34 N3 O7 P' 579.581 
ALA 'L-peptide linking' y ALANINE                                                                              ?       
'C3 H7 N O2'      89.093  
ARG 'L-peptide linking' y ARGININE                                                                             ?       
'C6 H15 N4 O2 1'  175.209 
ASN 'L-peptide linking' y ASPARAGINE                                                                           ?       
'C4 H8 N2 O3'     132.118 
ASP 'L-peptide linking' y 'ASPARTIC ACID'                                                                      ?       
'C4 H7 N O4'      133.103 
CYS 'L-peptide linking' y CYSTEINE                                                                             ?       
'C3 H7 N O2 S'    121.158 
GLN 'L-peptide linking' y GLUTAMINE                                                                            ?       
'C5 H10 N2 O3'    146.144 
GLU 'L-peptide linking' y 'GLUTAMIC ACID'                                                                      ?       
'C5 H9 N O4'      147.129 
GLY 'peptide linking'   y GLYCINE                                                                              ?       
'C2 H5 N O2'      75.067  
HIS 'L-peptide linking' y HISTIDINE                                                                            ?       
'C6 H10 N3 O2 1'  156.162 
HOH non-polymer         . WATER                                                                                ?       'H2 O' 
18.015  
ILE 'L-peptide linking' y ISOLEUCINE                                                                           ?       
'C6 H13 N O2'     131.173 
LEU 'L-peptide linking' y LEUCINE                                                                              ?       
'C6 H13 N O2'     131.173 
LYS 'L-peptide linking' y LYSINE                                                                               ?       
'C6 H15 N2 O2 1'  147.195 
PHE 'L-peptide linking' y PHENYLALANINE                                                                        ?       
'C9 H11 N O2'     165.189 
PRO 'L-peptide linking' y PROLINE                                                                              ?       
'C5 H9 N O2'      115.130 
SER 'L-peptide linking' y SERINE                                                                               ?       
'C3 H7 N O3'      105.093 
THR 'L-peptide linking' y THREONINE                                                                            ?       
'C4 H9 N O3'      119.119 
TRP 'L-peptide linking' y TRYPTOPHAN                                                                           ?       
'C11 H12 N2 O2'   204.225 
TYR 'L-peptide linking' y TYROSINE                                                                             ?       
'C9 H11 N O3'     181.189 
VAL 'L-peptide linking' y VALINE                                                                               ?       
'C5 H11 N O2'     117.146 
# 
_exptl.entry_id          1O42 
_exptl.method            'X-RAY DIFFRACTION' 
_exptl.crystals_number   1 
# 
_exptl_crystal.id                    1 
_exptl_crystal.density_meas          ? 
_exptl_crystal.density_Matthews      2.2 
_exptl_crystal.density_percent_sol   41.9 
_exptl_crystal.description           ? 
# 
_exptl_crystal_grow.crystal_id      1 
_exptl_crystal_grow.method          ? 
_exptl_crystal_grow.temp            ? 
_exptl_crystal_grow.temp_details    ? 
_exptl_crystal_grow.pH              5.50 
_exptl_crystal_grow.pdbx_pH_range   ? 
_exptl_crystal_grow.pdbx_details    'pH 5.50' 
# 
_diffrn.id                     1 
_diffrn.ambient_temp           100.0 
_diffrn.ambient_temp_details   ? 
_diffrn.crystal_id             1 
# 
_diffrn_detector.diffrn_id              1 
_diffrn_detector.detector               'IMAGE PLATE' 
_diffrn_detector.type                   'MAR scanner 345 mm plate' 
_diffrn_detector.pdbx_collection_date   1999-03-01 
_diffrn_detector.details                ? 
# 
_diffrn_radiation.diffrn_id                        1 
_diffrn_radiation.wavelength_id                    1 
_diffrn_radiation.pdbx_monochromatic_or_laue_m_l   M 
_diffrn_radiation.monochromator                    GRAPHITE 
_diffrn_radiation.pdbx_diffrn_protocol             'SINGLE WAVELENGTH' 
_diffrn_radiation.pdbx_scattering_type             x-ray 
# 
_diffrn_radiation_wavelength.id           1 
_diffrn_radiation_wavelength.wavelength   1.5418 
_diffrn_radiation_wavelength.wt           1.0 
# 
_diffrn_source.diffrn_id                   1 
_diffrn_source.source                      'ROTATING ANODE' 
_diffrn_source.type                        'ELLIOTT GX-21' 
_diffrn_source.pdbx_synchrotron_site       ? 
_diffrn_source.pdbx_synchrotron_beamline   ? 
_diffrn_source.pdbx_wavelength             1.5418 
_diffrn_source.pdbx_wavelength_list        ? 
# 
_reflns.entry_id                     1O42 
_reflns.observed_criterion_sigma_I   -3.000 
_reflns.observed_criterion_sigma_F   ? 
_reflns.d_resolution_low             40.000 
_reflns.d_resolution_high            1.70 
_reflns.number_obs                   11617 
_reflns.number_all                   ? 
_reflns.percent_possible_obs         98.8 
_reflns.pdbx_Rmerge_I_obs            0.068 
_reflns.pdbx_Rsym_value              ? 
_reflns.pdbx_netI_over_sigmaI        16 
_reflns.B_iso_Wilson_estimate        ? 
_reflns.pdbx_redundancy              ? 
_reflns.pdbx_diffrn_id               1 
_reflns.pdbx_ordinal                 1 
# 
_reflns_shell.d_res_high             1.70 
_reflns_shell.d_res_low              1.80 
_reflns_shell.percent_possible_all   99.4 
_reflns_shell.Rmerge_I_obs           0.243 
_reflns_shell.pdbx_Rsym_value        ? 
_reflns_shell.meanI_over_sigI_obs    5 
_reflns_shell.pdbx_redundancy        ? 
_reflns_shell.pdbx_diffrn_id         ? 
_reflns_shell.pdbx_ordinal           1 
# 
_refine.entry_id                                 1O42 
_refine.ls_number_reflns_obs                     11617 
_refine.ls_number_reflns_all                     ? 
_refine.pdbx_ls_sigma_I                          ? 
_refine.pdbx_ls_sigma_F                          ? 
_refine.pdbx_data_cutoff_high_absF               1000000.000 
_refine.pdbx_data_cutoff_low_absF                0.1000 
_refine.pdbx_data_cutoff_high_rms_absF           ? 
_refine.ls_d_res_low                             8.00 
_refine.ls_d_res_high                            1.70 
_refine.ls_percent_reflns_obs                    98.8 
_refine.ls_R_factor_obs                          0.192 
_refine.ls_R_factor_all                          ? 
_refine.ls_R_factor_R_work                       0.192 
_refine.ls_R_factor_R_free                       ? 
_refine.ls_R_factor_R_free_error                 ? 
_refine.ls_R_factor_R_free_error_details         ? 
_refine.ls_percent_reflns_R_free                 ? 
_refine.ls_number_reflns_R_free                  ? 
_refine.ls_number_parameters                     ? 
_refine.ls_number_restraints                     ? 
_refine.occupancy_min                            ? 
_refine.occupancy_max                            ? 
_refine.correlation_coeff_Fo_to_Fc               ? 
_refine.correlation_coeff_Fo_to_Fc_free          ? 
_refine.B_iso_mean                               31.9 
_refine.aniso_B[1][1]                            ? 
_refine.aniso_B[2][2]                            ? 
_refine.aniso_B[3][3]                            ? 
_refine.aniso_B[1][2]                            ? 
_refine.aniso_B[1][3]                            ? 
_refine.aniso_B[2][3]                            ? 
_refine.solvent_model_details                    ? 
_refine.solvent_model_param_ksol                 ? 
_refine.solvent_model_param_bsol                 ? 
_refine.pdbx_solvent_vdw_probe_radii             ? 
_refine.pdbx_solvent_ion_probe_radii             ? 
_refine.pdbx_solvent_shrinkage_radii             ? 
_refine.pdbx_ls_cross_valid_method               ? 
_refine.details                                  ? 
_refine.pdbx_starting_model                      1SHD 
_refine.pdbx_method_to_determine_struct          MR 
_refine.pdbx_isotropic_thermal_model             ? 
_refine.pdbx_stereochemistry_target_values       ? 
_refine.pdbx_stereochem_target_val_spec_case     ? 
_refine.pdbx_R_Free_selection_details            ? 
_refine.pdbx_overall_ESU_R                       ? 
_refine.pdbx_overall_ESU_R_Free                  ? 
_refine.overall_SU_ML                            ? 
_refine.overall_SU_B                             ? 
_refine.pdbx_refine_id                           'X-RAY DIFFRACTION' 
_refine.pdbx_diffrn_id                           1 
_refine.pdbx_TLS_residual_ADP_flag               ? 
_refine.pdbx_overall_phase_error                 ? 
_refine.overall_SU_R_Cruickshank_DPI             ? 
_refine.pdbx_overall_SU_R_free_Cruickshank_DPI   ? 
_refine.pdbx_overall_SU_R_Blow_DPI               ? 
_refine.pdbx_overall_SU_R_free_Blow_DPI          ? 
# 
_refine_hist.pdbx_refine_id                   'X-RAY DIFFRACTION' 
_refine_hist.cycle_id                         LAST 
_refine_hist.pdbx_number_atoms_protein        856 
_refine_hist.pdbx_number_atoms_nucleic_acid   0 
_refine_hist.pdbx_number_atoms_ligand         41 
_refine_hist.number_atoms_solvent             132 
_refine_hist.number_atoms_total               1029 
_refine_hist.d_res_high                       1.70 
_refine_hist.d_res_low                        8.00 
# 
loop_
_refine_ls_restr.type 
_refine_ls_restr.dev_ideal 
_refine_ls_restr.dev_ideal_target 
_refine_ls_restr.weight 
_refine_ls_restr.number 
_refine_ls_restr.pdbx_refine_id 
_refine_ls_restr.pdbx_restraint_function 
x_bond_d                0.011 ? ? ? 'X-RAY DIFFRACTION' ? 
x_bond_d_na             ?     ? ? ? 'X-RAY DIFFRACTION' ? 
x_bond_d_prot           ?     ? ? ? 'X-RAY DIFFRACTION' ? 
x_angle_d               ?     ? ? ? 'X-RAY DIFFRACTION' ? 
x_angle_d_na            ?     ? ? ? 'X-RAY DIFFRACTION' ? 
x_angle_d_prot          ?     ? ? ? 'X-RAY DIFFRACTION' ? 
x_angle_deg             1.42  ? ? ? 'X-RAY DIFFRACTION' ? 
x_angle_deg_na          ?     ? ? ? 'X-RAY DIFFRACTION' ? 
x_angle_deg_prot        ?     ? ? ? 'X-RAY DIFFRACTION' ? 
x_dihedral_angle_d      ?     ? ? ? 'X-RAY DIFFRACTION' ? 
x_dihedral_angle_d_na   ?     ? ? ? 'X-RAY DIFFRACTION' ? 
x_dihedral_angle_d_prot ?     ? ? ? 'X-RAY DIFFRACTION' ? 
x_improper_angle_d      ?     ? ? ? 'X-RAY DIFFRACTION' ? 
x_improper_angle_d_na   ?     ? ? ? 'X-RAY DIFFRACTION' ? 
x_improper_angle_d_prot ?     ? ? ? 'X-RAY DIFFRACTION' ? 
x_mcbond_it             ?     ? ? ? 'X-RAY DIFFRACTION' ? 
x_mcangle_it            ?     ? ? ? 'X-RAY DIFFRACTION' ? 
x_scbond_it             ?     ? ? ? 'X-RAY DIFFRACTION' ? 
x_scangle_it            ?     ? ? ? 'X-RAY DIFFRACTION' ? 
# 
_struct.entry_id                  1O42 
_struct.title                     'CRYSTAL STRUCTURE OF SH2 IN COMPLEX WITH RU81843.' 
_struct.pdbx_model_details        ? 
_struct.pdbx_CASP_flag            ? 
_struct.pdbx_model_type_details   ? 
# 
_struct_keywords.entry_id        1O42 
_struct_keywords.pdbx_keywords   'SIGNALING PROTEIN' 
_struct_keywords.text            'SH2 DOMAIN FRAGMENT APPROACH, SIGNALING PROTEIN' 
# 
loop_
_struct_asym.id 
_struct_asym.pdbx_blank_PDB_chainid_flag 
_struct_asym.pdbx_modified 
_struct_asym.entity_id 
_struct_asym.details 
A N N 1 ? 
B N N 2 ? 
C N N 3 ? 
# 
_struct_biol.id   1 
# 
loop_
_struct_conf.conf_type_id 
_struct_conf.id 
_struct_conf.pdbx_PDB_helix_id 
_struct_conf.beg_label_comp_id 
_struct_conf.beg_label_asym_id 
_struct_conf.beg_label_seq_id 
_struct_conf.pdbx_beg_PDB_ins_code 
_struct_conf.end_label_comp_id 
_struct_conf.end_label_asym_id 
_struct_conf.end_label_seq_id 
_struct_conf.pdbx_end_PDB_ins_code 
_struct_conf.beg_auth_comp_id 
_struct_conf.beg_auth_asym_id 
_struct_conf.beg_auth_seq_id 
_struct_conf.end_auth_comp_id 
_struct_conf.end_auth_asym_id 
_struct_conf.end_auth_seq_id 
_struct_conf.pdbx_PDB_helix_class 
_struct_conf.details 
_struct_conf.pdbx_PDB_helix_length 
HELX_P HELX_P1 1 SER A 1  ? GLU A 5  ? SER A 1  GLU A 5  5 ? 5  
HELX_P HELX_P2 2 THR A 13 ? LEU A 22 ? THR A 13 LEU A 22 1 ? 10 
HELX_P HELX_P3 3 SER A 81 ? HIS A 92 ? SER A 81 HIS A 92 1 ? 12 
# 
_struct_conf_type.id          HELX_P 
_struct_conf_type.criteria    ? 
_struct_conf_type.reference   ? 
# 
_struct_sheet.id               A 
_struct_sheet.type             ? 
_struct_sheet.number_strands   6 
_struct_sheet.details          ? 
# 
loop_
_struct_sheet_order.sheet_id 
_struct_sheet_order.range_id_1 
_struct_sheet_order.range_id_2 
_struct_sheet_order.offset 
_struct_sheet_order.sense 
A 1 2 ? parallel      
A 2 3 ? anti-parallel 
A 3 4 ? anti-parallel 
A 4 5 ? anti-parallel 
A 5 6 ? anti-parallel 
# 
loop_
_struct_sheet_range.sheet_id 
_struct_sheet_range.id 
_struct_sheet_range.beg_label_comp_id 
_struct_sheet_range.beg_label_asym_id 
_struct_sheet_range.beg_label_seq_id 
_struct_sheet_range.pdbx_beg_PDB_ins_code 
_struct_sheet_range.end_label_comp_id 
_struct_sheet_range.end_label_asym_id 
_struct_sheet_range.end_label_seq_id 
_struct_sheet_range.pdbx_end_PDB_ins_code 
_struct_sheet_range.beg_auth_comp_id 
_struct_sheet_range.beg_auth_asym_id 
_struct_sheet_range.beg_auth_seq_id 
_struct_sheet_range.end_auth_comp_id 
_struct_sheet_range.end_auth_asym_id 
_struct_sheet_range.end_auth_seq_id 
A 1 TYR A 8  ? GLY A 10 ? TYR A 8  GLY A 10 
A 2 PHE A 31 ? GLU A 35 ? PHE A 31 GLU A 35 
A 3 TYR A 43 ? ASP A 51 ? TYR A 43 ASP A 51 
A 4 GLY A 55 ? LYS A 65 ? GLY A 55 LYS A 65 
A 5 PHE A 71 ? TYR A 72 ? PHE A 71 TYR A 72 
A 6 GLN A 78 ? PHE A 79 ? GLN A 78 PHE A 79 
# 
loop_
_pdbx_struct_sheet_hbond.sheet_id 
_pdbx_struct_sheet_hbond.range_id_1 
_pdbx_struct_sheet_hbond.range_id_2 
_pdbx_struct_sheet_hbond.range_1_label_atom_id 
_pdbx_struct_sheet_hbond.range_1_label_comp_id 
_pdbx_struct_sheet_hbond.range_1_label_asym_id 
_pdbx_struct_sheet_hbond.range_1_label_seq_id 
_pdbx_struct_sheet_hbond.range_1_PDB_ins_code 
_pdbx_struct_sheet_hbond.range_1_auth_atom_id 
_pdbx_struct_sheet_hbond.range_1_auth_comp_id 
_pdbx_struct_sheet_hbond.range_1_auth_asym_id 
_pdbx_struct_sheet_hbond.range_1_auth_seq_id 
_pdbx_struct_sheet_hbond.range_2_label_atom_id 
_pdbx_struct_sheet_hbond.range_2_label_comp_id 
_pdbx_struct_sheet_hbond.range_2_label_asym_id 
_pdbx_struct_sheet_hbond.range_2_label_seq_id 
_pdbx_struct_sheet_hbond.range_2_PDB_ins_code 
_pdbx_struct_sheet_hbond.range_2_auth_atom_id 
_pdbx_struct_sheet_hbond.range_2_auth_comp_id 
_pdbx_struct_sheet_hbond.range_2_auth_asym_id 
_pdbx_struct_sheet_hbond.range_2_auth_seq_id 
A 1 2 N GLY A 10 ? N GLY A 10 O GLU A 35 ? O GLU A 35 
A 2 3 N ARG A 34 ? N ARG A 34 O CYS A 44 ? O CYS A 44 
A 3 4 N VAL A 47 ? N VAL A 47 O LYS A 59 ? O LYS A 59 
A 4 5 N ARG A 64 ? N ARG A 64 O TYR A 72 ? O TYR A 72 
A 5 6 N PHE A 71 ? N PHE A 71 O PHE A 79 ? O PHE A 79 
# 
_struct_site.id                   AC1 
_struct_site.pdbx_evidence_code   Software 
_struct_site.pdbx_auth_asym_id    A 
_struct_site.pdbx_auth_comp_id    843 
_struct_site.pdbx_auth_seq_id     300 
_struct_site.pdbx_auth_ins_code   ? 
_struct_site.pdbx_num_residues    18 
_struct_site.details              'BINDING SITE FOR RESIDUE 843 A 300' 
# 
loop_
_struct_site_gen.id 
_struct_site_gen.site_id 
_struct_site_gen.pdbx_num_res 
_struct_site_gen.label_comp_id 
_struct_site_gen.label_asym_id 
_struct_site_gen.label_seq_id 
_struct_site_gen.pdbx_auth_ins_code 
_struct_site_gen.auth_comp_id 
_struct_site_gen.auth_asym_id 
_struct_site_gen.auth_seq_id 
_struct_site_gen.label_atom_id 
_struct_site_gen.label_alt_id 
_struct_site_gen.symmetry 
_struct_site_gen.details 
1  AC1 18 ARG A 14  ? ARG A 14  . ? 1_555 ? 
2  AC1 18 ARG A 34  ? ARG A 34  . ? 1_555 ? 
3  AC1 18 SER A 36  ? SER A 36  . ? 1_555 ? 
4  AC1 18 GLU A 37  ? GLU A 37  . ? 1_555 ? 
5  AC1 18 THR A 38  ? THR A 38  . ? 1_555 ? 
6  AC1 18 CYS A 44  ? CYS A 44  . ? 1_555 ? 
7  AC1 18 HIS A 60  ? HIS A 60  . ? 1_555 ? 
8  AC1 18 TYR A 61  ? TYR A 61  . ? 1_555 ? 
9  AC1 18 LYS A 62  ? LYS A 62  . ? 1_555 ? 
10 AC1 18 GLY A 95  ? GLY A 95  . ? 1_555 ? 
11 AC1 18 VAL A 103 ? VAL A 103 . ? 1_655 ? 
12 AC1 18 PRO A 105 ? PRO A 105 . ? 1_655 ? 
13 AC1 18 THR A 106 ? THR A 106 . ? 1_655 ? 
14 AC1 18 HOH C .   ? HOH A 336 . ? 1_655 ? 
15 AC1 18 HOH C .   ? HOH A 374 . ? 1_555 ? 
16 AC1 18 HOH C .   ? HOH A 384 . ? 1_555 ? 
17 AC1 18 HOH C .   ? HOH A 407 . ? 1_555 ? 
18 AC1 18 HOH C .   ? HOH A 421 . ? 1_555 ? 
# 
_atom_sites.entry_id                    1O42 
_atom_sites.fract_transf_matrix[1][1]   -0.02363605 
_atom_sites.fract_transf_matrix[1][2]   -0.02707531 
_atom_sites.fract_transf_matrix[1][3]   -0.01125570 
_atom_sites.fract_transf_matrix[2][1]   0.01297698 
_atom_sites.fract_transf_matrix[2][2]   -0.00851194 
_atom_sites.fract_transf_matrix[2][3]   -0.00677533 
_atom_sites.fract_transf_matrix[3][1]   0.00212369 
_atom_sites.fract_transf_matrix[3][2]   -0.00742030 
_atom_sites.fract_transf_matrix[3][3]   0.01338978 
_atom_sites.fract_transf_vector[1]      0.392919 
_atom_sites.fract_transf_vector[2]      0.327336 
_atom_sites.fract_transf_vector[3]      0.314267 
# 
loop_
_atom_type.symbol 
C 
N 
O 
P 
S 
# 
loop_
_atom_site.group_PDB 
_atom_site.id 
_atom_site.type_symbol 
_atom_site.label_atom_id 
_atom_site.label_alt_id 
_atom_site.label_comp_id 
_atom_site.label_asym_id 
_atom_site.label_entity_id 
_atom_site.label_seq_id 
_atom_site.pdbx_PDB_ins_code 
_atom_site.Cartn_x 
_atom_site.Cartn_y 
_atom_site.Cartn_z 
_atom_site.occupancy 
_atom_site.B_iso_or_equiv 
_atom_site.pdbx_formal_charge 
_atom_site.auth_seq_id 
_atom_site.auth_comp_id 
_atom_site.auth_asym_id 
_atom_site.auth_atom_id 
_atom_site.pdbx_PDB_model_num 
ATOM   1    N N   . SER A 1 1   ? -0.653  15.183  -8.055  1.00 52.20 ? 1   SER A N   1 
ATOM   2    C CA  . SER A 1 1   ? 0.373   14.249  -8.622  1.00 51.36 ? 1   SER A CA  1 
ATOM   3    C C   . SER A 1 1   ? 0.772   13.207  -7.587  1.00 49.97 ? 1   SER A C   1 
ATOM   4    O O   . SER A 1 1   ? 1.254   13.554  -6.501  1.00 50.05 ? 1   SER A O   1 
ATOM   5    C CB  . SER A 1 1   ? 1.647   15.025  -9.090  1.00 52.02 ? 1   SER A CB  1 
ATOM   6    O OG  . SER A 1 1   ? 2.534   14.180  -9.825  1.00 53.75 ? 1   SER A OG  1 
ATOM   7    N N   . ILE A 1 2   ? 0.590   11.934  -7.939  1.00 48.00 ? 2   ILE A N   1 
ATOM   8    C CA  . ILE A 1 2   ? 0.940   10.845  -7.037  1.00 45.71 ? 2   ILE A CA  1 
ATOM   9    C C   . ILE A 1 2   ? 2.449   10.761  -6.889  1.00 43.52 ? 2   ILE A C   1 
ATOM   10   O O   . ILE A 1 2   ? 2.972   10.326  -5.900  1.00 43.36 ? 2   ILE A O   1 
ATOM   11   C CB  . ILE A 1 2   ? 0.375   9.480   -7.511  1.00 45.87 ? 2   ILE A CB  1 
ATOM   12   C CG1 . ILE A 1 2   ? 1.043   9.043   -8.789  1.00 45.82 ? 2   ILE A CG1 1 
ATOM   13   C CG2 . ILE A 1 2   ? -1.139  9.578   -7.679  1.00 45.33 ? 2   ILE A CG2 1 
ATOM   14   C CD1 . ILE A 1 2   ? 0.656   7.662   -9.220  1.00 47.57 ? 2   ILE A CD1 1 
ATOM   15   N N   . GLN A 1 3   ? 3.156   11.248  -7.890  1.00 41.53 ? 3   GLN A N   1 
ATOM   16   C CA  . GLN A 1 3   ? 4.602   11.204  -7.820  1.00 40.43 ? 3   GLN A CA  1 
ATOM   17   C C   . GLN A 1 3   ? 5.071   12.249  -6.818  1.00 37.86 ? 3   GLN A C   1 
ATOM   18   O O   . GLN A 1 3   ? 6.174   12.225  -6.359  1.00 37.94 ? 3   GLN A O   1 
ATOM   19   C CB  . GLN A 1 3   ? 5.192   11.395  -9.212  1.00 42.86 ? 3   GLN A CB  1 
ATOM   20   C CG  . GLN A 1 3   ? 4.392   10.533  -10.275 1.00 47.14 ? 3   GLN A CG  1 
ATOM   21   C CD  . GLN A 1 3   ? 5.239   9.989   -11.404 1.00 49.01 ? 3   GLN A CD  1 
ATOM   22   O OE1 . GLN A 1 3   ? 5.476   8.771   -11.499 1.00 49.11 ? 3   GLN A OE1 1 
ATOM   23   N NE2 . GLN A 1 3   ? 5.671   10.879  -12.295 1.00 50.83 ? 3   GLN A NE2 1 
ATOM   24   N N   . ALA A 1 4   ? 4.158   13.142  -6.452  1.00 35.10 ? 4   ALA A N   1 
ATOM   25   C CA  . ALA A 1 4   ? 4.428   14.204  -5.476  1.00 32.42 ? 4   ALA A CA  1 
ATOM   26   C C   . ALA A 1 4   ? 4.267   13.660  -4.041  1.00 29.59 ? 4   ALA A C   1 
ATOM   27   O O   . ALA A 1 4   ? 4.804   14.196  -3.064  1.00 29.67 ? 4   ALA A O   1 
ATOM   28   C CB  . ALA A 1 4   ? 3.459   15.379  -5.703  1.00 32.06 ? 4   ALA A CB  1 
ATOM   29   N N   . GLU A 1 5   ? 3.559   12.544  -3.934  1.00 25.32 ? 5   GLU A N   1 
ATOM   30   C CA  . GLU A 1 5   ? 3.284   11.920  -2.657  1.00 21.59 ? 5   GLU A CA  1 
ATOM   31   C C   . GLU A 1 5   ? 4.508   11.206  -2.089  1.00 18.76 ? 5   GLU A C   1 
ATOM   32   O O   . GLU A 1 5   ? 5.175   10.407  -2.763  1.00 16.22 ? 5   GLU A O   1 
ATOM   33   C CB  . GLU A 1 5   ? 2.148   10.973  -2.840  1.00 22.69 ? 5   GLU A CB  1 
ATOM   34   C CG  . GLU A 1 5   ? 0.923   11.654  -3.466  1.00 25.74 ? 5   GLU A CG  1 
ATOM   35   C CD  . GLU A 1 5   ? 0.422   12.814  -2.616  1.00 28.21 ? 5   GLU A CD  1 
ATOM   36   O OE1 . GLU A 1 5   ? 0.061   13.862  -3.185  1.00 30.61 ? 5   GLU A OE1 1 
ATOM   37   O OE2 . GLU A 1 5   ? 0.374   12.678  -1.375  1.00 28.03 ? 5   GLU A OE2 1 
ATOM   38   N N   . GLU A 1 6   ? 4.813   11.497  -0.827  1.00 15.64 ? 6   GLU A N   1 
ATOM   39   C CA  . GLU A 1 6   ? 5.981   10.882  -0.165  1.00 14.47 ? 6   GLU A CA  1 
ATOM   40   C C   . GLU A 1 6   ? 5.887   9.354   -0.030  1.00 13.33 ? 6   GLU A C   1 
ATOM   41   O O   . GLU A 1 6   ? 6.927   8.697   0.117   1.00 12.84 ? 6   GLU A O   1 
ATOM   42   C CB  . GLU A 1 6   ? 6.270   11.533  1.291   1.00 13.89 ? 6   GLU A CB  1 
ATOM   43   C CG  . GLU A 1 6   ? 5.261   11.211  2.340   1.00 12.67 ? 6   GLU A CG  1 
ATOM   44   C CD  . GLU A 1 6   ? 4.048   12.111  2.326   1.00 10.78 ? 6   GLU A CD  1 
ATOM   45   O OE1 . GLU A 1 6   ? 3.239   12.001  3.253   1.00 12.37 ? 6   GLU A OE1 1 
ATOM   46   O OE2 . GLU A 1 6   ? 3.880   12.917  1.399   1.00 10.08 ? 6   GLU A OE2 1 
ATOM   47   N N   . TRP A 1 7   ? 4.669   8.823   0.048   1.00 11.53 ? 7   TRP A N   1 
ATOM   48   C CA  . TRP A 1 7   ? 4.469   7.375   0.138   1.00 12.34 ? 7   TRP A CA  1 
ATOM   49   C C   . TRP A 1 7   ? 4.467   6.708   -1.239  1.00 12.87 ? 7   TRP A C   1 
ATOM   50   O O   . TRP A 1 7   ? 4.339   5.481   -1.297  1.00 11.92 ? 7   TRP A O   1 
ATOM   51   C CB  . TRP A 1 7   ? 3.144   7.028   0.869   1.00 12.45 ? 7   TRP A CB  1 
ATOM   52   C CG  . TRP A 1 7   ? 1.984   7.933   0.565   1.00 11.92 ? 7   TRP A CG  1 
ATOM   53   C CD1 . TRP A 1 7   ? 1.518   8.957   1.350   1.00 13.57 ? 7   TRP A CD1 1 
ATOM   54   C CD2 . TRP A 1 7   ? 1.132   7.896   -0.584  1.00 12.88 ? 7   TRP A CD2 1 
ATOM   55   N NE1 . TRP A 1 7   ? 0.434   9.559   0.763   1.00 12.84 ? 7   TRP A NE1 1 
ATOM   56   C CE2 . TRP A 1 7   ? 0.174   8.926   -0.433  1.00 14.28 ? 7   TRP A CE2 1 
ATOM   57   C CE3 . TRP A 1 7   ? 1.082   7.100   -1.742  1.00 12.61 ? 7   TRP A CE3 1 
ATOM   58   C CZ2 . TRP A 1 7   ? -0.815  9.180   -1.397  1.00 14.98 ? 7   TRP A CZ2 1 
ATOM   59   C CZ3 . TRP A 1 7   ? 0.118   7.350   -2.686  1.00 11.73 ? 7   TRP A CZ3 1 
ATOM   60   C CH2 . TRP A 1 7   ? -0.816  8.373   -2.519  1.00 14.41 ? 7   TRP A CH2 1 
ATOM   61   N N   . TYR A 1 8   ? 4.560   7.488   -2.323  1.00 12.70 ? 8   TYR A N   1 
ATOM   62   C CA  . TYR A 1 8   ? 4.569   6.891   -3.653  1.00 12.92 ? 8   TYR A CA  1 
ATOM   63   C C   . TYR A 1 8   ? 6.011   6.587   -4.043  1.00 13.00 ? 8   TYR A C   1 
ATOM   64   O O   . TYR A 1 8   ? 6.781   7.516   -4.340  1.00 14.41 ? 8   TYR A O   1 
ATOM   65   C CB  . TYR A 1 8   ? 3.931   7.794   -4.676  1.00 13.83 ? 8   TYR A CB  1 
ATOM   66   C CG  . TYR A 1 8   ? 3.785   7.090   -6.019  1.00 16.57 ? 8   TYR A CG  1 
ATOM   67   C CD1 . TYR A 1 8   ? 2.893   6.018   -6.166  1.00 17.56 ? 8   TYR A CD1 1 
ATOM   68   C CD2 . TYR A 1 8   ? 4.631   7.399   -7.100  1.00 17.50 ? 8   TYR A CD2 1 
ATOM   69   C CE1 . TYR A 1 8   ? 2.863   5.253   -7.361  1.00 18.78 ? 8   TYR A CE1 1 
ATOM   70   C CE2 . TYR A 1 8   ? 4.604   6.644   -8.293  1.00 17.92 ? 8   TYR A CE2 1 
ATOM   71   C CZ  . TYR A 1 8   ? 3.721   5.579   -8.406  1.00 18.52 ? 8   TYR A CZ  1 
ATOM   72   O OH  . TYR A 1 8   ? 3.668   4.841   -9.561  1.00 21.24 ? 8   TYR A OH  1 
ATOM   73   N N   . PHE A 1 9   ? 6.380   5.308   -4.052  1.00 12.71 ? 9   PHE A N   1 
ATOM   74   C CA  . PHE A 1 9   ? 7.765   4.895   -4.376  1.00 13.50 ? 9   PHE A CA  1 
ATOM   75   C C   . PHE A 1 9   ? 8.018   4.555   -5.836  1.00 14.21 ? 9   PHE A C   1 
ATOM   76   O O   . PHE A 1 9   ? 9.095   4.140   -6.208  1.00 15.17 ? 9   PHE A O   1 
ATOM   77   C CB  . PHE A 1 9   ? 8.240   3.686   -3.480  1.00 13.26 ? 9   PHE A CB  1 
ATOM   78   C CG  . PHE A 1 9   ? 8.572   4.064   -2.051  1.00 13.67 ? 9   PHE A CG  1 
ATOM   79   C CD1 . PHE A 1 9   ? 7.816   5.029   -1.361  1.00 13.27 ? 9   PHE A CD1 1 
ATOM   80   C CD2 . PHE A 1 9   ? 9.607   3.409   -1.376  1.00 14.50 ? 9   PHE A CD2 1 
ATOM   81   C CE1 . PHE A 1 9   ? 8.090   5.317   -0.015  1.00 13.80 ? 9   PHE A CE1 1 
ATOM   82   C CE2 . PHE A 1 9   ? 9.890   3.682   -0.039  1.00 14.87 ? 9   PHE A CE2 1 
ATOM   83   C CZ  . PHE A 1 9   ? 9.131   4.643   0.648   1.00 13.96 ? 9   PHE A CZ  1 
ATOM   84   N N   . GLY A 1 10  ? 6.967   4.644   -6.624  1.00 14.83 ? 10  GLY A N   1 
ATOM   85   C CA  . GLY A 1 10  ? 7.082   4.386   -8.028  1.00 16.30 ? 10  GLY A CA  1 
ATOM   86   C C   . GLY A 1 10  ? 7.486   2.992   -8.448  1.00 17.12 ? 10  GLY A C   1 
ATOM   87   O O   . GLY A 1 10  ? 6.940   2.003   -8.013  1.00 15.43 ? 10  GLY A O   1 
ATOM   88   N N   . LYS A 1 11  ? 8.480   2.956   -9.315  1.00 18.24 ? 11  LYS A N   1 
ATOM   89   C CA  . LYS A 1 11  ? 8.984   1.731   -9.906  1.00 20.55 ? 11  LYS A CA  1 
ATOM   90   C C   . LYS A 1 11  ? 10.040  0.988   -9.095  1.00 20.00 ? 11  LYS A C   1 
ATOM   91   O O   . LYS A 1 11  ? 11.242  0.973   -9.454  1.00 22.07 ? 11  LYS A O   1 
ATOM   92   C CB  . LYS A 1 11  ? 9.496   2.044   -11.357 1.00 22.61 ? 11  LYS A CB  1 
ATOM   93   C CG  . LYS A 1 11  ? 9.888   0.831   -12.164 1.00 27.90 ? 11  LYS A CG  1 
ATOM   94   C CD  . LYS A 1 11  ? 10.396  1.246   -13.577 1.00 29.92 ? 11  LYS A CD  1 
ATOM   95   C CE  . LYS A 1 11  ? 10.624  -0.011  -14.488 1.00 31.61 ? 11  LYS A CE  1 
ATOM   96   N NZ  . LYS A 1 11  ? 9.391   -0.880  -14.494 1.00 32.52 ? 11  LYS A NZ  1 
ATOM   97   N N   . ILE A 1 12  ? 9.623   0.463   -7.948  1.00 18.88 ? 12  ILE A N   1 
ATOM   98   C CA  . ILE A 1 12  ? 10.512  -0.361  -7.138  1.00 17.52 ? 12  ILE A CA  1 
ATOM   99   C C   . ILE A 1 12  ? 9.896   -1.764  -7.169  1.00 16.35 ? 12  ILE A C   1 
ATOM   100  O O   . ILE A 1 12  ? 8.675   -1.915  -7.384  1.00 15.93 ? 12  ILE A O   1 
ATOM   101  C CB  . ILE A 1 12  ? 10.694  0.125   -5.684  1.00 17.99 ? 12  ILE A CB  1 
ATOM   102  C CG1 . ILE A 1 12  ? 9.381   0.102   -4.924  1.00 17.30 ? 12  ILE A CG1 1 
ATOM   103  C CG2 . ILE A 1 12  ? 11.352  1.495   -5.679  1.00 18.61 ? 12  ILE A CG2 1 
ATOM   104  C CD1 . ILE A 1 12  ? 9.601   0.136   -3.431  1.00 18.67 ? 12  ILE A CD1 1 
ATOM   105  N N   . THR A 1 13  ? 10.744  -2.780  -7.024  1.00 15.29 ? 13  THR A N   1 
ATOM   106  C CA  . THR A 1 13  ? 10.289  -4.165  -7.070  1.00 13.96 ? 13  THR A CA  1 
ATOM   107  C C   . THR A 1 13  ? 9.581   -4.587  -5.776  1.00 13.33 ? 13  THR A C   1 
ATOM   108  O O   . THR A 1 13  ? 9.627   -3.926  -4.754  1.00 12.31 ? 13  THR A O   1 
ATOM   109  C CB  . THR A 1 13  ? 11.472  -5.145  -7.285  1.00 12.92 ? 13  THR A CB  1 
ATOM   110  O OG1 . THR A 1 13  ? 12.360  -5.056  -6.172  1.00 13.16 ? 13  THR A OG1 1 
ATOM   111  C CG2 . THR A 1 13  ? 12.243  -4.815  -8.549  1.00 14.49 ? 13  THR A CG2 1 
ATOM   112  N N   . ARG A 1 14  ? 8.909   -5.730  -5.874  1.00 13.65 ? 14  ARG A N   1 
ATOM   113  C CA  . ARG A 1 14  ? 8.240   -6.360  -4.749  1.00 14.00 ? 14  ARG A CA  1 
ATOM   114  C C   . ARG A 1 14  ? 9.313   -6.769  -3.704  1.00 14.14 ? 14  ARG A C   1 
ATOM   115  O O   . ARG A 1 14  ? 9.110   -6.498  -2.527  1.00 13.09 ? 14  ARG A O   1 
ATOM   116  C CB  . ARG A 1 14  ? 7.527   -7.537  -5.264  1.00 15.61 ? 14  ARG A CB  1 
ATOM   117  C CG  . ARG A 1 14  ? 7.030   -8.422  -4.289  1.00 19.19 ? 14  ARG A CG  1 
ATOM   118  C CD  . ARG A 1 14  ? 6.614   -9.637  -4.989  1.00 23.15 ? 14  ARG A CD  1 
ATOM   119  N NE  . ARG A 1 14  ? 5.867   -10.463 -4.090  1.00 27.66 ? 14  ARG A NE  1 
ATOM   120  C CZ  . ARG A 1 14  ? 4.548   -10.411 -3.960  1.00 30.21 ? 14  ARG A CZ  1 
ATOM   121  N NH1 . ARG A 1 14  ? 3.976   -11.196 -3.069  1.00 33.83 ? 14  ARG A NH1 1 
ATOM   122  N NH2 . ARG A 1 14  ? 3.792   -9.656  -4.759  1.00 30.33 ? 14  ARG A NH2 1 
ATOM   123  N N   . ARG A 1 15  ? 10.441  -7.358  -4.133  1.00 13.43 ? 15  ARG A N   1 
ATOM   124  C CA  . ARG A 1 15  ? 11.511  -7.742  -3.192  1.00 12.30 ? 15  ARG A CA  1 
ATOM   125  C C   . ARG A 1 15  ? 12.046  -6.498  -2.453  1.00 12.17 ? 15  ARG A C   1 
ATOM   126  O O   . ARG A 1 15  ? 12.278  -6.518  -1.264  1.00 11.46 ? 15  ARG A O   1 
ATOM   127  C CB  . ARG A 1 15  ? 12.676  -8.449  -3.940  1.00 12.17 ? 15  ARG A CB  1 
ATOM   128  C CG  . ARG A 1 15  ? 13.824  -8.812  -3.007  1.00 13.28 ? 15  ARG A CG  1 
ATOM   129  C CD  . ARG A 1 15  ? 14.946  -9.666  -3.683  1.00 15.63 ? 15  ARG A CD  1 
ATOM   130  N NE  . ARG A 1 15  ? 16.047  -9.966  -2.766  1.00 17.95 ? 15  ARG A NE  1 
ATOM   131  C CZ  . ARG A 1 15  ? 16.094  -11.008 -1.924  1.00 19.75 ? 15  ARG A CZ  1 
ATOM   132  N NH1 . ARG A 1 15  ? 15.089  -11.886 -1.855  1.00 19.74 ? 15  ARG A NH1 1 
ATOM   133  N NH2 . ARG A 1 15  ? 17.161  -11.182 -1.145  1.00 21.80 ? 15  ARG A NH2 1 
ATOM   134  N N   . GLU A 1 16  ? 12.241  -5.410  -3.183  1.00 12.21 ? 16  GLU A N   1 
ATOM   135  C CA  . GLU A 1 16  ? 12.717  -4.159  -2.600  1.00 13.06 ? 16  GLU A CA  1 
ATOM   136  C C   . GLU A 1 16  ? 11.698  -3.596  -1.595  1.00 12.37 ? 16  GLU A C   1 
ATOM   137  O O   . GLU A 1 16  ? 12.107  -3.173  -0.516  1.00 12.39 ? 16  GLU A O   1 
ATOM   138  C CB  . GLU A 1 16  ? 13.015  -3.103  -3.716  1.00 15.36 ? 16  GLU A CB  1 
ATOM   139  C CG  . GLU A 1 16  ? 13.396  -1.693  -3.204  1.00 16.86 ? 16  GLU A CG  1 
ATOM   140  C CD  . GLU A 1 16  ? 14.684  -1.681  -2.397  1.00 19.62 ? 16  GLU A CD  1 
ATOM   141  O OE1 . GLU A 1 16  ? 15.029  -0.603  -1.888  1.00 21.94 ? 16  GLU A OE1 1 
ATOM   142  O OE2 . GLU A 1 16  ? 15.358  -2.724  -2.243  1.00 19.96 ? 16  GLU A OE2 1 
ATOM   143  N N   . SER A 1 17  ? 10.408  -3.600  -1.942  1.00 11.67 ? 17  SER A N   1 
ATOM   144  C CA  . SER A 1 17  ? 9.394   -3.129  -0.991  1.00 11.25 ? 17  SER A CA  1 
ATOM   145  C C   . SER A 1 17  ? 9.474   -3.955  0.303   1.00 11.27 ? 17  SER A C   1 
ATOM   146  O O   . SER A 1 17  ? 9.372   -3.416  1.394   1.00 10.06 ? 17  SER A O   1 
ATOM   147  C CB  . SER A 1 17  ? 7.990   -3.189  -1.605  1.00 11.43 ? 17  SER A CB  1 
ATOM   148  O OG  . SER A 1 17  ? 7.532   -4.521  -1.763  1.00 12.41 ? 17  SER A OG  1 
ATOM   149  N N   . GLU A 1 18  ? 9.714   -5.264  0.170   1.00 10.70 ? 18  GLU A N   1 
ATOM   150  C CA  . GLU A 1 18  ? 9.831   -6.146  1.331   1.00 11.28 ? 18  GLU A CA  1 
ATOM   151  C C   . GLU A 1 18  ? 11.070  -5.850  2.185   1.00 11.80 ? 18  GLU A C   1 
ATOM   152  O O   . GLU A 1 18  ? 10.990  -5.814  3.387   1.00 12.53 ? 18  GLU A O   1 
ATOM   153  C CB  . GLU A 1 18  ? 9.778   -7.609  0.874   1.00 11.99 ? 18  GLU A CB  1 
ATOM   154  C CG  . GLU A 1 18  ? 8.378   -7.932  0.311   1.00 13.01 ? 18  GLU A CG  1 
ATOM   155  C CD  . GLU A 1 18  ? 8.239   -9.322  -0.252  1.00 16.18 ? 18  GLU A CD  1 
ATOM   156  O OE1 . GLU A 1 18  ? 7.092   -9.750  -0.480  1.00 15.74 ? 18  GLU A OE1 1 
ATOM   157  O OE2 . GLU A 1 18  ? 9.264   -9.998  -0.473  1.00 18.54 ? 18  GLU A OE2 1 
ATOM   158  N N   . ARG A 1 19  ? 12.193  -5.574  1.535   1.00 12.28 ? 19  ARG A N   1 
ATOM   159  C CA  . ARG A 1 19  ? 13.433  -5.242  2.224   1.00 13.08 ? 19  ARG A CA  1 
ATOM   160  C C   . ARG A 1 19  ? 13.228  -3.978  3.083   1.00 13.13 ? 19  ARG A C   1 
ATOM   161  O O   . ARG A 1 19  ? 13.561  -3.949  4.259   1.00 14.35 ? 19  ARG A O   1 
ATOM   162  C CB  . ARG A 1 19  ? 14.581  -5.020  1.173   1.00 13.37 ? 19  ARG A CB  1 
ATOM   163  C CG  . ARG A 1 19  ? 15.975  -4.867  1.807   1.00 16.05 ? 19  ARG A CG  1 
ATOM   164  C CD  . ARG A 1 19  ? 17.076  -4.404  0.784   1.00 16.14 ? 19  ARG A CD  1 
ATOM   165  N NE  . ARG A 1 19  ? 16.902  -3.038  0.281   1.00 19.56 ? 19  ARG A NE  1 
ATOM   166  C CZ  . ARG A 1 19  ? 17.127  -1.928  0.988   1.00 19.95 ? 19  ARG A CZ  1 
ATOM   167  N NH1 . ARG A 1 19  ? 17.543  -1.992  2.246   1.00 22.70 ? 19  ARG A NH1 1 
ATOM   168  N NH2 . ARG A 1 19  ? 16.916  -0.742  0.433   1.00 20.48 ? 19  ARG A NH2 1 
ATOM   169  N N   . LEU A 1 20  ? 12.591  -2.965  2.510   1.00 13.45 ? 20  LEU A N   1 
ATOM   170  C CA  . LEU A 1 20  ? 12.339  -1.722  3.229   1.00 13.40 ? 20  LEU A CA  1 
ATOM   171  C C   . LEU A 1 20  ? 11.341  -1.900  4.368   1.00 13.01 ? 20  LEU A C   1 
ATOM   172  O O   . LEU A 1 20  ? 11.502  -1.338  5.442   1.00 13.16 ? 20  LEU A O   1 
ATOM   173  C CB  . LEU A 1 20  ? 11.812  -0.661  2.280   1.00 14.43 ? 20  LEU A CB  1 
ATOM   174  C CG  . LEU A 1 20  ? 12.718  -0.259  1.081   1.00 15.50 ? 20  LEU A CG  1 
ATOM   175  C CD1 . LEU A 1 20  ? 11.980  0.700   0.157   1.00 17.44 ? 20  LEU A CD1 1 
ATOM   176  C CD2 . LEU A 1 20  ? 14.035  0.312   1.589   1.00 17.74 ? 20  LEU A CD2 1 
ATOM   177  N N   . LEU A 1 21  ? 10.301  -2.697  4.146   1.00 11.93 ? 21  LEU A N   1 
ATOM   178  C CA  . LEU A 1 21  ? 9.290   -2.894  5.180   1.00 12.67 ? 21  LEU A CA  1 
ATOM   179  C C   . LEU A 1 21  ? 9.667   -3.818  6.335   1.00 13.05 ? 21  LEU A C   1 
ATOM   180  O O   . LEU A 1 21  ? 9.158   -3.657  7.434   1.00 14.24 ? 21  LEU A O   1 
ATOM   181  C CB  . LEU A 1 21  ? 7.899   -3.324  4.527   1.00 10.76 ? 21  LEU A CB  1 
ATOM   182  C CG  . LEU A 1 21  ? 7.212   -2.165  3.675   1.00 9.95  ? 21  LEU A CG  1 
ATOM   183  C CD1 . LEU A 1 21  ? 6.209   -2.721  2.657   1.00 10.38 ? 21  LEU A CD1 1 
ATOM   184  C CD2 . LEU A 1 21  ? 6.540   -1.104  4.586   1.00 8.96  ? 21  LEU A CD2 1 
ATOM   185  N N   . LEU A 1 22  ? 10.521  -4.796  6.072   1.00 14.56 ? 22  LEU A N   1 
ATOM   186  C CA  . LEU A 1 22  ? 10.963  -5.758  7.077   1.00 15.76 ? 22  LEU A CA  1 
ATOM   187  C C   . LEU A 1 22  ? 12.095  -5.193  7.923   1.00 17.33 ? 22  LEU A C   1 
ATOM   188  O O   . LEU A 1 22  ? 13.235  -5.626  7.860   1.00 19.02 ? 22  LEU A O   1 
ATOM   189  C CB  . LEU A 1 22  ? 11.405  -7.053  6.402   1.00 15.47 ? 22  LEU A CB  1 
ATOM   190  C CG  . LEU A 1 22  ? 10.297  -7.852  5.772   1.00 16.30 ? 22  LEU A CG  1 
ATOM   191  C CD1 . LEU A 1 22  ? 10.907  -8.974  4.940   1.00 16.33 ? 22  LEU A CD1 1 
ATOM   192  C CD2 . LEU A 1 22  ? 9.367   -8.405  6.862   1.00 16.75 ? 22  LEU A CD2 1 
ATOM   193  N N   . ASN A 1 23  ? 11.757  -4.152  8.662   1.00 19.39 ? 23  ASN A N   1 
ATOM   194  C CA  . ASN A 1 23  ? 12.674  -3.450  9.552   1.00 20.21 ? 23  ASN A CA  1 
ATOM   195  C C   . ASN A 1 23  ? 11.959  -3.437  10.906  1.00 19.83 ? 23  ASN A C   1 
ATOM   196  O O   . ASN A 1 23  ? 10.804  -2.984  11.047  1.00 18.38 ? 23  ASN A O   1 
ATOM   197  C CB  . ASN A 1 23  ? 12.920  -2.059  9.025   1.00 22.19 ? 23  ASN A CB  1 
ATOM   198  C CG  . ASN A 1 23  ? 13.670  -1.178  10.005  1.00 25.07 ? 23  ASN A CG  1 
ATOM   199  O OD1 . ASN A 1 23  ? 13.738  -1.446  11.187  1.00 24.29 ? 23  ASN A OD1 1 
ATOM   200  N ND2 . ASN A 1 23  ? 14.211  -0.095  9.495   1.00 27.25 ? 23  ASN A ND2 1 
ATOM   201  N N   . ALA A 1 24  ? 12.639  -4.026  11.889  1.00 19.43 ? 24  ALA A N   1 
ATOM   202  C CA  . ALA A 1 24  ? 12.160  -4.180  13.256  1.00 19.54 ? 24  ALA A CA  1 
ATOM   203  C C   . ALA A 1 24  ? 11.553  -2.929  13.882  1.00 18.94 ? 24  ALA A C   1 
ATOM   204  O O   . ALA A 1 24  ? 10.753  -3.036  14.813  1.00 18.38 ? 24  ALA A O   1 
ATOM   205  C CB  . ALA A 1 24  ? 13.294  -4.700  14.139  1.00 20.40 ? 24  ALA A CB  1 
ATOM   206  N N   . GLU A 1 25  ? 11.968  -1.759  13.392  1.00 19.19 ? 25  GLU A N   1 
ATOM   207  C CA  . GLU A 1 25  ? 11.455  -0.480  13.882  1.00 18.47 ? 25  GLU A CA  1 
ATOM   208  C C   . GLU A 1 25  ? 10.134  -0.062  13.290  1.00 16.86 ? 25  GLU A C   1 
ATOM   209  O O   . GLU A 1 25  ? 9.549   0.901   13.770  1.00 15.75 ? 25  GLU A O   1 
ATOM   210  C CB  . GLU A 1 25  ? 12.432  0.586   13.666  1.00 21.10 ? 25  GLU A CB  1 
ATOM   211  C CG  . GLU A 1 25  ? 13.489  0.531   14.724  1.00 25.86 ? 25  GLU A CG  1 
ATOM   212  C CD  . GLU A 1 25  ? 14.611  1.513   14.504  1.00 28.11 ? 25  GLU A CD  1 
ATOM   213  O OE1 . GLU A 1 25  ? 15.781  1.095   14.688  1.00 29.70 ? 25  GLU A OE1 1 
ATOM   214  O OE2 . GLU A 1 25  ? 14.331  2.683   14.156  1.00 29.11 ? 25  GLU A OE2 1 
ATOM   215  N N   . ASN A 1 26  ? 9.679   -0.762  12.254  1.00 14.82 ? 26  ASN A N   1 
ATOM   216  C CA  . ASN A 1 26  ? 8.415   -0.412  11.607  1.00 13.21 ? 26  ASN A CA  1 
ATOM   217  C C   . ASN A 1 26  ? 7.183   -0.931  12.358  1.00 11.80 ? 26  ASN A C   1 
ATOM   218  O O   . ASN A 1 26  ? 7.033   -2.133  12.557  1.00 11.77 ? 26  ASN A O   1 
ATOM   219  C CB  . ASN A 1 26  ? 8.354   -0.988  10.116  1.00 12.36 ? 26  ASN A CB  1 
ATOM   220  C CG  . ASN A 1 26  ? 9.304   -0.297  9.166   1.00 13.32 ? 26  ASN A CG  1 
ATOM   221  O OD1 . ASN A 1 26  ? 9.681   0.852   9.374   1.00 13.57 ? 26  ASN A OD1 1 
ATOM   222  N ND2 . ASN A 1 26  ? 9.668   -0.989  8.092   1.00 13.09 ? 26  ASN A ND2 1 
ATOM   223  N N   . PRO A 1 27  ? 6.320   -0.027  12.818  1.00 10.45 ? 27  PRO A N   1 
ATOM   224  C CA  . PRO A 1 27  ? 5.115   -0.495  13.520  1.00 10.55 ? 27  PRO A CA  1 
ATOM   225  C C   . PRO A 1 27  ? 4.134   -1.041  12.476  1.00 9.01  ? 27  PRO A C   1 
ATOM   226  O O   . PRO A 1 27  ? 4.341   -0.819  11.267  1.00 8.69  ? 27  PRO A O   1 
ATOM   227  C CB  . PRO A 1 27  ? 4.566   0.783   14.198  1.00 11.00 ? 27  PRO A CB  1 
ATOM   228  C CG  . PRO A 1 27  ? 5.115   1.893   13.404  1.00 14.39 ? 27  PRO A CG  1 
ATOM   229  C CD  . PRO A 1 27  ? 6.488   1.437   12.919  1.00 11.60 ? 27  PRO A CD  1 
ATOM   230  N N   . ARG A 1 28  ? 3.063   -1.700  12.919  1.00 9.14  ? 28  ARG A N   1 
ATOM   231  C CA  . ARG A 1 28  ? 2.078   -2.244  11.996  1.00 10.28 ? 28  ARG A CA  1 
ATOM   232  C C   . ARG A 1 28  ? 1.476   -1.119  11.149  1.00 9.80  ? 28  ARG A C   1 
ATOM   233  O O   . ARG A 1 28  ? 1.260   -0.034  11.681  1.00 10.33 ? 28  ARG A O   1 
ATOM   234  C CB  . ARG A 1 28  ? 0.965   -2.934  12.753  1.00 11.77 ? 28  ARG A CB  1 
ATOM   235  C CG  . ARG A 1 28  ? 1.440   -4.134  13.552  1.00 14.86 ? 28  ARG A CG  1 
ATOM   236  C CD  . ARG A 1 28  ? 0.326   -4.693  14.368  1.00 17.82 ? 28  ARG A CD  1 
ATOM   237  N NE  . ARG A 1 28  ? -0.602  -5.406  13.490  1.00 22.86 ? 28  ARG A NE  1 
ATOM   238  C CZ  . ARG A 1 28  ? -1.837  -5.789  13.826  1.00 25.49 ? 28  ARG A CZ  1 
ATOM   239  N NH1 . ARG A 1 28  ? -2.322  -5.500  15.049  1.00 24.92 ? 28  ARG A NH1 1 
ATOM   240  N NH2 . ARG A 1 28  ? -2.544  -6.543  12.983  1.00 23.90 ? 28  ARG A NH2 1 
ATOM   241  N N   . GLY A 1 29  ? 1.209   -1.360  9.863   1.00 8.72  ? 29  GLY A N   1 
ATOM   242  C CA  . GLY A 1 29  ? 0.635   -0.302  9.051   1.00 9.00  ? 29  GLY A CA  1 
ATOM   243  C C   . GLY A 1 29  ? 1.630   0.583   8.328   1.00 8.62  ? 29  GLY A C   1 
ATOM   244  O O   . GLY A 1 29  ? 1.224   1.467   7.617   1.00 8.98  ? 29  GLY A O   1 
ATOM   245  N N   . THR A 1 30  ? 2.930   0.363   8.540   1.00 8.24  ? 30  THR A N   1 
ATOM   246  C CA  . THR A 1 30  ? 3.940   1.117   7.820   1.00 8.14  ? 30  THR A CA  1 
ATOM   247  C C   . THR A 1 30  ? 3.718   0.723   6.346   1.00 8.54  ? 30  THR A C   1 
ATOM   248  O O   . THR A 1 30  ? 3.564   -0.454  6.047   1.00 7.46  ? 30  THR A O   1 
ATOM   249  C CB  . THR A 1 30  ? 5.361   0.773   8.284   1.00 8.32  ? 30  THR A CB  1 
ATOM   250  O OG1 . THR A 1 30  ? 5.518   1.131   9.673   1.00 9.45  ? 30  THR A OG1 1 
ATOM   251  C CG2 . THR A 1 30  ? 6.390   1.543   7.433   1.00 9.19  ? 30  THR A CG2 1 
ATOM   252  N N   . PHE A 1 31  ? 3.737   1.691   5.433   1.00 8.14  ? 31  PHE A N   1 
ATOM   253  C CA  . PHE A 1 31  ? 3.406   1.373   4.058   1.00 7.01  ? 31  PHE A CA  1 
ATOM   254  C C   . PHE A 1 31  ? 4.072   2.219   2.997   1.00 8.94  ? 31  PHE A C   1 
ATOM   255  O O   . PHE A 1 31  ? 4.749   3.248   3.243   1.00 7.89  ? 31  PHE A O   1 
ATOM   256  C CB  . PHE A 1 31  ? 1.889   1.541   3.906   1.00 8.03  ? 31  PHE A CB  1 
ATOM   257  C CG  . PHE A 1 31  ? 1.438   3.004   3.873   1.00 7.24  ? 31  PHE A CG  1 
ATOM   258  C CD1 . PHE A 1 31  ? 1.156   3.629   2.645   1.00 8.26  ? 31  PHE A CD1 1 
ATOM   259  C CD2 . PHE A 1 31  ? 1.393   3.771   5.038   1.00 8.41  ? 31  PHE A CD2 1 
ATOM   260  C CE1 . PHE A 1 31  ? 0.851   4.984   2.575   1.00 8.07  ? 31  PHE A CE1 1 
ATOM   261  C CE2 . PHE A 1 31  ? 1.085   5.141   4.985   1.00 7.18  ? 31  PHE A CE2 1 
ATOM   262  C CZ  . PHE A 1 31  ? 0.817   5.753   3.760   1.00 7.74  ? 31  PHE A CZ  1 
ATOM   263  N N   . LEU A 1 32  ? 3.816   1.795   1.760   1.00 8.25  ? 32  LEU A N   1 
ATOM   264  C CA  . LEU A 1 32  ? 4.285   2.487   0.567   1.00 9.26  ? 32  LEU A CA  1 
ATOM   265  C C   . LEU A 1 32  ? 3.407   2.039   -0.614  1.00 9.46  ? 32  LEU A C   1 
ATOM   266  O O   . LEU A 1 32  ? 2.742   0.988   -0.534  1.00 8.96  ? 32  LEU A O   1 
ATOM   267  C CB  . LEU A 1 32  ? 5.775   2.172   0.309   1.00 8.64  ? 32  LEU A CB  1 
ATOM   268  C CG  . LEU A 1 32  ? 6.157   0.644   -0.015  1.00 9.80  ? 32  LEU A CG  1 
ATOM   269  C CD1 . LEU A 1 32  ? 6.008   0.395   -1.528  1.00 9.51  ? 32  LEU A CD1 1 
ATOM   270  C CD2 . LEU A 1 32  ? 7.596   0.281   0.425   1.00 11.43 ? 32  LEU A CD2 1 
ATOM   271  N N   . VAL A 1 33  ? 3.337   2.861   -1.657  1.00 9.17  ? 33  VAL A N   1 
ATOM   272  C CA  . VAL A 1 33  ? 2.580   2.516   -2.860  1.00 9.27  ? 33  VAL A CA  1 
ATOM   273  C C   . VAL A 1 33  ? 3.617   2.482   -3.968  1.00 10.16 ? 33  VAL A C   1 
ATOM   274  O O   . VAL A 1 33  ? 4.527   3.310   -4.032  1.00 10.19 ? 33  VAL A O   1 
ATOM   275  C CB  . VAL A 1 33  ? 1.477   3.552   -3.172  1.00 8.57  ? 33  VAL A CB  1 
ATOM   276  C CG1 . VAL A 1 33  ? 0.838   3.274   -4.523  1.00 9.78  ? 33  VAL A CG1 1 
ATOM   277  C CG2 . VAL A 1 33  ? 0.429   3.529   -2.066  1.00 8.85  ? 33  VAL A CG2 1 
ATOM   278  N N   . ARG A 1 34  ? 3.551   1.455   -4.788  1.00 9.34  ? 34  ARG A N   1 
ATOM   279  C CA  . ARG A 1 34  ? 4.483   1.325   -5.907  1.00 10.77 ? 34  ARG A CA  1 
ATOM   280  C C   . ARG A 1 34  ? 3.733   0.820   -7.157  1.00 11.82 ? 34  ARG A C   1 
ATOM   281  O O   . ARG A 1 34  ? 2.557   0.458   -7.115  1.00 10.76 ? 34  ARG A O   1 
ATOM   282  C CB  . ARG A 1 34  ? 5.557   0.338   -5.544  1.00 10.02 ? 34  ARG A CB  1 
ATOM   283  C CG  . ARG A 1 34  ? 4.994   -1.061  -5.150  1.00 11.34 ? 34  ARG A CG  1 
ATOM   284  C CD  . ARG A 1 34  ? 6.091   -2.147  -4.880  1.00 11.60 ? 34  ARG A CD  1 
ATOM   285  N NE  . ARG A 1 34  ? 5.474   -3.393  -4.405  1.00 12.91 ? 34  ARG A NE  1 
ATOM   286  C CZ  . ARG A 1 34  ? 5.139   -4.421  -5.195  1.00 14.33 ? 34  ARG A CZ  1 
ATOM   287  N NH1 . ARG A 1 34  ? 4.573   -5.498  -4.677  1.00 13.94 ? 34  ARG A NH1 1 
ATOM   288  N NH2 . ARG A 1 34  ? 5.395   -4.382  -6.497  1.00 13.81 ? 34  ARG A NH2 1 
ATOM   289  N N   . GLU A 1 35  ? 4.403   0.850   -8.298  1.00 13.79 ? 35  GLU A N   1 
ATOM   290  C CA  . GLU A 1 35  ? 3.785   0.309   -9.506  1.00 17.12 ? 35  GLU A CA  1 
ATOM   291  C C   . GLU A 1 35  ? 3.803   -1.199  -9.329  1.00 17.15 ? 35  GLU A C   1 
ATOM   292  O O   . GLU A 1 35  ? 4.633   -1.776  -8.626  1.00 15.99 ? 35  GLU A O   1 
ATOM   293  C CB  . GLU A 1 35  ? 4.584   0.611   -10.728 1.00 20.10 ? 35  GLU A CB  1 
ATOM   294  C CG  . GLU A 1 35  ? 4.502   2.011   -11.201 1.00 25.49 ? 35  GLU A CG  1 
ATOM   295  C CD  . GLU A 1 35  ? 5.364   2.264   -12.432 1.00 28.54 ? 35  GLU A CD  1 
ATOM   296  O OE1 . GLU A 1 35  ? 5.279   3.403   -12.928 1.00 31.51 ? 35  GLU A OE1 1 
ATOM   297  O OE2 . GLU A 1 35  ? 6.117   1.351   -12.895 1.00 30.27 ? 35  GLU A OE2 1 
ATOM   298  N N   . SER A 1 36  ? 2.843   -1.843  -9.962  1.00 18.65 ? 36  SER A N   1 
ATOM   299  C CA  . SER A 1 36  ? 2.756   -3.284  -9.932  1.00 20.54 ? 36  SER A CA  1 
ATOM   300  C C   . SER A 1 36  ? 3.809   -3.845  -10.941 1.00 20.80 ? 36  SER A C   1 
ATOM   301  O O   . SER A 1 36  ? 4.036   -3.268  -11.969 1.00 20.89 ? 36  SER A O   1 
ATOM   302  C CB  . SER A 1 36  ? 1.319   -3.683  -10.377 1.00 21.42 ? 36  SER A CB  1 
ATOM   303  O OG  . SER A 1 36  ? 1.208   -5.079  -10.567 1.00 24.66 ? 36  SER A OG  1 
ATOM   304  N N   . GLU A 1 37  ? 4.515   -4.903  -10.569 1.00 22.05 ? 37  GLU A N   1 
ATOM   305  C CA  . GLU A 1 37  ? 5.481   -5.573  -11.456 1.00 24.24 ? 37  GLU A CA  1 
ATOM   306  C C   . GLU A 1 37  ? 4.749   -6.353  -12.566 1.00 26.97 ? 37  GLU A C   1 
ATOM   307  O O   . GLU A 1 37  ? 5.266   -6.519  -13.681 1.00 27.36 ? 37  GLU A O   1 
ATOM   308  C CB  . GLU A 1 37  ? 6.341   -6.676  -10.671 1.00 22.78 ? 37  GLU A CB  1 
ATOM   309  C CG  . GLU A 1 37  ? 7.377   -6.207  -9.642  1.00 21.08 ? 37  GLU A CG  1 
ATOM   310  C CD  . GLU A 1 37  ? 8.264   -7.357  -9.170  1.00 21.49 ? 37  GLU A CD  1 
ATOM   311  O OE1 . GLU A 1 37  ? 8.112   -8.521  -9.617  1.00 21.94 ? 37  GLU A OE1 1 
ATOM   312  O OE2 . GLU A 1 37  ? 9.158   -7.125  -8.327  1.00 22.13 ? 37  GLU A OE2 1 
ATOM   313  N N   . THR A 1 38  ? 3.579   -6.883  -12.203 1.00 28.82 ? 38  THR A N   1 
ATOM   314  C CA  . THR A 1 38  ? 2.776   -7.740  -13.061 1.00 31.61 ? 38  THR A CA  1 
ATOM   315  C C   . THR A 1 38  ? 1.581   -7.152  -13.820 1.00 33.23 ? 38  THR A C   1 
ATOM   316  O O   . THR A 1 38  ? 1.263   -7.612  -14.928 1.00 33.83 ? 38  THR A O   1 
ATOM   317  C CB  . THR A 1 38  ? 2.281   -8.950  -12.235 1.00 31.49 ? 38  THR A CB  1 
ATOM   318  O OG1 . THR A 1 38  ? 1.657   -8.476  -11.034 1.00 32.99 ? 38  THR A OG1 1 
ATOM   319  C CG2 . THR A 1 38  ? 3.447   -9.855  -11.833 1.00 32.23 ? 38  THR A CG2 1 
ATOM   320  N N   . THR A 1 39  ? 0.916   -6.150  -13.259 1.00 34.18 ? 39  THR A N   1 
ATOM   321  C CA  . THR A 1 39  ? -0.251  -5.576  -13.923 1.00 34.63 ? 39  THR A CA  1 
ATOM   322  C C   . THR A 1 39  ? -0.031  -4.153  -14.439 1.00 35.34 ? 39  THR A C   1 
ATOM   323  O O   . THR A 1 39  ? 0.190   -3.239  -13.631 1.00 35.35 ? 39  THR A O   1 
ATOM   324  C CB  . THR A 1 39  ? -1.450  -5.579  -12.966 1.00 35.13 ? 39  THR A CB  1 
ATOM   325  O OG1 . THR A 1 39  ? -1.590  -6.885  -12.377 1.00 34.69 ? 39  THR A OG1 1 
ATOM   326  C CG2 . THR A 1 39  ? -2.728  -5.177  -13.709 1.00 34.71 ? 39  THR A CG2 1 
ATOM   327  N N   . LYS A 1 40  ? -0.092  -3.949  -15.758 1.00 35.58 ? 40  LYS A N   1 
ATOM   328  C CA  . LYS A 1 40  ? 0.101   -2.596  -16.293 1.00 35.77 ? 40  LYS A CA  1 
ATOM   329  C C   . LYS A 1 40  ? -1.043  -1.732  -15.780 1.00 34.33 ? 40  LYS A C   1 
ATOM   330  O O   . LYS A 1 40  ? -2.135  -2.255  -15.543 1.00 35.14 ? 40  LYS A O   1 
ATOM   331  C CB  . LYS A 1 40  ? 0.149   -2.553  -17.929 1.00 37.69 ? 40  LYS A CB  1 
ATOM   332  C CG  . LYS A 1 40  ? -1.281  -2.485  -18.720 1.00 40.08 ? 40  LYS A CG  1 
ATOM   333  C CD  . LYS A 1 40  ? -2.066  -3.890  -18.730 1.00 42.36 ? 40  LYS A CD  1 
ATOM   334  C CE  . LYS A 1 40  ? -3.246  -3.926  -17.671 1.00 44.11 ? 40  LYS A CE  1 
ATOM   335  N NZ  . LYS A 1 40  ? -3.590  -5.293  -17.165 1.00 44.50 ? 40  LYS A NZ  1 
ATOM   336  N N   . GLY A 1 41  ? -0.757  -0.463  -15.507 1.00 32.33 ? 41  GLY A N   1 
ATOM   337  C CA  . GLY A 1 41  ? -1.780  0.458   -15.038 1.00 30.18 ? 41  GLY A CA  1 
ATOM   338  C C   . GLY A 1 41  ? -2.274  0.232   -13.626 1.00 28.39 ? 41  GLY A C   1 
ATOM   339  O O   . GLY A 1 41  ? -3.091  1.020   -13.126 1.00 29.41 ? 41  GLY A O   1 
ATOM   340  N N   . ALA A 1 42  ? -1.822  -0.851  -12.998 1.00 25.18 ? 42  ALA A N   1 
ATOM   341  C CA  . ALA A 1 42  ? -2.218  -1.152  -11.638 1.00 22.02 ? 42  ALA A CA  1 
ATOM   342  C C   . ALA A 1 42  ? -1.061  -0.798  -10.692 1.00 20.43 ? 42  ALA A C   1 
ATOM   343  O O   . ALA A 1 42  ? 0.108   -0.698  -11.117 1.00 20.25 ? 42  ALA A O   1 
ATOM   344  C CB  . ALA A 1 42  ? -2.587  -2.597  -11.519 1.00 21.33 ? 42  ALA A CB  1 
ATOM   345  N N   . TYR A 1 43  ? -1.395  -0.549  -9.428  1.00 17.51 ? 43  TYR A N   1 
ATOM   346  C CA  . TYR A 1 43  ? -0.408  -0.214  -8.396  1.00 15.38 ? 43  TYR A CA  1 
ATOM   347  C C   . TYR A 1 43  ? -0.444  -1.295  -7.332  1.00 13.78 ? 43  TYR A C   1 
ATOM   348  O O   . TYR A 1 43  ? -1.262  -2.215  -7.353  1.00 12.80 ? 43  TYR A O   1 
ATOM   349  C CB  . TYR A 1 43  ? -0.765  1.138   -7.707  1.00 16.33 ? 43  TYR A CB  1 
ATOM   350  C CG  . TYR A 1 43  ? -0.831  2.312   -8.649  1.00 18.98 ? 43  TYR A CG  1 
ATOM   351  C CD1 . TYR A 1 43  ? -2.055  2.714   -9.206  1.00 20.09 ? 43  TYR A CD1 1 
ATOM   352  C CD2 . TYR A 1 43  ? 0.319   2.997   -9.000  1.00 19.07 ? 43  TYR A CD2 1 
ATOM   353  C CE1 . TYR A 1 43  ? -2.125  3.769   -10.096 1.00 22.97 ? 43  TYR A CE1 1 
ATOM   354  C CE2 . TYR A 1 43  ? 0.266   4.050   -9.883  1.00 23.93 ? 43  TYR A CE2 1 
ATOM   355  C CZ  . TYR A 1 43  ? -0.959  4.436   -10.434 1.00 24.71 ? 43  TYR A CZ  1 
ATOM   356  O OH  . TYR A 1 43  ? -0.986  5.476   -11.345 1.00 28.34 ? 43  TYR A OH  1 
ATOM   357  N N   . CYS A 1 44  ? 0.437   -1.167  -6.357  1.00 12.62 ? 44  CYS A N   1 
ATOM   358  C CA  . CYS A 1 44  ? 0.460   -2.110  -5.277  1.00 11.44 ? 44  CYS A CA  1 
ATOM   359  C C   . CYS A 1 44  ? 0.704   -1.355  -3.994  1.00 10.81 ? 44  CYS A C   1 
ATOM   360  O O   . CYS A 1 44  ? 1.579   -0.501  -3.937  1.00 10.51 ? 44  CYS A O   1 
ATOM   361  C CB  . CYS A 1 44  ? 1.535   -3.110  -5.476  1.00 13.37 ? 44  CYS A CB  1 
ATOM   362  S SG  . CYS A 1 44  ? 1.755   -4.134  -4.016  1.00 19.65 ? 44  CYS A SG  1 
ATOM   363  N N   . LEU A 1 45  ? -0.137  -1.619  -3.004  1.00 9.62  ? 45  LEU A N   1 
ATOM   364  C CA  . LEU A 1 45  ? -0.013  -1.030  -1.668  1.00 8.72  ? 45  LEU A CA  1 
ATOM   365  C C   . LEU A 1 45  ? 0.688   -2.109  -0.800  1.00 9.03  ? 45  LEU A C   1 
ATOM   366  O O   . LEU A 1 45  ? 0.098   -3.170  -0.555  1.00 7.63  ? 45  LEU A O   1 
ATOM   367  C CB  . LEU A 1 45  ? -1.393  -0.701  -1.127  1.00 8.56  ? 45  LEU A CB  1 
ATOM   368  C CG  . LEU A 1 45  ? -1.541  -0.320  0.361   1.00 7.77  ? 45  LEU A CG  1 
ATOM   369  C CD1 . LEU A 1 45  ? -0.832  1.031   0.600   1.00 7.34  ? 45  LEU A CD1 1 
ATOM   370  C CD2 . LEU A 1 45  ? -3.043  -0.236  0.803   1.00 6.14  ? 45  LEU A CD2 1 
ATOM   371  N N   . SER A 1 46  ? 1.957   -1.894  -0.440  1.00 7.83  ? 46  SER A N   1 
ATOM   372  C CA  . SER A 1 46  ? 2.706   -2.865  0.379   1.00 7.86  ? 46  SER A CA  1 
ATOM   373  C C   . SER A 1 46  ? 2.649   -2.396  1.823   1.00 7.54  ? 46  SER A C   1 
ATOM   374  O O   . SER A 1 46  ? 2.978   -1.221  2.129   1.00 7.13  ? 46  SER A O   1 
ATOM   375  C CB  . SER A 1 46  ? 4.120   -2.986  -0.124  1.00 8.17  ? 46  SER A CB  1 
ATOM   376  O OG  . SER A 1 46  ? 4.105   -3.469  -1.443  1.00 7.61  ? 46  SER A OG  1 
ATOM   377  N N   . VAL A 1 47  ? 2.261   -3.300  2.717   1.00 7.68  ? 47  VAL A N   1 
ATOM   378  C CA  . VAL A 1 47  ? 2.035   -2.937  4.121   1.00 8.84  ? 47  VAL A CA  1 
ATOM   379  C C   . VAL A 1 47  ? 2.716   -3.837  5.137   1.00 8.22  ? 47  VAL A C   1 
ATOM   380  O O   . VAL A 1 47  ? 2.693   -5.063  4.977   1.00 8.47  ? 47  VAL A O   1 
ATOM   381  C CB  . VAL A 1 47  ? 0.487   -2.926  4.415   1.00 7.48  ? 47  VAL A CB  1 
ATOM   382  C CG1 . VAL A 1 47  ? 0.195   -2.384  5.850   1.00 8.75  ? 47  VAL A CG1 1 
ATOM   383  C CG2 . VAL A 1 47  ? -0.264  -2.126  3.355   1.00 8.64  ? 47  VAL A CG2 1 
ATOM   384  N N   . SER A 1 48  ? 3.342   -3.245  6.162   1.00 8.22  ? 48  SER A N   1 
ATOM   385  C CA  . SER A 1 48  ? 3.981   -4.068  7.194   1.00 9.50  ? 48  SER A CA  1 
ATOM   386  C C   . SER A 1 48  ? 2.920   -4.471  8.240   1.00 10.12 ? 48  SER A C   1 
ATOM   387  O O   . SER A 1 48  ? 1.929   -3.738  8.530   1.00 8.27  ? 48  SER A O   1 
ATOM   388  C CB  . SER A 1 48  ? 5.180   -3.322  7.902   1.00 9.19  ? 48  SER A CB  1 
ATOM   389  O OG  . SER A 1 48  ? 4.680   -2.358  8.817   1.00 9.51  ? 48  SER A OG  1 
ATOM   390  N N   . ASP A 1 49  ? 3.133   -5.674  8.787   1.00 11.03 ? 49  ASP A N   1 
ATOM   391  C CA  . ASP A 1 49  ? 2.269   -6.243  9.806   1.00 10.87 ? 49  ASP A CA  1 
ATOM   392  C C   . ASP A 1 49  ? 3.164   -6.939  10.816  1.00 11.77 ? 49  ASP A C   1 
ATOM   393  O O   . ASP A 1 49  ? 4.395   -7.159  10.624  1.00 10.06 ? 49  ASP A O   1 
ATOM   394  C CB  . ASP A 1 49  ? 1.347   -7.238  9.185   1.00 12.46 ? 49  ASP A CB  1 
ATOM   395  C CG  . ASP A 1 49  ? 0.145   -7.567  10.052  1.00 15.60 ? 49  ASP A CG  1 
ATOM   396  O OD1 . ASP A 1 49  ? -0.203  -6.799  10.992  1.00 16.34 ? 49  ASP A OD1 1 
ATOM   397  O OD2 . ASP A 1 49  ? -0.503  -8.593  9.745   1.00 16.01 ? 49  ASP A OD2 1 
ATOM   398  N N   . PHE A 1 50  ? 2.526   -7.280  11.929  1.00 12.66 ? 50  PHE A N   1 
ATOM   399  C CA  . PHE A 1 50  ? 3.177   -7.968  13.010  1.00 13.92 ? 50  PHE A CA  1 
ATOM   400  C C   . PHE A 1 50  ? 2.148   -8.673  13.881  1.00 14.69 ? 50  PHE A C   1 
ATOM   401  O O   . PHE A 1 50  ? 1.168   -8.046  14.302  1.00 13.72 ? 50  PHE A O   1 
ATOM   402  C CB  . PHE A 1 50  ? 3.949   -6.944  13.926  1.00 12.34 ? 50  PHE A CB  1 
ATOM   403  C CG  . PHE A 1 50  ? 4.740   -7.612  15.022  1.00 12.85 ? 50  PHE A CG  1 
ATOM   404  C CD1 . PHE A 1 50  ? 4.129   -7.929  16.251  1.00 11.60 ? 50  PHE A CD1 1 
ATOM   405  C CD2 . PHE A 1 50  ? 6.053   -8.021  14.784  1.00 11.50 ? 50  PHE A CD2 1 
ATOM   406  C CE1 . PHE A 1 50  ? 4.815   -8.655  17.217  1.00 12.62 ? 50  PHE A CE1 1 
ATOM   407  C CE2 . PHE A 1 50  ? 6.754   -8.747  15.735  1.00 12.81 ? 50  PHE A CE2 1 
ATOM   408  C CZ  . PHE A 1 50  ? 6.131   -9.071  16.959  1.00 13.00 ? 50  PHE A CZ  1 
ATOM   409  N N   . ASP A 1 51  ? 2.400   -9.951  14.157  1.00 16.64 ? 51  ASP A N   1 
ATOM   410  C CA  . ASP A 1 51  ? 1.590   -10.726 15.101  1.00 18.28 ? 51  ASP A CA  1 
ATOM   411  C C   . ASP A 1 51  ? 2.474   -11.799 15.693  1.00 19.62 ? 51  ASP A C   1 
ATOM   412  O O   . ASP A 1 51  ? 3.593   -12.021 15.217  1.00 19.67 ? 51  ASP A O   1 
ATOM   413  C CB  . ASP A 1 51  ? 0.217   -11.300 14.512  1.00 20.14 ? 51  ASP A CB  1 
ATOM   414  C CG  . ASP A 1 51  ? 0.392   -12.246 13.336  1.00 20.99 ? 51  ASP A CG  1 
ATOM   415  O OD1 . ASP A 1 51  ? -0.551  -12.309 12.536  1.00 23.38 ? 51  ASP A OD1 1 
ATOM   416  O OD2 . ASP A 1 51  ? 1.415   -12.924 13.193  1.00 22.47 ? 51  ASP A OD2 1 
ATOM   417  N N   . ASN A 1 52  ? 1.994   -12.445 16.747  1.00 21.33 ? 52  ASN A N   1 
ATOM   418  C CA  . ASN A 1 52  ? 2.792   -13.479 17.408  1.00 23.58 ? 52  ASN A CA  1 
ATOM   419  C C   . ASN A 1 52  ? 2.977   -14.758 16.583  1.00 23.73 ? 52  ASN A C   1 
ATOM   420  O O   . ASN A 1 52  ? 3.938   -15.478 16.776  1.00 24.37 ? 52  ASN A O   1 
ATOM   421  C CB  . ASN A 1 52  ? 2.213   -13.784 18.846  1.00 25.04 ? 52  ASN A CB  1 
ATOM   422  C CG  . ASN A 1 52  ? 2.446   -12.625 19.829  1.00 26.94 ? 52  ASN A CG  1 
ATOM   423  O OD1 . ASN A 1 52  ? 3.255   -11.701 19.564  1.00 27.48 ? 52  ASN A OD1 1 
ATOM   424  N ND2 . ASN A 1 52  ? 1.753   -12.663 20.960  1.00 25.24 ? 52  ASN A ND2 1 
ATOM   425  N N   . ALA A 1 53  ? 2.050   -15.011 15.664  1.00 23.12 ? 53  ALA A N   1 
ATOM   426  C CA  . ALA A 1 53  ? 2.121   -16.187 14.797  1.00 24.17 ? 53  ALA A CA  1 
ATOM   427  C C   . ALA A 1 53  ? 3.205   -16.025 13.737  1.00 23.90 ? 53  ALA A C   1 
ATOM   428  O O   . ALA A 1 53  ? 4.070   -16.858 13.581  1.00 23.45 ? 53  ALA A O   1 
ATOM   429  C CB  . ALA A 1 53  ? 0.755   -16.441 14.106  1.00 23.00 ? 53  ALA A CB  1 
ATOM   430  N N   . LYS A 1 54  ? 3.156   -14.890 13.049  1.00 23.25 ? 54  LYS A N   1 
ATOM   431  C CA  . LYS A 1 54  ? 4.078   -14.600 11.957  1.00 23.96 ? 54  LYS A CA  1 
ATOM   432  C C   . LYS A 1 54  ? 5.206   -13.612 12.248  1.00 22.69 ? 54  LYS A C   1 
ATOM   433  O O   . LYS A 1 54  ? 6.135   -13.520 11.421  1.00 23.08 ? 54  LYS A O   1 
ATOM   434  C CB  . LYS A 1 54  ? 3.299   -14.049 10.762  1.00 24.98 ? 54  LYS A CB  1 
ATOM   435  C CG  . LYS A 1 54  ? 2.102   -14.865 10.375  1.00 28.69 ? 54  LYS A CG  1 
ATOM   436  C CD  . LYS A 1 54  ? 1.564   -14.359 9.098   1.00 31.05 ? 54  LYS A CD  1 
ATOM   437  C CE  . LYS A 1 54  ? 0.606   -15.322 8.511   1.00 33.34 ? 54  LYS A CE  1 
ATOM   438  N NZ  . LYS A 1 54  ? 0.596   -15.120 7.038   1.00 35.48 ? 54  LYS A NZ  1 
ATOM   439  N N   . GLY A 1 55  ? 5.130   -12.881 13.355  1.00 20.43 ? 55  GLY A N   1 
ATOM   440  C CA  . GLY A 1 55  ? 6.147   -11.879 13.600  1.00 18.52 ? 55  GLY A CA  1 
ATOM   441  C C   . GLY A 1 55  ? 5.979   -10.779 12.544  1.00 16.27 ? 55  GLY A C   1 
ATOM   442  O O   . GLY A 1 55  ? 4.855   -10.552 12.039  1.00 13.87 ? 55  GLY A O   1 
ATOM   443  N N   . LEU A 1 56  ? 7.080   -10.092 12.232  1.00 15.19 ? 56  LEU A N   1 
ATOM   444  C CA  . LEU A 1 56  ? 7.110   -9.002  11.247  1.00 15.45 ? 56  LEU A CA  1 
ATOM   445  C C   . LEU A 1 56  ? 6.966   -9.579  9.841   1.00 14.73 ? 56  LEU A C   1 
ATOM   446  O O   . LEU A 1 56  ? 7.762   -10.426 9.450   1.00 14.59 ? 56  LEU A O   1 
ATOM   447  C CB  . LEU A 1 56  ? 8.447   -8.224  11.338  1.00 15.74 ? 56  LEU A CB  1 
ATOM   448  C CG  . LEU A 1 56  ? 8.618   -6.969  10.470  1.00 16.44 ? 56  LEU A CG  1 
ATOM   449  C CD1 . LEU A 1 56  ? 7.564   -5.905  10.819  1.00 15.83 ? 56  LEU A CD1 1 
ATOM   450  C CD2 . LEU A 1 56  ? 10.038  -6.424  10.696  1.00 17.41 ? 56  LEU A CD2 1 
ATOM   451  N N   . ASN A 1 57  ? 5.996   -9.080  9.079   1.00 13.17 ? 57  ASN A N   1 
ATOM   452  C CA  . ASN A 1 57  ? 5.770   -9.601  7.746   1.00 12.94 ? 57  ASN A CA  1 
ATOM   453  C C   . ASN A 1 57  ? 5.131   -8.536  6.854   1.00 12.17 ? 57  ASN A C   1 
ATOM   454  O O   . ASN A 1 57  ? 4.674   -7.484  7.327   1.00 12.45 ? 57  ASN A O   1 
ATOM   455  C CB  . ASN A 1 57  ? 4.870   -10.943 7.824   1.00 13.28 ? 57  ASN A CB  1 
ATOM   456  C CG  . ASN A 1 57  ? 3.441   -10.667 8.301   1.00 12.78 ? 57  ASN A CG  1 
ATOM   457  O OD1 . ASN A 1 57  ? 2.523   -10.649 7.518   1.00 15.18 ? 57  ASN A OD1 1 
ATOM   458  N ND2 . ASN A 1 57  ? 3.266   -10.486 9.601   1.00 13.07 ? 57  ASN A ND2 1 
ATOM   459  N N   . VAL A 1 58  ? 5.097   -8.804  5.555   1.00 10.01 ? 58  VAL A N   1 
ATOM   460  C CA  . VAL A 1 58  ? 4.559   -7.849  4.609   1.00 8.74  ? 58  VAL A CA  1 
ATOM   461  C C   . VAL A 1 58  ? 3.372   -8.371  3.787   1.00 9.11  ? 58  VAL A C   1 
ATOM   462  O O   . VAL A 1 58  ? 3.379   -9.552  3.382   1.00 9.34  ? 58  VAL A O   1 
ATOM   463  C CB  . VAL A 1 58  ? 5.666   -7.415  3.640   1.00 8.53  ? 58  VAL A CB  1 
ATOM   464  C CG1 . VAL A 1 58  ? 5.099   -6.487  2.574   1.00 7.09  ? 58  VAL A CG1 1 
ATOM   465  C CG2 . VAL A 1 58  ? 6.817   -6.754  4.413   1.00 9.20  ? 58  VAL A CG2 1 
ATOM   466  N N   . LYS A 1 59  ? 2.343   -7.542  3.609   1.00 8.62  ? 59  LYS A N   1 
ATOM   467  C CA  . LYS A 1 59  ? 1.193   -7.886  2.765   1.00 9.75  ? 59  LYS A CA  1 
ATOM   468  C C   . LYS A 1 59  ? 1.172   -6.927  1.565   1.00 9.89  ? 59  LYS A C   1 
ATOM   469  O O   . LYS A 1 59  ? 1.555   -5.772  1.689   1.00 9.05  ? 59  LYS A O   1 
ATOM   470  C CB  . LYS A 1 59  ? -0.134  -7.775  3.508   1.00 12.12 ? 59  LYS A CB  1 
ATOM   471  C CG  . LYS A 1 59  ? -0.575  -9.062  4.284   1.00 15.22 ? 59  LYS A CG  1 
ATOM   472  C CD  . LYS A 1 59  ? 0.173   -9.237  5.618   1.00 18.30 ? 59  LYS A CD  1 
ATOM   473  C CE  . LYS A 1 59  ? -0.354  -10.490 6.411   1.00 20.37 ? 59  LYS A CE  1 
ATOM   474  N NZ  . LYS A 1 59  ? -0.058  -10.430 7.865   1.00 18.42 ? 59  LYS A NZ  1 
ATOM   475  N N   . HIS A 1 60  ? 0.790   -7.444  0.399   1.00 8.16  ? 60  HIS A N   1 
ATOM   476  C CA  . HIS A 1 60  ? 0.703   -6.667  -0.837  1.00 9.33  ? 60  HIS A CA  1 
ATOM   477  C C   . HIS A 1 60  ? -0.737  -6.673  -1.356  1.00 9.43  ? 60  HIS A C   1 
ATOM   478  O O   . HIS A 1 60  ? -1.309  -7.734  -1.542  1.00 9.63  ? 60  HIS A O   1 
ATOM   479  C CB  . HIS A 1 60  ? 1.660   -7.289  -1.927  1.00 8.57  ? 60  HIS A CB  1 
ATOM   480  C CG  . HIS A 1 60  ? 3.094   -7.339  -1.504  1.00 9.45  ? 60  HIS A CG  1 
ATOM   481  N ND1 . HIS A 1 60  ? 3.889   -6.216  -1.450  1.00 8.69  ? 60  HIS A ND1 1 
ATOM   482  C CD2 . HIS A 1 60  ? 3.877   -8.377  -1.122  1.00 8.07  ? 60  HIS A CD2 1 
ATOM   483  C CE1 . HIS A 1 60  ? 5.105   -6.563  -1.065  1.00 8.92  ? 60  HIS A CE1 1 
ATOM   484  N NE2 . HIS A 1 60  ? 5.125   -7.867  -0.855  1.00 8.95  ? 60  HIS A NE2 1 
ATOM   485  N N   . TYR A 1 61  ? -1.294  -5.489  -1.586  1.00 8.56  ? 61  TYR A N   1 
ATOM   486  C CA  . TYR A 1 61  ? -2.649  -5.337  -2.071  1.00 10.05 ? 61  TYR A CA  1 
ATOM   487  C C   . TYR A 1 61  ? -2.640  -4.619  -3.419  1.00 11.34 ? 61  TYR A C   1 
ATOM   488  O O   . TYR A 1 61  ? -2.112  -3.499  -3.565  1.00 10.91 ? 61  TYR A O   1 
ATOM   489  C CB  . TYR A 1 61  ? -3.463  -4.504  -1.070  1.00 8.94  ? 61  TYR A CB  1 
ATOM   490  C CG  . TYR A 1 61  ? -3.496  -5.096  0.305   1.00 8.88  ? 61  TYR A CG  1 
ATOM   491  C CD1 . TYR A 1 61  ? -2.592  -4.687  1.271   1.00 8.48  ? 61  TYR A CD1 1 
ATOM   492  C CD2 . TYR A 1 61  ? -4.412  -6.100  0.636   1.00 8.51  ? 61  TYR A CD2 1 
ATOM   493  C CE1 . TYR A 1 61  ? -2.582  -5.260  2.516   1.00 9.29  ? 61  TYR A CE1 1 
ATOM   494  C CE2 . TYR A 1 61  ? -4.412  -6.683  1.895   1.00 8.67  ? 61  TYR A CE2 1 
ATOM   495  C CZ  . TYR A 1 61  ? -3.483  -6.256  2.830   1.00 9.86  ? 61  TYR A CZ  1 
ATOM   496  O OH  . TYR A 1 61  ? -3.415  -6.814  4.064   1.00 9.48  ? 61  TYR A OH  1 
ATOM   497  N N   . LYS A 1 62  ? -3.251  -5.243  -4.414  1.00 12.22 ? 62  LYS A N   1 
ATOM   498  C CA  . LYS A 1 62  ? -3.303  -4.652  -5.749  1.00 12.88 ? 62  LYS A CA  1 
ATOM   499  C C   . LYS A 1 62  ? -4.331  -3.529  -5.775  1.00 12.65 ? 62  LYS A C   1 
ATOM   500  O O   . LYS A 1 62  ? -5.422  -3.659  -5.239  1.00 12.00 ? 62  LYS A O   1 
ATOM   501  C CB  . LYS A 1 62  ? -3.673  -5.736  -6.782  1.00 14.79 ? 62  LYS A CB  1 
ATOM   502  C CG  . LYS A 1 62  ? -3.476  -5.332  -8.231  1.00 21.80 ? 62  LYS A CG  1 
ATOM   503  C CD  . LYS A 1 62  ? -2.547  -6.348  -8.940  1.00 27.09 ? 62  LYS A CD  1 
ATOM   504  C CE  . LYS A 1 62  ? -2.893  -7.812  -8.456  1.00 29.90 ? 62  LYS A CE  1 
ATOM   505  N NZ  . LYS A 1 62  ? -1.946  -8.882  -8.925  1.00 33.28 ? 62  LYS A NZ  1 
ATOM   506  N N   . ILE A 1 63  ? -3.930  -2.381  -6.304  1.00 12.96 ? 63  ILE A N   1 
ATOM   507  C CA  . ILE A 1 63  ? -4.841  -1.250  -6.432  1.00 14.04 ? 63  ILE A CA  1 
ATOM   508  C C   . ILE A 1 63  ? -5.128  -1.088  -7.930  1.00 15.49 ? 63  ILE A C   1 
ATOM   509  O O   . ILE A 1 63  ? -4.208  -0.946  -8.751  1.00 13.82 ? 63  ILE A O   1 
ATOM   510  C CB  . ILE A 1 63  ? -4.242  0.078   -5.912  1.00 13.83 ? 63  ILE A CB  1 
ATOM   511  C CG1 . ILE A 1 63  ? -3.975  0.004   -4.321  1.00 14.00 ? 63  ILE A CG1 1 
ATOM   512  C CG2 . ILE A 1 63  ? -5.191  1.241   -6.283  1.00 14.01 ? 63  ILE A CG2 1 
ATOM   513  C CD1 . ILE A 1 63  ? -3.363  1.315   -3.722  1.00 13.26 ? 63  ILE A CD1 1 
ATOM   514  N N   . ARG A 1 64  ? -6.405  -1.170  -8.280  1.00 17.18 ? 64  ARG A N   1 
ATOM   515  C CA  . ARG A 1 64  ? -6.840  -1.015  -9.660  1.00 20.38 ? 64  ARG A CA  1 
ATOM   516  C C   . ARG A 1 64  ? -7.328  0.410   -9.934  1.00 21.14 ? 64  ARG A C   1 
ATOM   517  O O   . ARG A 1 64  ? -7.823  1.134   -9.047  1.00 18.56 ? 64  ARG A O   1 
ATOM   518  C CB  . ARG A 1 64  ? -7.942  -2.039  -9.969  1.00 22.87 ? 64  ARG A CB  1 
ATOM   519  C CG  . ARG A 1 64  ? -7.491  -3.473  -9.735  1.00 28.15 ? 64  ARG A CG  1 
ATOM   520  C CD  . ARG A 1 64  ? -6.330  -3.802  -10.669 1.00 33.58 ? 64  ARG A CD  1 
ATOM   521  N NE  . ARG A 1 64  ? -6.718  -4.685  -11.767 1.00 40.25 ? 64  ARG A NE  1 
ATOM   522  C CZ  . ARG A 1 64  ? -6.374  -4.563  -13.056 1.00 42.93 ? 64  ARG A CZ  1 
ATOM   523  N NH1 . ARG A 1 64  ? -5.608  -3.533  -13.463 1.00 44.03 ? 64  ARG A NH1 1 
ATOM   524  N NH2 . ARG A 1 64  ? -6.694  -5.518  -13.919 1.00 43.79 ? 64  ARG A NH2 1 
ATOM   525  N N   . LYS A 1 65  ? -7.136  0.833   -11.181 1.00 24.64 ? 65  LYS A N   1 
ATOM   526  C CA  . LYS A 1 65  ? -7.571  2.154   -11.616 1.00 28.23 ? 65  LYS A CA  1 
ATOM   527  C C   . LYS A 1 65  ? -8.356  1.999   -12.909 1.00 30.52 ? 65  LYS A C   1 
ATOM   528  O O   . LYS A 1 65  ? -7.857  1.452   -13.919 1.00 30.05 ? 65  LYS A O   1 
ATOM   529  C CB  . LYS A 1 65  ? -6.389  3.075   -11.842 1.00 29.73 ? 65  LYS A CB  1 
ATOM   530  C CG  . LYS A 1 65  ? -6.814  4.547   -12.008 1.00 32.47 ? 65  LYS A CG  1 
ATOM   531  C CD  . LYS A 1 65  ? -7.124  4.920   -13.447 1.00 34.87 ? 65  LYS A CD  1 
ATOM   532  C CE  . LYS A 1 65  ? -7.553  6.388   -13.571 1.00 35.54 ? 65  LYS A CE  1 
ATOM   533  N NZ  . LYS A 1 65  ? -8.703  6.671   -12.676 1.00 37.68 ? 65  LYS A NZ  1 
ATOM   534  N N   . LEU A 1 66  ? -9.593  2.472   -12.875 1.00 32.59 ? 66  LEU A N   1 
ATOM   535  C CA  . LEU A 1 66  ? -10.490 2.405   -14.020 1.00 35.78 ? 66  LEU A CA  1 
ATOM   536  C C   . LEU A 1 66  ? -10.203 3.516   -15.011 1.00 37.51 ? 66  LEU A C   1 
ATOM   537  O O   . LEU A 1 66  ? -9.823  4.614   -14.605 1.00 37.00 ? 66  LEU A O   1 
ATOM   538  C CB  . LEU A 1 66  ? -11.919 2.570   -13.548 1.00 36.52 ? 66  LEU A CB  1 
ATOM   539  C CG  . LEU A 1 66  ? -12.396 1.580   -12.562 1.00 36.82 ? 66  LEU A CG  1 
ATOM   540  C CD1 . LEU A 1 66  ? -13.756 2.010   -12.051 1.00 37.20 ? 66  LEU A CD1 1 
ATOM   541  C CD2 . LEU A 1 66  ? -12.446 0.206   -13.213 1.00 36.51 ? 66  LEU A CD2 1 
ATOM   542  N N   . ASP A 1 67  ? -10.428 3.240   -16.297 1.00 39.98 ? 67  ASP A N   1 
ATOM   543  C CA  . ASP A 1 67  ? -10.251 4.255   -17.334 1.00 42.19 ? 67  ASP A CA  1 
ATOM   544  C C   . ASP A 1 67  ? -11.368 5.243   -17.045 1.00 42.60 ? 67  ASP A C   1 
ATOM   545  O O   . ASP A 1 67  ? -11.280 6.439   -17.284 1.00 43.49 ? 67  ASP A O   1 
ATOM   546  C CB  . ASP A 1 67  ? -10.384 3.634   -18.754 1.00 45.04 ? 67  ASP A CB  1 
ATOM   547  C CG  . ASP A 1 67  ? -9.031  3.102   -19.313 1.00 48.16 ? 67  ASP A CG  1 
ATOM   548  O OD1 . ASP A 1 67  ? -7.952  3.636   -18.934 1.00 49.92 ? 67  ASP A OD1 1 
ATOM   549  O OD2 . ASP A 1 67  ? -9.045  2.161   -20.153 1.00 49.43 ? 67  ASP A OD2 1 
ATOM   550  N N   . SER A 1 68  ? -12.409 4.687   -16.429 1.00 42.36 ? 68  SER A N   1 
ATOM   551  C CA  . SER A 1 68  ? -13.593 5.403   -15.975 1.00 42.57 ? 68  SER A CA  1 
ATOM   552  C C   . SER A 1 68  ? -13.254 6.337   -14.784 1.00 41.84 ? 68  SER A C   1 
ATOM   553  O O   . SER A 1 68  ? -14.117 7.133   -14.328 1.00 42.55 ? 68  SER A O   1 
ATOM   554  C CB  . SER A 1 68  ? -14.661 4.377   -15.536 1.00 43.78 ? 68  SER A CB  1 
ATOM   555  O OG  . SER A 1 68  ? -14.330 3.083   -16.039 1.00 46.41 ? 68  SER A OG  1 
ATOM   556  N N   . GLY A 1 69  ? -12.068 6.159   -14.196 1.00 39.96 ? 69  GLY A N   1 
ATOM   557  C CA  . GLY A 1 69  ? -11.663 7.045   -13.121 1.00 36.77 ? 69  GLY A CA  1 
ATOM   558  C C   . GLY A 1 69  ? -11.440 6.592   -11.694 1.00 33.77 ? 69  GLY A C   1 
ATOM   559  O O   . GLY A 1 69  ? -10.607 7.177   -11.007 1.00 34.62 ? 69  GLY A O   1 
ATOM   560  N N   . GLY A 1 70  ? -12.159 5.577   -11.236 1.00 31.11 ? 70  GLY A N   1 
ATOM   561  C CA  . GLY A 1 70  ? -11.988 5.158   -9.855  1.00 26.59 ? 70  GLY A CA  1 
ATOM   562  C C   . GLY A 1 70  ? -10.768 4.307   -9.528  1.00 23.89 ? 70  GLY A C   1 
ATOM   563  O O   . GLY A 1 70  ? -10.259 3.553   -10.391 1.00 22.80 ? 70  GLY A O   1 
ATOM   564  N N   . PHE A 1 71  ? -10.276 4.474   -8.297  1.00 20.29 ? 71  PHE A N   1 
ATOM   565  C CA  . PHE A 1 71  ? -9.164  3.694   -7.736  1.00 17.49 ? 71  PHE A CA  1 
ATOM   566  C C   . PHE A 1 71  ? -9.785  2.806   -6.644  1.00 15.46 ? 71  PHE A C   1 
ATOM   567  O O   . PHE A 1 71  ? -10.703 3.252   -5.897  1.00 14.08 ? 71  PHE A O   1 
ATOM   568  C CB  . PHE A 1 71  ? -8.135  4.597   -7.056  1.00 16.25 ? 71  PHE A CB  1 
ATOM   569  C CG  . PHE A 1 71  ? -7.362  5.435   -8.000  1.00 17.56 ? 71  PHE A CG  1 
ATOM   570  C CD1 . PHE A 1 71  ? -7.885  6.637   -8.455  1.00 18.43 ? 71  PHE A CD1 1 
ATOM   571  C CD2 . PHE A 1 71  ? -6.103  5.036   -8.423  1.00 17.43 ? 71  PHE A CD2 1 
ATOM   572  C CE1 . PHE A 1 71  ? -7.158  7.447   -9.336  1.00 19.49 ? 71  PHE A CE1 1 
ATOM   573  C CE2 . PHE A 1 71  ? -5.363  5.826   -9.301  1.00 19.08 ? 71  PHE A CE2 1 
ATOM   574  C CZ  . PHE A 1 71  ? -5.889  7.041   -9.757  1.00 19.56 ? 71  PHE A CZ  1 
ATOM   575  N N   . TYR A 1 72  ? -9.316  1.566   -6.536  1.00 13.33 ? 72  TYR A N   1 
ATOM   576  C CA  . TYR A 1 72  ? -9.831  0.662   -5.499  1.00 11.84 ? 72  TYR A CA  1 
ATOM   577  C C   . TYR A 1 72  ? -8.997  -0.608  -5.323  1.00 10.40 ? 72  TYR A C   1 
ATOM   578  O O   . TYR A 1 72  ? -8.186  -0.971  -6.211  1.00 9.64  ? 72  TYR A O   1 
ATOM   579  C CB  . TYR A 1 72  ? -11.290 0.250   -5.843  1.00 11.86 ? 72  TYR A CB  1 
ATOM   580  C CG  . TYR A 1 72  ? -11.391 -0.513  -7.143  1.00 12.81 ? 72  TYR A CG  1 
ATOM   581  C CD1 . TYR A 1 72  ? -11.103 -1.897  -7.209  1.00 14.51 ? 72  TYR A CD1 1 
ATOM   582  C CD2 . TYR A 1 72  ? -11.791 0.131   -8.313  1.00 15.19 ? 72  TYR A CD2 1 
ATOM   583  C CE1 . TYR A 1 72  ? -11.226 -2.617  -8.411  1.00 14.39 ? 72  TYR A CE1 1 
ATOM   584  C CE2 . TYR A 1 72  ? -11.912 -0.584  -9.517  1.00 17.48 ? 72  TYR A CE2 1 
ATOM   585  C CZ  . TYR A 1 72  ? -11.636 -1.942  -9.538  1.00 16.49 ? 72  TYR A CZ  1 
ATOM   586  O OH  . TYR A 1 72  ? -11.845 -2.613  -10.693 1.00 19.73 ? 72  TYR A OH  1 
ATOM   587  N N   . ILE A 1 73  ? -9.156  -1.223  -4.148  1.00 9.98  ? 73  ILE A N   1 
ATOM   588  C CA  . ILE A 1 73  ? -8.560  -2.533  -3.853  1.00 10.12 ? 73  ILE A CA  1 
ATOM   589  C C   . ILE A 1 73  ? -9.746  -3.503  -4.096  1.00 10.54 ? 73  ILE A C   1 
ATOM   590  O O   . ILE A 1 73  ? -9.565  -4.523  -4.747  1.00 11.72 ? 73  ILE A O   1 
ATOM   591  C CB  . ILE A 1 73  ? -8.011  -2.629  -2.408  1.00 10.91 ? 73  ILE A CB  1 
ATOM   592  C CG1 . ILE A 1 73  ? -6.759  -1.679  -2.257  1.00 10.80 ? 73  ILE A CG1 1 
ATOM   593  C CG2 . ILE A 1 73  ? -7.626  -4.094  -2.067  1.00 8.92  ? 73  ILE A CG2 1 
ATOM   594  C CD1 . ILE A 1 73  ? -6.194  -1.625  -0.837  1.00 12.91 ? 73  ILE A CD1 1 
ATOM   595  N N   . THR A 1 74  ? -10.929 -3.187  -3.551  1.00 10.35 ? 74  THR A N   1 
ATOM   596  C CA  . THR A 1 74  ? -12.146 -3.971  -3.820  1.00 10.06 ? 74  THR A CA  1 
ATOM   597  C C   . THR A 1 74  ? -13.058 -3.059  -4.642  1.00 11.58 ? 74  THR A C   1 
ATOM   598  O O   . THR A 1 74  ? -13.237 -1.887  -4.312  1.00 10.03 ? 74  THR A O   1 
ATOM   599  C CB  . THR A 1 74  ? -12.887 -4.497  -2.548  1.00 10.32 ? 74  THR A CB  1 
ATOM   600  O OG1 . THR A 1 74  ? -14.106 -5.141  -2.956  1.00 10.34 ? 74  THR A OG1 1 
ATOM   601  C CG2 . THR A 1 74  ? -13.213 -3.398  -1.556  1.00 10.34 ? 74  THR A CG2 1 
ATOM   602  N N   . SER A 1 75  ? -13.675 -3.590  -5.692  1.00 11.22 ? 75  SER A N   1 
ATOM   603  C CA  . SER A 1 75  ? -14.518 -2.766  -6.548  1.00 13.33 ? 75  SER A CA  1 
ATOM   604  C C   . SER A 1 75  ? -15.744 -2.190  -5.842  1.00 12.38 ? 75  SER A C   1 
ATOM   605  O O   . SER A 1 75  ? -16.337 -1.259  -6.354  1.00 12.38 ? 75  SER A O   1 
ATOM   606  C CB  . SER A 1 75  ? -14.959 -3.562  -7.851  1.00 14.15 ? 75  SER A CB  1 
ATOM   607  O OG  . SER A 1 75  ? -15.917 -4.540  -7.513  1.00 16.84 ? 75  SER A OG  1 
ATOM   608  N N   . ARG A 1 76  ? -16.094 -2.713  -4.672  1.00 13.19 ? 76  ARG A N   1 
ATOM   609  C CA  . ARG A 1 76  ? -17.263 -2.198  -3.975  1.00 15.68 ? 76  ARG A CA  1 
ATOM   610  C C   . ARG A 1 76  ? -16.896 -0.923  -3.243  1.00 15.12 ? 76  ARG A C   1 
ATOM   611  O O   . ARG A 1 76  ? -17.794 -0.251  -2.791  1.00 17.14 ? 76  ARG A O   1 
ATOM   612  C CB  . ARG A 1 76  ? -17.800 -3.202  -2.945  1.00 18.60 ? 76  ARG A CB  1 
ATOM   613  C CG  . ARG A 1 76  ? -17.724 -4.670  -3.374  1.00 25.97 ? 76  ARG A CG  1 
ATOM   614  C CD  . ARG A 1 76  ? -18.914 -5.245  -4.228  1.00 30.78 ? 76  ARG A CD  1 
ATOM   615  N NE  . ARG A 1 76  ? -18.786 -6.719  -4.297  1.00 36.49 ? 76  ARG A NE  1 
ATOM   616  C CZ  . ARG A 1 76  ? -19.757 -7.595  -4.001  1.00 38.11 ? 76  ARG A CZ  1 
ATOM   617  N NH1 . ARG A 1 76  ? -20.959 -7.166  -3.631  1.00 39.01 ? 76  ARG A NH1 1 
ATOM   618  N NH2 . ARG A 1 76  ? -19.499 -8.912  -3.976  1.00 38.61 ? 76  ARG A NH2 1 
ATOM   619  N N   . THR A 1 77  ? -15.614 -0.580  -3.166  1.00 13.24 ? 77  THR A N   1 
ATOM   620  C CA  . THR A 1 77  ? -15.190 0.617   -2.420  1.00 13.19 ? 77  THR A CA  1 
ATOM   621  C C   . THR A 1 77  ? -14.150 1.385   -3.225  1.00 12.93 ? 77  THR A C   1 
ATOM   622  O O   . THR A 1 77  ? -12.940 1.142   -3.106  1.00 12.92 ? 77  THR A O   1 
ATOM   623  C CB  . THR A 1 77  ? -14.612 0.197   -1.035  1.00 13.77 ? 77  THR A CB  1 
ATOM   624  O OG1 . THR A 1 77  ? -15.560 -0.670  -0.390  1.00 15.30 ? 77  THR A OG1 1 
ATOM   625  C CG2 . THR A 1 77  ? -14.331 1.409   -0.134  1.00 12.83 ? 77  THR A CG2 1 
ATOM   626  N N   . GLN A 1 78  ? -14.636 2.342   -4.014  1.00 11.70 ? 78  GLN A N   1 
ATOM   627  C CA  . GLN A 1 78  ? -13.790 3.119   -4.902  1.00 11.71 ? 78  GLN A CA  1 
ATOM   628  C C   . GLN A 1 78  ? -13.574 4.554   -4.471  1.00 11.47 ? 78  GLN A C   1 
ATOM   629  O O   . GLN A 1 78  ? -14.365 5.144   -3.717  1.00 11.74 ? 78  GLN A O   1 
ATOM   630  C CB  . GLN A 1 78  ? -14.354 3.086   -6.271  1.00 12.25 ? 78  GLN A CB  1 
ATOM   631  C CG  . GLN A 1 78  ? -14.648 1.693   -6.716  1.00 14.70 ? 78  GLN A CG  1 
ATOM   632  C CD  . GLN A 1 78  ? -15.119 1.583   -8.152  1.00 17.53 ? 78  GLN A CD  1 
ATOM   633  O OE1 . GLN A 1 78  ? -15.684 0.541   -8.538  1.00 18.77 ? 78  GLN A OE1 1 
ATOM   634  N NE2 . GLN A 1 78  ? -14.865 2.612   -8.968  1.00 17.68 ? 78  GLN A NE2 1 
ATOM   635  N N   . PHE A 1 79  ? -12.503 5.125   -5.007  1.00 12.24 ? 79  PHE A N   1 
ATOM   636  C CA  . PHE A 1 79  ? -12.096 6.491   -4.702  1.00 13.34 ? 79  PHE A CA  1 
ATOM   637  C C   . PHE A 1 79  ? -11.741 7.276   -5.981  1.00 14.20 ? 79  PHE A C   1 
ATOM   638  O O   . PHE A 1 79  ? -11.321 6.730   -7.018  1.00 13.79 ? 79  PHE A O   1 
ATOM   639  C CB  . PHE A 1 79  ? -10.899 6.449   -3.729  1.00 12.27 ? 79  PHE A CB  1 
ATOM   640  C CG  . PHE A 1 79  ? -11.189 5.686   -2.483  1.00 12.35 ? 79  PHE A CG  1 
ATOM   641  C CD1 . PHE A 1 79  ? -10.900 4.336   -2.405  1.00 10.99 ? 79  PHE A CD1 1 
ATOM   642  C CD2 . PHE A 1 79  ? -11.852 6.291   -1.418  1.00 11.82 ? 79  PHE A CD2 1 
ATOM   643  C CE1 . PHE A 1 79  ? -11.274 3.603   -1.288  1.00 12.08 ? 79  PHE A CE1 1 
ATOM   644  C CE2 . PHE A 1 79  ? -12.221 5.561   -0.309  1.00 12.00 ? 79  PHE A CE2 1 
ATOM   645  C CZ  . PHE A 1 79  ? -11.937 4.215   -0.243  1.00 12.00 ? 79  PHE A CZ  1 
ATOM   646  N N   . ASN A 1 80  ? -11.954 8.588   -5.907  1.00 15.76 ? 80  ASN A N   1 
ATOM   647  C CA  . ASN A 1 80  ? -11.673 9.484   -7.020  1.00 16.93 ? 80  ASN A CA  1 
ATOM   648  C C   . ASN A 1 80  ? -10.169 9.700   -7.243  1.00 16.89 ? 80  ASN A C   1 
ATOM   649  O O   . ASN A 1 80  ? -9.772  10.220  -8.271  1.00 18.37 ? 80  ASN A O   1 
ATOM   650  C CB  . ASN A 1 80  ? -12.394 10.887  -6.792  1.00 17.98 ? 80  ASN A CB  1 
ATOM   651  C CG  . ASN A 1 80  ? -13.901 10.761  -6.728  1.00 20.24 ? 80  ASN A CG  1 
ATOM   652  O OD1 . ASN A 1 80  ? -14.485 9.866   -7.351  1.00 19.02 ? 80  ASN A OD1 1 
ATOM   653  N ND2 . ASN A 1 80  ? -14.545 11.638  -5.954  1.00 20.24 ? 80  ASN A ND2 1 
ATOM   654  N N   . SER A 1 81  ? -9.348  9.358   -6.252  1.00 16.44 ? 81  SER A N   1 
ATOM   655  C CA  . SER A 1 81  ? -7.893  9.519   -6.350  1.00 15.34 ? 81  SER A CA  1 
ATOM   656  C C   . SER A 1 81  ? -7.152  8.515   -5.461  1.00 14.64 ? 81  SER A C   1 
ATOM   657  O O   . SER A 1 81  ? -7.685  8.041   -4.450  1.00 15.42 ? 81  SER A O   1 
ATOM   658  C CB  . SER A 1 81  ? -7.486  10.946  -5.888  1.00 13.95 ? 81  SER A CB  1 
ATOM   659  O OG  . SER A 1 81  ? -7.765  11.109  -4.508  1.00 12.83 ? 81  SER A OG  1 
ATOM   660  N N   . LEU A 1 82  ? -5.906  8.237   -5.814  1.00 14.03 ? 82  LEU A N   1 
ATOM   661  C CA  . LEU A 1 82  ? -5.063  7.358   -5.025  1.00 14.56 ? 82  LEU A CA  1 
ATOM   662  C C   . LEU A 1 82  ? -4.894  7.916   -3.589  1.00 14.27 ? 82  LEU A C   1 
ATOM   663  O O   . LEU A 1 82  ? -4.886  7.206   -2.592  1.00 14.35 ? 82  LEU A O   1 
ATOM   664  C CB  . LEU A 1 82  ? -3.715  7.229   -5.731  1.00 15.42 ? 82  LEU A CB  1 
ATOM   665  C CG  . LEU A 1 82  ? -2.753  6.109   -5.347  1.00 17.36 ? 82  LEU A CG  1 
ATOM   666  C CD1 . LEU A 1 82  ? -3.470  4.761   -5.265  1.00 17.79 ? 82  LEU A CD1 1 
ATOM   667  C CD2 . LEU A 1 82  ? -1.642  6.051   -6.404  1.00 18.71 ? 82  LEU A CD2 1 
ATOM   668  N N   . GLN A 1 83  ? -4.800  9.234   -3.488  1.00 14.34 ? 83  GLN A N   1 
ATOM   669  C CA  . GLN A 1 83  ? -4.655  9.915   -2.206  1.00 14.94 ? 83  GLN A CA  1 
ATOM   670  C C   . GLN A 1 83  ? -5.880  9.746   -1.296  1.00 14.44 ? 83  GLN A C   1 
ATOM   671  O O   . GLN A 1 83  ? -5.762  9.564   -0.090  1.00 13.41 ? 83  GLN A O   1 
ATOM   672  C CB  . GLN A 1 83  ? -4.341  11.422  -2.449  1.00 17.92 ? 83  GLN A CB  1 
ATOM   673  C CG  . GLN A 1 83  ? -2.984  11.622  -3.280  1.00 21.41 ? 83  GLN A CG  1 
ATOM   674  C CD  . GLN A 1 83  ? -3.118  11.868  -4.808  1.00 22.41 ? 83  GLN A CD  1 
ATOM   675  O OE1 . GLN A 1 83  ? -2.320  12.638  -5.387  1.00 25.10 ? 83  GLN A OE1 1 
ATOM   676  N NE2 . GLN A 1 83  ? -4.073  11.215  -5.465  1.00 20.94 ? 83  GLN A NE2 1 
ATOM   677  N N   . GLN A 1 84  ? -7.070  9.774   -1.884  1.00 13.59 ? 84  GLN A N   1 
ATOM   678  C CA  . GLN A 1 84  ? -8.298  9.594   -1.095  1.00 13.72 ? 84  GLN A CA  1 
ATOM   679  C C   . GLN A 1 84  ? -8.395  8.153   -0.608  1.00 11.49 ? 84  GLN A C   1 
ATOM   680  O O   . GLN A 1 84  ? -8.907  7.886   0.460   1.00 10.96 ? 84  GLN A O   1 
ATOM   681  C CB  . GLN A 1 84  ? -9.520  10.010  -1.919  1.00 15.70 ? 84  GLN A CB  1 
ATOM   682  C CG  . GLN A 1 84  ? -9.725  11.520  -1.903  1.00 18.95 ? 84  GLN A CG  1 
ATOM   683  C CD  . GLN A 1 84  ? -10.680 11.982  -2.977  1.00 21.71 ? 84  GLN A CD  1 
ATOM   684  O OE1 . GLN A 1 84  ? -10.446 11.744  -4.174  1.00 23.94 ? 84  GLN A OE1 1 
ATOM   685  N NE2 . GLN A 1 84  ? -11.741 12.661  -2.579  1.00 22.10 ? 84  GLN A NE2 1 
ATOM   686  N N   . LEU A 1 85  ? -7.867  7.234   -1.421  1.00 11.49 ? 85  LEU A N   1 
ATOM   687  C CA  . LEU A 1 85  ? -7.819  5.803   -1.072  1.00 11.40 ? 85  LEU A CA  1 
ATOM   688  C C   . LEU A 1 85  ? -6.886  5.618   0.142   1.00 10.77 ? 85  LEU A C   1 
ATOM   689  O O   . LEU A 1 85  ? -7.263  5.000   1.143   1.00 10.62 ? 85  LEU A O   1 
ATOM   690  C CB  . LEU A 1 85  ? -7.299  4.940   -2.273  1.00 10.55 ? 85  LEU A CB  1 
ATOM   691  C CG  . LEU A 1 85  ? -7.293  3.409   -2.058  1.00 10.93 ? 85  LEU A CG  1 
ATOM   692  C CD1 . LEU A 1 85  ? -7.509  2.719   -3.380  1.00 10.62 ? 85  LEU A CD1 1 
ATOM   693  C CD2 . LEU A 1 85  ? -5.967  2.968   -1.442  1.00 10.72 ? 85  LEU A CD2 1 
ATOM   694  N N   . VAL A 1 86  ? -5.667  6.162   0.044   1.00 11.63 ? 86  VAL A N   1 
ATOM   695  C CA  . VAL A 1 86  ? -4.705  6.089   1.139   1.00 11.99 ? 86  VAL A CA  1 
ATOM   696  C C   . VAL A 1 86  ? -5.281  6.737   2.396   1.00 11.76 ? 86  VAL A C   1 
ATOM   697  O O   . VAL A 1 86  ? -5.209  6.145   3.456   1.00 11.86 ? 86  VAL A O   1 
ATOM   698  C CB  . VAL A 1 86  ? -3.374  6.747   0.730   1.00 12.94 ? 86  VAL A CB  1 
ATOM   699  C CG1 . VAL A 1 86  ? -2.492  7.035   1.977   1.00 13.66 ? 86  VAL A CG1 1 
ATOM   700  C CG2 . VAL A 1 86  ? -2.656  5.831   -0.276  1.00 13.19 ? 86  VAL A CG2 1 
ATOM   701  N N   . ALA A 1 87  ? -5.965  7.874   2.267   1.00 12.52 ? 87  ALA A N   1 
ATOM   702  C CA  . ALA A 1 87  ? -6.539  8.517   3.449   1.00 12.28 ? 87  ALA A CA  1 
ATOM   703  C C   . ALA A 1 87  ? -7.616  7.637   4.051   1.00 12.67 ? 87  ALA A C   1 
ATOM   704  O O   . ALA A 1 87  ? -7.597  7.447   5.272   1.00 14.19 ? 87  ALA A O   1 
ATOM   705  C CB  . ALA A 1 87  ? -7.099  9.930   3.126   1.00 13.88 ? 87  ALA A CB  1 
ATOM   706  N N   . TYR A 1 88  ? -8.481  7.037   3.229   1.00 11.56 ? 88  TYR A N   1 
ATOM   707  C CA  . TYR A 1 88  ? -9.538  6.169   3.760   1.00 11.44 ? 88  TYR A CA  1 
ATOM   708  C C   . TYR A 1 88  ? -8.980  4.974   4.549   1.00 10.90 ? 88  TYR A C   1 
ATOM   709  O O   . TYR A 1 88  ? -9.427  4.678   5.664   1.00 10.54 ? 88  TYR A O   1 
ATOM   710  C CB  . TYR A 1 88  ? -10.444 5.669   2.614   1.00 11.48 ? 88  TYR A CB  1 
ATOM   711  C CG  . TYR A 1 88  ? -11.518 4.720   3.069   1.00 13.29 ? 88  TYR A CG  1 
ATOM   712  C CD1 . TYR A 1 88  ? -12.773 5.190   3.483   1.00 14.20 ? 88  TYR A CD1 1 
ATOM   713  C CD2 . TYR A 1 88  ? -11.281 3.339   3.086   1.00 14.12 ? 88  TYR A CD2 1 
ATOM   714  C CE1 . TYR A 1 88  ? -13.774 4.295   3.902   1.00 14.66 ? 88  TYR A CE1 1 
ATOM   715  C CE2 . TYR A 1 88  ? -12.260 2.445   3.511   1.00 13.78 ? 88  TYR A CE2 1 
ATOM   716  C CZ  . TYR A 1 88  ? -13.494 2.925   3.912   1.00 16.05 ? 88  TYR A CZ  1 
ATOM   717  O OH  . TYR A 1 88  ? -14.430 2.008   4.326   1.00 18.30 ? 88  TYR A OH  1 
ATOM   718  N N   . TYR A 1 89  ? -8.002  4.283   3.969   1.00 11.09 ? 89  TYR A N   1 
ATOM   719  C CA  . TYR A 1 89  ? -7.414  3.121   4.632   1.00 10.97 ? 89  TYR A CA  1 
ATOM   720  C C   . TYR A 1 89  ? -6.496  3.429   5.823   1.00 11.32 ? 89  TYR A C   1 
ATOM   721  O O   . TYR A 1 89  ? -6.047  2.535   6.471   1.00 9.60  ? 89  TYR A O   1 
ATOM   722  C CB  . TYR A 1 89  ? -6.739  2.171   3.574   1.00 11.47 ? 89  TYR A CB  1 
ATOM   723  C CG  . TYR A 1 89  ? -7.794  1.465   2.720   1.00 11.57 ? 89  TYR A CG  1 
ATOM   724  C CD1 . TYR A 1 89  ? -7.945  1.746   1.335   1.00 9.95  ? 89  TYR A CD1 1 
ATOM   725  C CD2 . TYR A 1 89  ? -8.698  0.568   3.325   1.00 10.52 ? 89  TYR A CD2 1 
ATOM   726  C CE1 . TYR A 1 89  ? -8.989  1.147   0.585   1.00 9.46  ? 89  TYR A CE1 1 
ATOM   727  C CE2 . TYR A 1 89  ? -9.732  -0.027  2.581   1.00 9.99  ? 89  TYR A CE2 1 
ATOM   728  C CZ  . TYR A 1 89  ? -9.866  0.276   1.219   1.00 10.62 ? 89  TYR A CZ  1 
ATOM   729  O OH  . TYR A 1 89  ? -10.909 -0.288  0.536   1.00 11.07 ? 89  TYR A OH  1 
ATOM   730  N N   . SER A 1 90  ? -6.202  4.708   6.045   1.00 12.13 ? 90  SER A N   1 
ATOM   731  C CA  . SER A 1 90  ? -5.411  5.133   7.193   1.00 13.86 ? 90  SER A CA  1 
ATOM   732  C C   . SER A 1 90  ? -6.349  5.245   8.388   1.00 16.16 ? 90  SER A C   1 
ATOM   733  O O   . SER A 1 90  ? -5.877  5.325   9.534   1.00 16.79 ? 90  SER A O   1 
ATOM   734  C CB  . SER A 1 90  ? -4.794  6.487   6.948   1.00 12.56 ? 90  SER A CB  1 
ATOM   735  O OG  . SER A 1 90  ? -3.795  6.426   5.954   1.00 13.46 ? 90  SER A OG  1 
ATOM   736  N N   . LYS A 1 91  ? -7.664  5.266   8.115   1.00 16.62 ? 91  LYS A N   1 
ATOM   737  C CA  . LYS A 1 91  ? -8.713  5.364   9.148   1.00 18.33 ? 91  LYS A CA  1 
ATOM   738  C C   . LYS A 1 91  ? -9.561  4.106   9.276   1.00 18.02 ? 91  LYS A C   1 
ATOM   739  O O   . LYS A 1 91  ? -10.209 3.925   10.267  1.00 18.32 ? 91  LYS A O   1 
ATOM   740  C CB  . LYS A 1 91  ? -9.647  6.550   8.841   1.00 20.98 ? 91  LYS A CB  1 
ATOM   741  C CG  . LYS A 1 91  ? -8.975  7.913   8.984   1.00 25.35 ? 91  LYS A CG  1 
ATOM   742  C CD  . LYS A 1 91  ? -9.642  8.740   10.121  1.00 30.12 ? 91  LYS A CD  1 
ATOM   743  C CE  . LYS A 1 91  ? -9.153  10.233  10.190  1.00 31.59 ? 91  LYS A CE  1 
ATOM   744  N NZ  . LYS A 1 91  ? -9.122  10.892  8.802   1.00 33.14 ? 91  LYS A NZ  1 
ATOM   745  N N   . HIS A 1 92  ? -9.574  3.249   8.260   1.00 16.84 ? 92  HIS A N   1 
ATOM   746  C CA  . HIS A 1 92  ? -10.379 2.029   8.315   1.00 16.47 ? 92  HIS A CA  1 
ATOM   747  C C   . HIS A 1 92  ? -9.512  0.846   7.930   1.00 14.77 ? 92  HIS A C   1 
ATOM   748  O O   . HIS A 1 92  ? -8.881  0.910   6.893   1.00 15.01 ? 92  HIS A O   1 
ATOM   749  C CB  . HIS A 1 92  ? -11.535 2.075   7.299   1.00 18.09 ? 92  HIS A CB  1 
ATOM   750  C CG  . HIS A 1 92  ? -12.314 3.349   7.335   1.00 19.28 ? 92  HIS A CG  1 
ATOM   751  N ND1 . HIS A 1 92  ? -13.558 3.443   7.917   1.00 21.50 ? 92  HIS A ND1 1 
ATOM   752  C CD2 . HIS A 1 92  ? -12.012 4.589   6.881   1.00 19.61 ? 92  HIS A CD2 1 
ATOM   753  C CE1 . HIS A 1 92  ? -13.992 4.691   7.825   1.00 21.36 ? 92  HIS A CE1 1 
ATOM   754  N NE2 . HIS A 1 92  ? -13.072 5.407   7.199   1.00 21.58 ? 92  HIS A NE2 1 
ATOM   755  N N   . ALA A 1 93  ? -9.488  -0.197  8.743   1.00 13.59 ? 93  ALA A N   1 
ATOM   756  C CA  . ALA A 1 93  ? -8.724  -1.377  8.382   1.00 13.32 ? 93  ALA A CA  1 
ATOM   757  C C   . ALA A 1 93  ? -9.531  -2.173  7.314   1.00 12.83 ? 93  ALA A C   1 
ATOM   758  O O   . ALA A 1 93  ? -8.951  -2.612  6.330   1.00 13.02 ? 93  ALA A O   1 
ATOM   759  C CB  . ALA A 1 93  ? -8.441  -2.242  9.620   1.00 11.04 ? 93  ALA A CB  1 
ATOM   760  N N   . ASP A 1 94  ? -10.854 -2.278  7.462   1.00 12.05 ? 94  ASP A N   1 
ATOM   761  C CA  . ASP A 1 94  ? -11.656 -3.077  6.512   1.00 10.99 ? 94  ASP A CA  1 
ATOM   762  C C   . ASP A 1 94  ? -11.005 -4.451  6.244   1.00 11.25 ? 94  ASP A C   1 
ATOM   763  O O   . ASP A 1 94  ? -10.832 -5.201  7.223   1.00 12.09 ? 94  ASP A O   1 
ATOM   764  C CB  . ASP A 1 94  ? -11.950 -2.276  5.212   1.00 11.00 ? 94  ASP A CB  1 
ATOM   765  C CG  . ASP A 1 94  ? -12.921 -1.101  5.463   1.00 12.46 ? 94  ASP A CG  1 
ATOM   766  O OD1 . ASP A 1 94  ? -13.321 -0.897  6.643   1.00 14.52 ? 94  ASP A OD1 1 
ATOM   767  O OD2 . ASP A 1 94  ? -13.283 -0.379  4.501   1.00 12.92 ? 94  ASP A OD2 1 
ATOM   768  N N   . GLY A 1 95  ? -10.599 -4.767  5.017   1.00 11.18 ? 95  GLY A N   1 
ATOM   769  C CA  . GLY A 1 95  ? -9.970  -6.060  4.759   1.00 9.45  ? 95  GLY A CA  1 
ATOM   770  C C   . GLY A 1 95  ? -8.451  -6.101  4.798   1.00 9.67  ? 95  GLY A C   1 
ATOM   771  O O   . GLY A 1 95  ? -7.823  -7.153  4.501   1.00 9.96  ? 95  GLY A O   1 
ATOM   772  N N   . LEU A 1 96  ? -7.839  -4.971  5.153   1.00 9.36  ? 96  LEU A N   1 
ATOM   773  C CA  . LEU A 1 96  ? -6.377  -4.873  5.245   1.00 9.85  ? 96  LEU A CA  1 
ATOM   774  C C   . LEU A 1 96  ? -5.845  -5.536  6.514   1.00 9.35  ? 96  LEU A C   1 
ATOM   775  O O   . LEU A 1 96  ? -6.572  -5.676  7.513   1.00 9.09  ? 96  LEU A O   1 
ATOM   776  C CB  . LEU A 1 96  ? -5.962  -3.356  5.280   1.00 10.15 ? 96  LEU A CB  1 
ATOM   777  C CG  . LEU A 1 96  ? -6.366  -2.452  4.101   1.00 12.02 ? 96  LEU A CG  1 
ATOM   778  C CD1 . LEU A 1 96  ? -5.753  -1.066  4.313   1.00 11.23 ? 96  LEU A CD1 1 
ATOM   779  C CD2 . LEU A 1 96  ? -5.884  -3.053  2.753   1.00 12.10 ? 96  LEU A CD2 1 
ATOM   780  N N   . CYS A 1 97  ? -4.549  -5.827  6.529   1.00 8.76  ? 97  CYS A N   1 
ATOM   781  C CA  . CYS A 1 97  ? -3.928  -6.422  7.714   1.00 9.85  ? 97  CYS A CA  1 
ATOM   782  C C   . CYS A 1 97  ? -3.885  -5.424  8.895   1.00 9.61  ? 97  CYS A C   1 
ATOM   783  O O   . CYS A 1 97  ? -3.833  -5.831  10.119  1.00 10.29 ? 97  CYS A O   1 
ATOM   784  C CB  . CYS A 1 97  ? -2.516  -6.952  7.395   1.00 10.41 ? 97  CYS A CB  1 
ATOM   785  S SG  . CYS A 1 97  ? -1.370  -5.722  6.736   1.00 11.27 ? 97  CYS A SG  1 
ATOM   786  N N   . HIS A 1 98  ? -3.934  -4.134  8.568   1.00 9.63  ? 98  HIS A N   1 
ATOM   787  C CA  . HIS A 1 98  ? -3.925  -3.076  9.588   1.00 9.40  ? 98  HIS A CA  1 
ATOM   788  C C   . HIS A 1 98  ? -4.213  -1.768  8.878   1.00 8.95  ? 98  HIS A C   1 
ATOM   789  O O   . HIS A 1 98  ? -3.960  -1.677  7.674   1.00 10.65 ? 98  HIS A O   1 
ATOM   790  C CB  . HIS A 1 98  ? -2.486  -2.995  10.272  1.00 10.01 ? 98  HIS A CB  1 
ATOM   791  C CG  . HIS A 1 98  ? -2.441  -2.179  11.530  1.00 8.08  ? 98  HIS A CG  1 
ATOM   792  N ND1 . HIS A 1 98  ? -2.300  -0.805  11.538  1.00 9.18  ? 98  HIS A ND1 1 
ATOM   793  C CD2 . HIS A 1 98  ? -2.545  -2.552  12.823  1.00 8.22  ? 98  HIS A CD2 1 
ATOM   794  C CE1 . HIS A 1 98  ? -2.328  -0.366  12.780  1.00 8.34  ? 98  HIS A CE1 1 
ATOM   795  N NE2 . HIS A 1 98  ? -2.476  -1.405  13.579  1.00 9.15  ? 98  HIS A NE2 1 
ATOM   796  N N   . ARG A 1 99  ? -4.749  -0.775  9.574   1.00 8.27  ? 99  ARG A N   1 
ATOM   797  C CA  . ARG A 1 99  ? -4.957  0.510   8.921   1.00 9.22  ? 99  ARG A CA  1 
ATOM   798  C C   . ARG A 1 99  ? -3.550  1.080   8.599   1.00 8.79  ? 99  ARG A C   1 
ATOM   799  O O   . ARG A 1 99  ? -2.584  0.738   9.309   1.00 9.31  ? 99  ARG A O   1 
ATOM   800  C CB  . ARG A 1 99  ? -5.736  1.518   9.854   1.00 10.94 ? 99  ARG A CB  1 
ATOM   801  C CG  . ARG A 1 99  ? -4.898  2.128   10.915  1.00 13.64 ? 99  ARG A CG  1 
ATOM   802  C CD  . ARG A 1 99  ? -5.663  3.234   11.739  1.00 16.73 ? 99  ARG A CD  1 
ATOM   803  N NE  . ARG A 1 99  ? -4.784  3.698   12.808  1.00 18.19 ? 99  ARG A NE  1 
ATOM   804  C CZ  . ARG A 1 99  ? -3.936  4.723   12.711  1.00 18.90 ? 99  ARG A CZ  1 
ATOM   805  N NH1 . ARG A 1 99  ? -3.850  5.446   11.588  1.00 18.11 ? 99  ARG A NH1 1 
ATOM   806  N NH2 . ARG A 1 99  ? -3.096  4.958   13.717  1.00 18.63 ? 99  ARG A NH2 1 
ATOM   807  N N   . LEU A 1 100 ? -3.428  1.880   7.543   1.00 9.04  ? 100 LEU A N   1 
ATOM   808  C CA  . LEU A 1 100 ? -2.144  2.503   7.169   1.00 9.07  ? 100 LEU A CA  1 
ATOM   809  C C   . LEU A 1 100 ? -1.787  3.529   8.259   1.00 10.26 ? 100 LEU A C   1 
ATOM   810  O O   . LEU A 1 100 ? -2.636  4.347   8.665   1.00 11.20 ? 100 LEU A O   1 
ATOM   811  C CB  . LEU A 1 100 ? -2.268  3.206   5.819   1.00 8.27  ? 100 LEU A CB  1 
ATOM   812  C CG  . LEU A 1 100 ? -2.818  2.245   4.719   1.00 7.50  ? 100 LEU A CG  1 
ATOM   813  C CD1 . LEU A 1 100 ? -2.948  3.023   3.409   1.00 8.51  ? 100 LEU A CD1 1 
ATOM   814  C CD2 . LEU A 1 100 ? -1.934  0.971   4.603   1.00 6.80  ? 100 LEU A CD2 1 
ATOM   815  N N   . THR A 1 101 ? -0.537  3.489   8.703   1.00 9.93  ? 101 THR A N   1 
ATOM   816  C CA  . THR A 1 101 ? -0.066  4.389   9.747   1.00 10.68 ? 101 THR A CA  1 
ATOM   817  C C   . THR A 1 101 ? 0.916   5.458   9.199   1.00 12.12 ? 101 THR A C   1 
ATOM   818  O O   . THR A 1 101 ? 0.486   6.591   8.869   1.00 13.13 ? 101 THR A O   1 
ATOM   819  C CB  . THR A 1 101 ? 0.513   3.544   10.939  1.00 11.09 ? 101 THR A CB  1 
ATOM   820  O OG1 . THR A 1 101 ? 1.513   2.615   10.456  1.00 10.55 ? 101 THR A OG1 1 
ATOM   821  C CG2 . THR A 1 101 ? -0.604  2.732   11.560  1.00 9.71  ? 101 THR A CG2 1 
ATOM   822  N N   . THR A 1 102 ? 2.184   5.107   8.982   1.00 12.39 ? 102 THR A N   1 
ATOM   823  C CA  . THR A 1 102 ? 3.144   6.102   8.473   1.00 13.42 ? 102 THR A CA  1 
ATOM   824  C C   . THR A 1 102 ? 3.961   5.547   7.302   1.00 12.61 ? 102 THR A C   1 
ATOM   825  O O   . THR A 1 102 ? 4.042   4.299   7.130   1.00 10.25 ? 102 THR A O   1 
ATOM   826  C CB  . THR A 1 102 ? 4.109   6.633   9.587   1.00 15.97 ? 102 THR A CB  1 
ATOM   827  O OG1 . THR A 1 102 ? 4.830   5.547   10.196  1.00 15.84 ? 102 THR A OG1 1 
ATOM   828  C CG2 . THR A 1 102 ? 3.300   7.443   10.681  1.00 16.51 ? 102 THR A CG2 1 
ATOM   829  N N   . VAL A 1 103 ? 4.558   6.436   6.506   1.00 12.30 ? 103 VAL A N   1 
ATOM   830  C CA  . VAL A 1 103 ? 5.349   6.007   5.348   1.00 13.22 ? 103 VAL A CA  1 
ATOM   831  C C   . VAL A 1 103 ? 6.643   5.285   5.732   1.00 11.56 ? 103 VAL A C   1 
ATOM   832  O O   . VAL A 1 103 ? 7.359   5.563   6.701   1.00 10.47 ? 103 VAL A O   1 
ATOM   833  C CB  . VAL A 1 103 ? 5.670   7.203   4.366   1.00 16.03 ? 103 VAL A CB  1 
ATOM   834  C CG1 . VAL A 1 103 ? 6.576   8.211   5.034   1.00 18.92 ? 103 VAL A CG1 1 
ATOM   835  C CG2 . VAL A 1 103 ? 6.357   6.708   3.068   1.00 15.18 ? 103 VAL A CG2 1 
ATOM   836  N N   . CYS A 1 104 ? 6.940   4.296   4.892   1.00 11.38 ? 104 CYS A N   1 
ATOM   837  C CA  . CYS A 1 104 ? 8.114   3.481   5.064   1.00 12.41 ? 104 CYS A CA  1 
ATOM   838  C C   . CYS A 1 104 ? 9.406   4.256   4.883   1.00 14.17 ? 104 CYS A C   1 
ATOM   839  O O   . CYS A 1 104 ? 9.494   5.090   4.029   1.00 14.00 ? 104 CYS A O   1 
ATOM   840  C CB  . CYS A 1 104 ? 8.101   2.383   4.045   1.00 11.26 ? 104 CYS A CB  1 
ATOM   841  S SG  . CYS A 1 104 ? 9.302   1.066   4.326   1.00 12.95 ? 104 CYS A SG  1 
ATOM   842  N N   . PRO A 1 105 ? 10.381  4.033   5.766   1.00 15.72 ? 105 PRO A N   1 
ATOM   843  C CA  . PRO A 1 105 ? 11.669  4.723   5.669   1.00 19.07 ? 105 PRO A CA  1 
ATOM   844  C C   . PRO A 1 105 ? 12.439  4.043   4.553   1.00 21.85 ? 105 PRO A C   1 
ATOM   845  O O   . PRO A 1 105 ? 12.193  2.863   4.276   1.00 21.84 ? 105 PRO A O   1 
ATOM   846  C CB  . PRO A 1 105 ? 12.379  4.327   6.969   1.00 18.36 ? 105 PRO A CB  1 
ATOM   847  C CG  . PRO A 1 105 ? 11.243  3.984   7.916   1.00 20.03 ? 105 PRO A CG  1 
ATOM   848  C CD  . PRO A 1 105 ? 10.255  3.289   7.025   1.00 16.94 ? 105 PRO A CD  1 
ATOM   849  N N   . THR A 1 106 ? 13.348  4.751   3.899   1.00 24.46 ? 106 THR A N   1 
ATOM   850  C CA  . THR A 1 106 ? 14.175  4.098   2.874   1.00 28.03 ? 106 THR A CA  1 
ATOM   851  C C   . THR A 1 106 ? 15.521  3.701   3.511   1.00 29.13 ? 106 THR A C   1 
ATOM   852  O O   . THR A 1 106 ? 16.319  3.043   2.823   1.00 32.87 ? 106 THR A O   1 
ATOM   853  C CB  . THR A 1 106 ? 14.421  4.999   1.651   1.00 29.23 ? 106 THR A CB  1 
ATOM   854  O OG1 . THR A 1 106 ? 15.423  5.982   1.953   1.00 30.48 ? 106 THR A OG1 1 
ATOM   855  C CG2 . THR A 1 106 ? 13.137  5.682   1.188   1.00 28.55 ? 106 THR A CG2 1 
HETATM 856  C C1  . 843 B 2 .   ? -0.376  -9.397  -6.347  1.00 28.55 ? 300 843 A C1  1 
HETATM 857  C C2  . 843 B 2 .   ? 0.548   -8.725  -7.181  1.00 28.74 ? 300 843 A C2  1 
HETATM 858  C C3  . 843 B 2 .   ? 1.006   -7.425  -6.802  1.00 28.12 ? 300 843 A C3  1 
HETATM 859  C C4  . 843 B 2 .   ? 0.639   -6.875  -5.571  1.00 26.88 ? 300 843 A C4  1 
HETATM 860  C C5  . 843 B 2 .   ? -0.272  -7.553  -4.745  1.00 27.19 ? 300 843 A C5  1 
HETATM 861  C C6  . 843 B 2 .   ? -0.788  -8.794  -5.134  1.00 26.79 ? 300 843 A C6  1 
HETATM 862  P P7  . 843 B 2 .   ? 3.221   -7.299  -7.751  1.00 28.10 ? 300 843 A P7  1 
HETATM 863  O O8  . 843 B 2 .   ? 3.968   -6.067  -8.229  1.00 27.31 ? 300 843 A O8  1 
HETATM 864  O O9  . 843 B 2 .   ? 3.415   -8.484  -8.718  1.00 28.81 ? 300 843 A O9  1 
HETATM 865  O O10 . 843 B 2 .   ? 3.760   -7.663  -6.410  1.00 29.30 ? 300 843 A O10 1 
HETATM 866  C C11 . 843 B 2 .   ? -1.772  -9.537  -4.272  1.00 26.08 ? 300 843 A C11 1 
HETATM 867  C C12 . 843 B 2 .   ? -1.025  -10.394 -3.258  1.00 24.28 ? 300 843 A C12 1 
HETATM 868  C C13 . 843 B 2 .   ? -2.013  -11.120 -2.365  1.00 23.57 ? 300 843 A C13 1 
HETATM 869  N N14 . 843 B 2 .   ? -2.297  -10.405 -1.279  1.00 20.34 ? 300 843 A N14 1 
HETATM 870  N N15 . 843 B 2 .   ? -0.253  -11.422 -3.925  1.00 25.96 ? 300 843 A N15 1 
HETATM 871  C C16 . 843 B 2 .   ? 0.960   -11.792 -3.486  1.00 26.26 ? 300 843 A C16 1 
HETATM 872  C C17 . 843 B 2 .   ? 1.728   -12.661 -4.526  1.00 26.68 ? 300 843 A C17 1 
HETATM 873  O O18 . 843 B 2 .   ? 1.411   -11.452 -2.400  1.00 26.98 ? 300 843 A O18 1 
HETATM 874  O O19 . 843 B 2 .   ? -2.435  -12.245 -2.670  1.00 23.86 ? 300 843 A O19 1 
HETATM 875  C C20 . 843 B 2 .   ? -3.304  -10.820 -0.318  1.00 19.32 ? 300 843 A C20 1 
HETATM 876  C C21 . 843 B 2 .   ? -3.256  -9.811  0.863   1.00 19.17 ? 300 843 A C21 1 
HETATM 877  C C22 . 843 B 2 .   ? -3.919  -10.289 2.172   1.00 17.38 ? 300 843 A C22 1 
HETATM 878  C C23 . 843 B 2 .   ? -5.412  -10.611 2.035   1.00 15.91 ? 300 843 A C23 1 
HETATM 879  C C24 . 843 B 2 .   ? -5.654  -11.768 1.095   1.00 16.37 ? 300 843 A C24 1 
HETATM 880  N N25 . 843 B 2 .   ? -5.790  -11.271 -0.306  1.00 17.27 ? 300 843 A N25 1 
HETATM 881  C C26 . 843 B 2 .   ? -4.665  -10.740 -1.050  1.00 18.93 ? 300 843 A C26 1 
HETATM 882  C C27 . 843 B 2 .   ? -7.170  -11.163 -0.891  1.00 15.81 ? 300 843 A C27 1 
HETATM 883  C C28 . 843 B 2 .   ? -7.802  -9.897  -0.413  1.00 15.41 ? 300 843 A C28 1 
HETATM 884  O O29 . 843 B 2 .   ? -4.733  -10.169 -2.176  1.00 18.12 ? 300 843 A O29 1 
HETATM 885  O O30 . 843 B 2 .   ? 1.834   -6.750  -7.738  1.00 27.58 ? 300 843 A O30 1 
HETATM 886  C C54 . 843 B 2 .   ? -7.161  -8.638  -0.641  1.00 16.70 ? 300 843 A C54 1 
HETATM 887  C C55 . 843 B 2 .   ? -7.794  -7.428  -0.191  1.00 14.96 ? 300 843 A C55 1 
HETATM 888  C C56 . 843 B 2 .   ? -9.040  -7.506  0.465   1.00 15.24 ? 300 843 A C56 1 
HETATM 889  C C57 . 843 B 2 .   ? -9.607  -8.763  0.766   1.00 14.38 ? 300 843 A C57 1 
HETATM 890  C C58 . 843 B 2 .   ? -8.992  -9.945  0.320   1.00 15.11 ? 300 843 A C58 1 
HETATM 891  C C63 . 843 B 2 .   ? -9.696  -6.268  0.886   1.00 13.86 ? 300 843 A C63 1 
HETATM 892  C C64 . 843 B 2 .   ? -11.089 -6.183  1.004   1.00 14.38 ? 300 843 A C64 1 
HETATM 893  C C65 . 843 B 2 .   ? -11.599 -4.940  1.475   1.00 14.93 ? 300 843 A C65 1 
HETATM 894  C C66 . 843 B 2 .   ? -10.785 -3.835  1.811   1.00 13.87 ? 300 843 A C66 1 
HETATM 895  C C67 . 843 B 2 .   ? -9.401  -3.953  1.738   1.00 13.67 ? 300 843 A C67 1 
HETATM 896  C C68 . 843 B 2 .   ? -8.866  -5.166  1.264   1.00 14.53 ? 300 843 A C68 1 
HETATM 897  O O   . HOH C 3 .   ? 0.854   0.700   14.363  1.00 9.76  ? 301 HOH A O   1 
HETATM 898  O O   . HOH C 3 .   ? -4.187  -8.440  10.721  1.00 13.38 ? 302 HOH A O   1 
HETATM 899  O O   . HOH C 3 .   ? -12.837 -1.417  1.966   1.00 13.30 ? 303 HOH A O   1 
HETATM 900  O O   . HOH C 3 .   ? 13.579  -1.930  -6.848  1.00 14.69 ? 304 HOH A O   1 
HETATM 901  O O   . HOH C 3 .   ? 4.758   -4.035  11.189  1.00 8.70  ? 305 HOH A O   1 
HETATM 902  O O   . HOH C 3 .   ? 6.668   -4.451  13.902  1.00 19.99 ? 306 HOH A O   1 
HETATM 903  O O   . HOH C 3 .   ? 0.669   12.360  2.329   1.00 19.00 ? 307 HOH A O   1 
HETATM 904  O O   . HOH C 3 .   ? 8.136   -10.610 -8.104  1.00 30.66 ? 308 HOH A O   1 
HETATM 905  O O   . HOH C 3 .   ? -7.336  -5.389  -5.949  1.00 12.90 ? 309 HOH A O   1 
HETATM 906  O O   . HOH C 3 .   ? 7.561   -10.435 -11.765 1.00 16.74 ? 310 HOH A O   1 
HETATM 907  O O   . HOH C 3 .   ? -17.761 0.988   0.655   1.00 23.48 ? 311 HOH A O   1 
HETATM 908  O O   . HOH C 3 .   ? -16.888 2.419   2.678   1.00 27.70 ? 312 HOH A O   1 
HETATM 909  O O   . HOH C 3 .   ? -6.838  9.721   6.769   1.00 21.46 ? 313 HOH A O   1 
HETATM 910  O O   . HOH C 3 .   ? -15.305 -2.741  1.305   1.00 17.17 ? 314 HOH A O   1 
HETATM 911  O O   . HOH C 3 .   ? -7.013  -9.192  6.729   1.00 17.04 ? 315 HOH A O   1 
HETATM 912  O O   . HOH C 3 .   ? 15.030  -6.369  5.551   1.00 30.56 ? 316 HOH A O   1 
HETATM 913  O O   . HOH C 3 .   ? -1.552  7.963   6.675   1.00 33.13 ? 317 HOH A O   1 
HETATM 914  O O   . HOH C 3 .   ? 6.656   -11.002 4.717   1.00 22.03 ? 318 HOH A O   1 
HETATM 915  O O   . HOH C 3 .   ? 11.792  -10.462 0.028   1.00 26.95 ? 319 HOH A O   1 
HETATM 916  O O   . HOH C 3 .   ? 14.322  -8.722  1.529   1.00 56.32 ? 320 HOH A O   1 
HETATM 917  O O   . HOH C 3 .   ? 7.260   -2.191  -9.361  1.00 38.65 ? 321 HOH A O   1 
HETATM 918  O O   . HOH C 3 .   ? -2.304  7.219   9.344   1.00 32.48 ? 322 HOH A O   1 
HETATM 919  O O   . HOH C 3 .   ? -9.879  12.068  1.681   1.00 28.31 ? 323 HOH A O   1 
HETATM 920  O O   . HOH C 3 .   ? 6.162   -1.367  -13.240 1.00 31.04 ? 324 HOH A O   1 
HETATM 921  O O   . HOH C 3 .   ? -1.945  -9.895  11.514  1.00 24.58 ? 325 HOH A O   1 
HETATM 922  O O   . HOH C 3 .   ? 6.593   -12.230 -1.485  1.00 46.29 ? 326 HOH A O   1 
HETATM 923  O O   . HOH C 3 .   ? 4.631   11.153  6.129   1.00 32.17 ? 327 HOH A O   1 
HETATM 924  O O   . HOH C 3 .   ? 1.756   -0.044  -13.489 1.00 40.37 ? 328 HOH A O   1 
HETATM 925  O O   . HOH C 3 .   ? 15.803  -5.231  -3.622  1.00 25.35 ? 329 HOH A O   1 
HETATM 926  O O   . HOH C 3 .   ? 13.468  0.505   5.931   1.00 28.93 ? 330 HOH A O   1 
HETATM 927  O O   . HOH C 3 .   ? 15.417  -2.807  6.350   1.00 35.52 ? 331 HOH A O   1 
HETATM 928  O O   . HOH C 3 .   ? 9.198   -12.134 6.893   1.00 58.51 ? 332 HOH A O   1 
HETATM 929  O O   . HOH C 3 .   ? -1.864  12.426  0.211   1.00 32.18 ? 333 HOH A O   1 
HETATM 930  O O   . HOH C 3 .   ? 7.234   10.294  -4.796  1.00 35.46 ? 334 HOH A O   1 
HETATM 931  O O   . HOH C 3 .   ? -13.341 13.961  -4.878  1.00 27.08 ? 335 HOH A O   1 
HETATM 932  O O   . HOH C 3 .   ? 10.663  7.475   3.385   1.00 15.88 ? 336 HOH A O   1 
HETATM 933  O O   . HOH C 3 .   ? -5.346  0.930   14.499  1.00 22.21 ? 337 HOH A O   1 
HETATM 934  O O   . HOH C 3 .   ? -7.195  -6.596  -8.638  1.00 21.01 ? 338 HOH A O   1 
HETATM 935  O O   . HOH C 3 .   ? 3.126   -11.301 1.160   1.00 24.04 ? 339 HOH A O   1 
HETATM 936  O O   . HOH C 3 .   ? 12.737  2.334   11.024  1.00 64.76 ? 340 HOH A O   1 
HETATM 937  O O   . HOH C 3 .   ? -8.629  -6.074  -10.740 1.00 43.38 ? 341 HOH A O   1 
HETATM 938  O O   . HOH C 3 .   ? 3.871   8.978   7.187   1.00 31.49 ? 342 HOH A O   1 
HETATM 939  O O   . HOH C 3 .   ? 15.252  -4.689  11.457  1.00 47.48 ? 343 HOH A O   1 
HETATM 940  O O   . HOH C 3 .   ? 2.792   -12.025 5.168   1.00 34.04 ? 344 HOH A O   1 
HETATM 941  O O   . HOH C 3 .   ? 6.970   11.938  5.107   1.00 27.11 ? 345 HOH A O   1 
HETATM 942  O O   . HOH C 3 .   ? 9.242   9.166   1.784   1.00 22.49 ? 346 HOH A O   1 
HETATM 943  O O   . HOH C 3 .   ? -16.434 -9.692  -2.747  1.00 32.90 ? 347 HOH A O   1 
HETATM 944  O O   . HOH C 3 .   ? -2.799  2.326   15.124  1.00 39.30 ? 348 HOH A O   1 
HETATM 945  O O   . HOH C 3 .   ? -6.609  13.116  -0.615  1.00 54.46 ? 349 HOH A O   1 
HETATM 946  O O   . HOH C 3 .   ? -20.860 -8.908  -1.479  1.00 35.41 ? 350 HOH A O   1 
HETATM 947  O O   . HOH C 3 .   ? -10.595 14.214  -6.738  1.00 48.61 ? 351 HOH A O   1 
HETATM 948  O O   . HOH C 3 .   ? -18.590 -3.628  -7.442  1.00 35.23 ? 352 HOH A O   1 
HETATM 949  O O   . HOH C 3 .   ? 8.468   8.420   -6.742  1.00 45.49 ? 353 HOH A O   1 
HETATM 950  O O   . HOH C 3 .   ? -5.001  -3.066  14.876  1.00 38.71 ? 354 HOH A O   1 
HETATM 951  O O   . HOH C 3 .   ? 14.335  1.192   -9.260  1.00 51.02 ? 355 HOH A O   1 
HETATM 952  O O   . HOH C 3 .   ? 16.458  -4.652  8.747   1.00 59.17 ? 356 HOH A O   1 
HETATM 953  O O   . HOH C 3 .   ? 18.713  -3.325  -3.590  1.00 43.24 ? 357 HOH A O   1 
HETATM 954  O O   . HOH C 3 .   ? 15.102  0.383   -5.545  1.00 36.62 ? 358 HOH A O   1 
HETATM 955  O O   . HOH C 3 .   ? -8.178  13.099  -9.087  1.00 54.90 ? 359 HOH A O   1 
HETATM 956  O O   . HOH C 3 .   ? 9.272   11.316  3.549   1.00 20.85 ? 360 HOH A O   1 
HETATM 957  O O   . HOH C 3 .   ? 14.253  2.362   -3.260  1.00 46.77 ? 361 HOH A O   1 
HETATM 958  O O   . HOH C 3 .   ? 17.349  -6.884  -2.032  1.00 37.92 ? 362 HOH A O   1 
HETATM 959  O O   . HOH C 3 .   ? 3.118   -13.203 -13.057 1.00 65.19 ? 363 HOH A O   1 
HETATM 960  O O   . HOH C 3 .   ? 0.691   -9.492  19.009  1.00 29.67 ? 364 HOH A O   1 
HETATM 961  O O   . HOH C 3 .   ? 8.461   3.570   -14.230 1.00 49.52 ? 365 HOH A O   1 
HETATM 962  O O   . HOH C 3 .   ? -22.166 -5.996  -5.657  1.00 37.91 ? 366 HOH A O   1 
HETATM 963  O O   . HOH C 3 .   ? -17.442 2.562   -4.196  1.00 15.61 ? 367 HOH A O   1 
HETATM 964  O O   . HOH C 3 .   ? 5.264   -14.755 -3.399  1.00 69.51 ? 368 HOH A O   1 
HETATM 965  O O   . HOH C 3 .   ? -3.201  -14.026 2.743   1.00 40.43 ? 369 HOH A O   1 
HETATM 966  O O   . HOH C 3 .   ? -5.402  -8.420  4.636   1.00 20.52 ? 370 HOH A O   1 
HETATM 967  O O   . HOH C 3 .   ? 8.995   -5.395  14.724  1.00 29.33 ? 371 HOH A O   1 
HETATM 968  O O   . HOH C 3 .   ? 8.006   2.945   10.219  1.00 29.66 ? 372 HOH A O   1 
HETATM 969  O O   . HOH C 3 .   ? 18.873  -4.590  3.866   1.00 38.82 ? 373 HOH A O   1 
HETATM 970  O O   . HOH C 3 .   ? -4.739  -7.630  -3.528  1.00 12.58 ? 374 HOH A O   1 
HETATM 971  O O   . HOH C 3 .   ? 10.012  5.409   -10.402 1.00 32.77 ? 375 HOH A O   1 
HETATM 972  O O   . HOH C 3 .   ? 5.369   5.508   -11.472 1.00 33.74 ? 376 HOH A O   1 
HETATM 973  O O   . HOH C 3 .   ? 13.476  0.141   -13.161 1.00 37.46 ? 377 HOH A O   1 
HETATM 974  O O   . HOH C 3 .   ? 9.502   -10.501 13.724  1.00 25.13 ? 378 HOH A O   1 
HETATM 975  O O   . HOH C 3 .   ? -14.777 7.751   -2.600  1.00 13.57 ? 379 HOH A O   1 
HETATM 976  O O   . HOH C 3 .   ? 16.207  0.096   5.022   1.00 59.34 ? 380 HOH A O   1 
HETATM 977  O O   . HOH C 3 .   ? 9.520   2.775   15.732  1.00 14.26 ? 381 HOH A O   1 
HETATM 978  O O   . HOH C 3 .   ? 0.830   -10.906 10.594  1.00 33.43 ? 382 HOH A O   1 
HETATM 979  O O   . HOH C 3 .   ? -0.659  -11.879 18.237  1.00 31.81 ? 383 HOH A O   1 
HETATM 980  O O   . HOH C 3 .   ? 0.869   -10.482 0.087   1.00 13.23 ? 384 HOH A O   1 
HETATM 981  O O   . HOH C 3 .   ? -10.947 -0.595  -2.251  1.00 9.61  ? 385 HOH A O   1 
HETATM 982  O O   . HOH C 3 .   ? -4.660  9.960   -7.700  1.00 25.42 ? 386 HOH A O   1 
HETATM 983  O O   . HOH C 3 .   ? -12.033 13.787  0.198   1.00 42.17 ? 387 HOH A O   1 
HETATM 984  O O   . HOH C 3 .   ? -8.827  -7.012  7.889   1.00 8.68  ? 388 HOH A O   1 
HETATM 985  O O   . HOH C 3 .   ? 12.447  4.503   -3.501  1.00 46.45 ? 389 HOH A O   1 
HETATM 986  O O   . HOH C 3 .   ? 16.575  -7.980  0.165   1.00 31.60 ? 390 HOH A O   1 
HETATM 987  O O   . HOH C 3 .   ? -5.574  -0.921  -12.763 1.00 33.36 ? 391 HOH A O   1 
HETATM 988  O O   . HOH C 3 .   ? 6.251   -14.496 8.552   1.00 40.36 ? 392 HOH A O   1 
HETATM 989  O O   . HOH C 3 .   ? -13.110 9.808   -3.630  1.00 20.51 ? 393 HOH A O   1 
HETATM 990  O O   . HOH C 3 .   ? 18.281  1.299   1.857   1.00 34.13 ? 394 HOH A O   1 
HETATM 991  O O   . HOH C 3 .   ? 8.360   -11.277 2.791   1.00 51.37 ? 395 HOH A O   1 
HETATM 992  O O   . HOH C 3 .   ? -5.762  -1.543  17.092  1.00 30.36 ? 396 HOH A O   1 
HETATM 993  O O   . HOH C 3 .   ? 3.911   -11.275 -14.874 1.00 24.93 ? 397 HOH A O   1 
HETATM 994  O O   . HOH C 3 .   ? 10.725  -8.307  14.250  1.00 31.71 ? 398 HOH A O   1 
HETATM 995  O O   . HOH C 3 .   ? 4.905   -13.532 4.961   1.00 48.80 ? 399 HOH A O   1 
HETATM 996  O O   . HOH C 3 .   ? 15.787  2.669   -12.962 1.00 38.48 ? 400 HOH A O   1 
HETATM 997  O O   . HOH C 3 .   ? 13.477  -10.445 8.170   1.00 52.63 ? 401 HOH A O   1 
HETATM 998  O O   . HOH C 3 .   ? 10.150  7.969   -2.196  1.00 36.64 ? 402 HOH A O   1 
HETATM 999  O O   . HOH C 3 .   ? -21.540 -5.039  -1.841  1.00 60.95 ? 403 HOH A O   1 
HETATM 1000 O O   . HOH C 3 .   ? 11.425  -11.168 9.867   1.00 69.93 ? 404 HOH A O   1 
HETATM 1001 O O   . HOH C 3 .   ? 12.376  -11.386 3.000   1.00 49.39 ? 405 HOH A O   1 
HETATM 1002 O O   . HOH C 3 .   ? 16.601  -1.463  15.746  1.00 54.31 ? 406 HOH A O   1 
HETATM 1003 O O   . HOH C 3 .   ? -1.270  -12.327 1.337   1.00 33.94 ? 407 HOH A O   1 
HETATM 1004 O O   . HOH C 3 .   ? -6.234  11.363  -9.563  1.00 42.33 ? 408 HOH A O   1 
HETATM 1005 O O   . HOH C 3 .   ? -7.551  14.182  -3.412  1.00 58.43 ? 409 HOH A O   1 
HETATM 1006 O O   . HOH C 3 .   ? -5.457  -5.326  18.219  1.00 21.79 ? 410 HOH A O   1 
HETATM 1007 O O   . HOH C 3 .   ? -2.668  -1.491  16.245  1.00 24.76 ? 411 HOH A O   1 
HETATM 1008 O O   . HOH C 3 .   ? -3.004  -3.938  17.327  1.00 28.88 ? 412 HOH A O   1 
HETATM 1009 O O   . HOH C 3 .   ? 9.476   -13.130 11.669  1.00 60.82 ? 413 HOH A O   1 
HETATM 1010 O O   . HOH C 3 .   ? -2.678  0.895   17.507  1.00 50.94 ? 414 HOH A O   1 
HETATM 1011 O O   . HOH C 3 .   ? 14.843  -14.796 -1.053  1.00 44.16 ? 415 HOH A O   1 
HETATM 1012 O O   . HOH C 3 .   ? 1.018   -6.993  17.209  1.00 28.40 ? 416 HOH A O   1 
HETATM 1013 O O   . HOH C 3 .   ? -4.983  -7.909  14.000  1.00 25.64 ? 417 HOH A O   1 
HETATM 1014 O O   . HOH C 3 .   ? 5.778   -9.412  -13.857 1.00 26.88 ? 418 HOH A O   1 
HETATM 1015 O O   . HOH C 3 .   ? -20.564 -7.988  -6.705  1.00 34.28 ? 419 HOH A O   1 
HETATM 1016 O O   . HOH C 3 .   ? -17.073 4.749   4.857   1.00 37.67 ? 420 HOH A O   1 
HETATM 1017 O O   . HOH C 3 .   ? 5.316   -9.831  -7.912  1.00 37.57 ? 421 HOH A O   1 
HETATM 1018 O O   . HOH C 3 .   ? 5.813   -11.475 2.011   1.00 55.41 ? 422 HOH A O   1 
HETATM 1019 O O   . HOH C 3 .   ? 18.329  -0.499  -5.187  1.00 64.53 ? 423 HOH A O   1 
HETATM 1020 O O   . HOH C 3 .   ? 8.865   -13.629 -0.010  1.00 42.82 ? 424 HOH A O   1 
HETATM 1021 O O   . HOH C 3 .   ? 16.149  -2.606  12.895  1.00 49.13 ? 425 HOH A O   1 
HETATM 1022 O O   . HOH C 3 .   ? -1.426  -13.768 6.106   1.00 51.49 ? 426 HOH A O   1 
HETATM 1023 O O   . HOH C 3 .   ? 12.264  1.036   8.519   1.00 41.91 ? 427 HOH A O   1 
HETATM 1024 O O   . HOH C 3 .   ? 17.203  -5.712  15.804  1.00 46.60 ? 428 HOH A O   1 
HETATM 1025 O O   . HOH C 3 .   ? -11.179 0.500   -17.535 1.00 59.84 ? 429 HOH A O   1 
HETATM 1026 O O   . HOH C 3 .   ? -0.172  -11.086 -14.175 1.00 52.30 ? 430 HOH A O   1 
HETATM 1027 O O   . HOH C 3 .   ? -16.430 -0.674  -11.436 1.00 46.91 ? 431 HOH A O   1 
HETATM 1028 O O   . HOH C 3 .   ? -0.511  -4.341  17.394  1.00 24.64 ? 432 HOH A O   1 
# 
loop_
_pdbx_poly_seq_scheme.asym_id 
_pdbx_poly_seq_scheme.entity_id 
_pdbx_poly_seq_scheme.seq_id 
_pdbx_poly_seq_scheme.mon_id 
_pdbx_poly_seq_scheme.ndb_seq_num 
_pdbx_poly_seq_scheme.pdb_seq_num 
_pdbx_poly_seq_scheme.auth_seq_num 
_pdbx_poly_seq_scheme.pdb_mon_id 
_pdbx_poly_seq_scheme.auth_mon_id 
_pdbx_poly_seq_scheme.pdb_strand_id 
_pdbx_poly_seq_scheme.pdb_ins_code 
_pdbx_poly_seq_scheme.hetero 
A 1 1   SER 1   1   1   SER SER A . n 
A 1 2   ILE 2   2   2   ILE ILE A . n 
A 1 3   GLN 3   3   3   GLN GLN A . n 
A 1 4   ALA 4   4   4   ALA ALA A . n 
A 1 5   GLU 5   5   5   GLU GLU A . n 
A 1 6   GLU 6   6   6   GLU GLU A . n 
A 1 7   TRP 7   7   7   TRP TRP A . n 
A 1 8   TYR 8   8   8   TYR TYR A . n 
A 1 9   PHE 9   9   9   PHE PHE A . n 
A 1 10  GLY 10  10  10  GLY GLY A . n 
A 1 11  LYS 11  11  11  LYS LYS A . n 
A 1 12  ILE 12  12  12  ILE ILE A . n 
A 1 13  THR 13  13  13  THR THR A . n 
A 1 14  ARG 14  14  14  ARG ARG A . n 
A 1 15  ARG 15  15  15  ARG ARG A . n 
A 1 16  GLU 16  16  16  GLU GLU A . n 
A 1 17  SER 17  17  17  SER SER A . n 
A 1 18  GLU 18  18  18  GLU GLU A . n 
A 1 19  ARG 19  19  19  ARG ARG A . n 
A 1 20  LEU 20  20  20  LEU LEU A . n 
A 1 21  LEU 21  21  21  LEU LEU A . n 
A 1 22  LEU 22  22  22  LEU LEU A . n 
A 1 23  ASN 23  23  23  ASN ASN A . n 
A 1 24  ALA 24  24  24  ALA ALA A . n 
A 1 25  GLU 25  25  25  GLU GLU A . n 
A 1 26  ASN 26  26  26  ASN ASN A . n 
A 1 27  PRO 27  27  27  PRO PRO A . n 
A 1 28  ARG 28  28  28  ARG ARG A . n 
A 1 29  GLY 29  29  29  GLY GLY A . n 
A 1 30  THR 30  30  30  THR THR A . n 
A 1 31  PHE 31  31  31  PHE PHE A . n 
A 1 32  LEU 32  32  32  LEU LEU A . n 
A 1 33  VAL 33  33  33  VAL VAL A . n 
A 1 34  ARG 34  34  34  ARG ARG A . n 
A 1 35  GLU 35  35  35  GLU GLU A . n 
A 1 36  SER 36  36  36  SER SER A . n 
A 1 37  GLU 37  37  37  GLU GLU A . n 
A 1 38  THR 38  38  38  THR THR A . n 
A 1 39  THR 39  39  39  THR THR A . n 
A 1 40  LYS 40  40  40  LYS LYS A . n 
A 1 41  GLY 41  41  41  GLY GLY A . n 
A 1 42  ALA 42  42  42  ALA ALA A . n 
A 1 43  TYR 43  43  43  TYR TYR A . n 
A 1 44  CYS 44  44  44  CYS CYS A . n 
A 1 45  LEU 45  45  45  LEU LEU A . n 
A 1 46  SER 46  46  46  SER SER A . n 
A 1 47  VAL 47  47  47  VAL VAL A . n 
A 1 48  SER 48  48  48  SER SER A . n 
A 1 49  ASP 49  49  49  ASP ASP A . n 
A 1 50  PHE 50  50  50  PHE PHE A . n 
A 1 51  ASP 51  51  51  ASP ASP A . n 
A 1 52  ASN 52  52  52  ASN ASN A . n 
A 1 53  ALA 53  53  53  ALA ALA A . n 
A 1 54  LYS 54  54  54  LYS LYS A . n 
A 1 55  GLY 55  55  55  GLY GLY A . n 
A 1 56  LEU 56  56  56  LEU LEU A . n 
A 1 57  ASN 57  57  57  ASN ASN A . n 
A 1 58  VAL 58  58  58  VAL VAL A . n 
A 1 59  LYS 59  59  59  LYS LYS A . n 
A 1 60  HIS 60  60  60  HIS HIS A . n 
A 1 61  TYR 61  61  61  TYR TYR A . n 
A 1 62  LYS 62  62  62  LYS LYS A . n 
A 1 63  ILE 63  63  63  ILE ILE A . n 
A 1 64  ARG 64  64  64  ARG ARG A . n 
A 1 65  LYS 65  65  65  LYS LYS A . n 
A 1 66  LEU 66  66  66  LEU LEU A . n 
A 1 67  ASP 67  67  67  ASP ASP A . n 
A 1 68  SER 68  68  68  SER SER A . n 
A 1 69  GLY 69  69  69  GLY GLY A . n 
A 1 70  GLY 70  70  70  GLY GLY A . n 
A 1 71  PHE 71  71  71  PHE PHE A . n 
A 1 72  TYR 72  72  72  TYR TYR A . n 
A 1 73  ILE 73  73  73  ILE ILE A . n 
A 1 74  THR 74  74  74  THR THR A . n 
A 1 75  SER 75  75  75  SER SER A . n 
A 1 76  ARG 76  76  76  ARG ARG A . n 
A 1 77  THR 77  77  77  THR THR A . n 
A 1 78  GLN 78  78  78  GLN GLN A . n 
A 1 79  PHE 79  79  79  PHE PHE A . n 
A 1 80  ASN 80  80  80  ASN ASN A . n 
A 1 81  SER 81  81  81  SER SER A . n 
A 1 82  LEU 82  82  82  LEU LEU A . n 
A 1 83  GLN 83  83  83  GLN GLN A . n 
A 1 84  GLN 84  84  84  GLN GLN A . n 
A 1 85  LEU 85  85  85  LEU LEU A . n 
A 1 86  VAL 86  86  86  VAL VAL A . n 
A 1 87  ALA 87  87  87  ALA ALA A . n 
A 1 88  TYR 88  88  88  TYR TYR A . n 
A 1 89  TYR 89  89  89  TYR TYR A . n 
A 1 90  SER 90  90  90  SER SER A . n 
A 1 91  LYS 91  91  91  LYS LYS A . n 
A 1 92  HIS 92  92  92  HIS HIS A . n 
A 1 93  ALA 93  93  93  ALA ALA A . n 
A 1 94  ASP 94  94  94  ASP ASP A . n 
A 1 95  GLY 95  95  95  GLY GLY A . n 
A 1 96  LEU 96  96  96  LEU LEU A . n 
A 1 97  CYS 97  97  97  CYS CYS A . n 
A 1 98  HIS 98  98  98  HIS HIS A . n 
A 1 99  ARG 99  99  99  ARG ARG A . n 
A 1 100 LEU 100 100 100 LEU LEU A . n 
A 1 101 THR 101 101 101 THR THR A . n 
A 1 102 THR 102 102 102 THR THR A . n 
A 1 103 VAL 103 103 103 VAL VAL A . n 
A 1 104 CYS 104 104 104 CYS CYS A . n 
A 1 105 PRO 105 105 105 PRO PRO A . n 
A 1 106 THR 106 106 106 THR THR A . n 
A 1 107 SER 107 107 ?   ?   ?   A . n 
A 1 108 LYS 108 108 ?   ?   ?   A . n 
# 
loop_
_pdbx_nonpoly_scheme.asym_id 
_pdbx_nonpoly_scheme.entity_id 
_pdbx_nonpoly_scheme.mon_id 
_pdbx_nonpoly_scheme.ndb_seq_num 
_pdbx_nonpoly_scheme.pdb_seq_num 
_pdbx_nonpoly_scheme.auth_seq_num 
_pdbx_nonpoly_scheme.pdb_mon_id 
_pdbx_nonpoly_scheme.auth_mon_id 
_pdbx_nonpoly_scheme.pdb_strand_id 
_pdbx_nonpoly_scheme.pdb_ins_code 
B 2 843 1   300 1   843 INH A . 
C 3 HOH 1   301 1   HOH HOH A . 
C 3 HOH 2   302 2   HOH HOH A . 
C 3 HOH 3   303 3   HOH HOH A . 
C 3 HOH 4   304 4   HOH HOH A . 
C 3 HOH 5   305 5   HOH HOH A . 
C 3 HOH 6   306 6   HOH HOH A . 
C 3 HOH 7   307 7   HOH HOH A . 
C 3 HOH 8   308 8   HOH HOH A . 
C 3 HOH 9   309 9   HOH HOH A . 
C 3 HOH 10  310 10  HOH HOH A . 
C 3 HOH 11  311 11  HOH HOH A . 
C 3 HOH 12  312 12  HOH HOH A . 
C 3 HOH 13  313 13  HOH HOH A . 
C 3 HOH 14  314 14  HOH HOH A . 
C 3 HOH 15  315 15  HOH HOH A . 
C 3 HOH 16  316 16  HOH HOH A . 
C 3 HOH 17  317 17  HOH HOH A . 
C 3 HOH 18  318 18  HOH HOH A . 
C 3 HOH 19  319 19  HOH HOH A . 
C 3 HOH 20  320 20  HOH HOH A . 
C 3 HOH 21  321 21  HOH HOH A . 
C 3 HOH 22  322 22  HOH HOH A . 
C 3 HOH 23  323 23  HOH HOH A . 
C 3 HOH 24  324 25  HOH HOH A . 
C 3 HOH 25  325 26  HOH HOH A . 
C 3 HOH 26  326 27  HOH HOH A . 
C 3 HOH 27  327 28  HOH HOH A . 
C 3 HOH 28  328 29  HOH HOH A . 
C 3 HOH 29  329 30  HOH HOH A . 
C 3 HOH 30  330 31  HOH HOH A . 
C 3 HOH 31  331 32  HOH HOH A . 
C 3 HOH 32  332 33  HOH HOH A . 
C 3 HOH 33  333 34  HOH HOH A . 
C 3 HOH 34  334 35  HOH HOH A . 
C 3 HOH 35  335 36  HOH HOH A . 
C 3 HOH 36  336 38  HOH HOH A . 
C 3 HOH 37  337 39  HOH HOH A . 
C 3 HOH 38  338 40  HOH HOH A . 
C 3 HOH 39  339 41  HOH HOH A . 
C 3 HOH 40  340 42  HOH HOH A . 
C 3 HOH 41  341 44  HOH HOH A . 
C 3 HOH 42  342 45  HOH HOH A . 
C 3 HOH 43  343 46  HOH HOH A . 
C 3 HOH 44  344 47  HOH HOH A . 
C 3 HOH 45  345 48  HOH HOH A . 
C 3 HOH 46  346 49  HOH HOH A . 
C 3 HOH 47  347 50  HOH HOH A . 
C 3 HOH 48  348 51  HOH HOH A . 
C 3 HOH 49  349 52  HOH HOH A . 
C 3 HOH 50  350 55  HOH HOH A . 
C 3 HOH 51  351 57  HOH HOH A . 
C 3 HOH 52  352 58  HOH HOH A . 
C 3 HOH 53  353 59  HOH HOH A . 
C 3 HOH 54  354 60  HOH HOH A . 
C 3 HOH 55  355 62  HOH HOH A . 
C 3 HOH 56  356 64  HOH HOH A . 
C 3 HOH 57  357 66  HOH HOH A . 
C 3 HOH 58  358 68  HOH HOH A . 
C 3 HOH 59  359 69  HOH HOH A . 
C 3 HOH 60  360 71  HOH HOH A . 
C 3 HOH 61  361 72  HOH HOH A . 
C 3 HOH 62  362 78  HOH HOH A . 
C 3 HOH 63  363 79  HOH HOH A . 
C 3 HOH 64  364 81  HOH HOH A . 
C 3 HOH 65  365 82  HOH HOH A . 
C 3 HOH 66  366 86  HOH HOH A . 
C 3 HOH 67  367 89  HOH HOH A . 
C 3 HOH 68  368 90  HOH HOH A . 
C 3 HOH 69  369 91  HOH HOH A . 
C 3 HOH 70  370 92  HOH HOH A . 
C 3 HOH 71  371 94  HOH HOH A . 
C 3 HOH 72  372 96  HOH HOH A . 
C 3 HOH 73  373 98  HOH HOH A . 
C 3 HOH 74  374 99  HOH HOH A . 
C 3 HOH 75  375 101 HOH HOH A . 
C 3 HOH 76  376 102 HOH HOH A . 
C 3 HOH 77  377 103 HOH HOH A . 
C 3 HOH 78  378 104 HOH HOH A . 
C 3 HOH 79  379 105 HOH HOH A . 
C 3 HOH 80  380 106 HOH HOH A . 
C 3 HOH 81  381 107 HOH HOH A . 
C 3 HOH 82  382 108 HOH HOH A . 
C 3 HOH 83  383 109 HOH HOH A . 
C 3 HOH 84  384 110 HOH HOH A . 
C 3 HOH 85  385 111 HOH HOH A . 
C 3 HOH 86  386 112 HOH HOH A . 
C 3 HOH 87  387 113 HOH HOH A . 
C 3 HOH 88  388 114 HOH HOH A . 
C 3 HOH 89  389 116 HOH HOH A . 
C 3 HOH 90  390 118 HOH HOH A . 
C 3 HOH 91  391 123 HOH HOH A . 
C 3 HOH 92  392 124 HOH HOH A . 
C 3 HOH 93  393 128 HOH HOH A . 
C 3 HOH 94  394 133 HOH HOH A . 
C 3 HOH 95  395 136 HOH HOH A . 
C 3 HOH 96  396 149 HOH HOH A . 
C 3 HOH 97  397 150 HOH HOH A . 
C 3 HOH 98  398 151 HOH HOH A . 
C 3 HOH 99  399 152 HOH HOH A . 
C 3 HOH 100 400 154 HOH HOH A . 
C 3 HOH 101 401 155 HOH HOH A . 
C 3 HOH 102 402 160 HOH HOH A . 
C 3 HOH 103 403 163 HOH HOH A . 
C 3 HOH 104 404 166 HOH HOH A . 
C 3 HOH 105 405 171 HOH HOH A . 
C 3 HOH 106 406 175 HOH HOH A . 
C 3 HOH 107 407 179 HOH HOH A . 
C 3 HOH 108 408 181 HOH HOH A . 
C 3 HOH 109 409 182 HOH HOH A . 
C 3 HOH 110 410 183 HOH HOH A . 
C 3 HOH 111 411 184 HOH HOH A . 
C 3 HOH 112 412 185 HOH HOH A . 
C 3 HOH 113 413 186 HOH HOH A . 
C 3 HOH 114 414 187 HOH HOH A . 
C 3 HOH 115 415 188 HOH HOH A . 
C 3 HOH 116 416 189 HOH HOH A . 
C 3 HOH 117 417 190 HOH HOH A . 
C 3 HOH 118 418 191 HOH HOH A . 
C 3 HOH 119 419 192 HOH HOH A . 
C 3 HOH 120 420 193 HOH HOH A . 
C 3 HOH 121 421 194 HOH HOH A . 
C 3 HOH 122 422 195 HOH HOH A . 
C 3 HOH 123 423 196 HOH HOH A . 
C 3 HOH 124 424 197 HOH HOH A . 
C 3 HOH 125 425 198 HOH HOH A . 
C 3 HOH 126 426 199 HOH HOH A . 
C 3 HOH 127 427 200 HOH HOH A . 
C 3 HOH 128 428 201 HOH HOH A . 
C 3 HOH 129 429 202 HOH HOH A . 
C 3 HOH 130 430 203 HOH HOH A . 
C 3 HOH 131 431 204 HOH HOH A . 
C 3 HOH 132 432 205 HOH HOH A . 
# 
_pdbx_struct_assembly.id                   1 
_pdbx_struct_assembly.details              author_defined_assembly 
_pdbx_struct_assembly.method_details       ? 
_pdbx_struct_assembly.oligomeric_details   monomeric 
_pdbx_struct_assembly.oligomeric_count     1 
# 
_pdbx_struct_assembly_gen.assembly_id       1 
_pdbx_struct_assembly_gen.oper_expression   1 
_pdbx_struct_assembly_gen.asym_id_list      A,B,C 
# 
_pdbx_struct_oper_list.id                   1 
_pdbx_struct_oper_list.type                 'identity operation' 
_pdbx_struct_oper_list.name                 1_555 
_pdbx_struct_oper_list.symmetry_operation   x,y,z 
_pdbx_struct_oper_list.matrix[1][1]         1.0000000000 
_pdbx_struct_oper_list.matrix[1][2]         0.0000000000 
_pdbx_struct_oper_list.matrix[1][3]         0.0000000000 
_pdbx_struct_oper_list.vector[1]            0.0000000000 
_pdbx_struct_oper_list.matrix[2][1]         0.0000000000 
_pdbx_struct_oper_list.matrix[2][2]         1.0000000000 
_pdbx_struct_oper_list.matrix[2][3]         0.0000000000 
_pdbx_struct_oper_list.vector[2]            0.0000000000 
_pdbx_struct_oper_list.matrix[3][1]         0.0000000000 
_pdbx_struct_oper_list.matrix[3][2]         0.0000000000 
_pdbx_struct_oper_list.matrix[3][3]         1.0000000000 
_pdbx_struct_oper_list.vector[3]            0.0000000000 
# 
loop_
_pdbx_audit_revision_history.ordinal 
_pdbx_audit_revision_history.data_content_type 
_pdbx_audit_revision_history.major_revision 
_pdbx_audit_revision_history.minor_revision 
_pdbx_audit_revision_history.revision_date 
1 'Structure model' 1 0 2004-02-17 
2 'Structure model' 1 1 2008-04-26 
3 'Structure model' 1 2 2011-07-13 
4 'Structure model' 1 3 2023-08-16 
# 
_pdbx_audit_revision_details.ordinal             1 
_pdbx_audit_revision_details.revision_ordinal    1 
_pdbx_audit_revision_details.data_content_type   'Structure model' 
_pdbx_audit_revision_details.provider            repository 
_pdbx_audit_revision_details.type                'Initial release' 
_pdbx_audit_revision_details.description         ? 
_pdbx_audit_revision_details.details             ? 
# 
loop_
_pdbx_audit_revision_group.ordinal 
_pdbx_audit_revision_group.revision_ordinal 
_pdbx_audit_revision_group.data_content_type 
_pdbx_audit_revision_group.group 
1 2 'Structure model' 'Version format compliance' 
2 3 'Structure model' 'Version format compliance' 
3 4 'Structure model' 'Data collection'           
4 4 'Structure model' 'Database references'       
5 4 'Structure model' 'Derived calculations'      
6 4 'Structure model' 'Refinement description'    
# 
loop_
_pdbx_audit_revision_category.ordinal 
_pdbx_audit_revision_category.revision_ordinal 
_pdbx_audit_revision_category.data_content_type 
_pdbx_audit_revision_category.category 
1 4 'Structure model' chem_comp_atom                
2 4 'Structure model' chem_comp_bond                
3 4 'Structure model' database_2                    
4 4 'Structure model' pdbx_initial_refinement_model 
5 4 'Structure model' struct_site                   
# 
loop_
_pdbx_audit_revision_item.ordinal 
_pdbx_audit_revision_item.revision_ordinal 
_pdbx_audit_revision_item.data_content_type 
_pdbx_audit_revision_item.item 
1 4 'Structure model' '_database_2.pdbx_DOI'                
2 4 'Structure model' '_database_2.pdbx_database_accession' 
3 4 'Structure model' '_struct_site.pdbx_auth_asym_id'      
4 4 'Structure model' '_struct_site.pdbx_auth_comp_id'      
5 4 'Structure model' '_struct_site.pdbx_auth_seq_id'       
# 
loop_
_software.name 
_software.classification 
_software.version 
_software.citation_id 
_software.pdbx_ordinal 
XDS    'data scaling'   .     ? 1 
XDS    'data reduction' .     ? 2 
X-PLOR 'model building' 3.851 ? 3 
X-PLOR refinement       3.851 ? 4 
X-PLOR phasing          3.851 ? 5 
# 
loop_
_pdbx_validate_torsion.id 
_pdbx_validate_torsion.PDB_model_num 
_pdbx_validate_torsion.auth_comp_id 
_pdbx_validate_torsion.auth_asym_id 
_pdbx_validate_torsion.auth_seq_id 
_pdbx_validate_torsion.PDB_ins_code 
_pdbx_validate_torsion.label_alt_id 
_pdbx_validate_torsion.phi 
_pdbx_validate_torsion.psi 
1 1 ASP A 94  ? ? 46.50   -117.60 
2 1 THR A 101 ? ? -109.23 -79.21  
# 
loop_
_pdbx_unobs_or_zero_occ_residues.id 
_pdbx_unobs_or_zero_occ_residues.PDB_model_num 
_pdbx_unobs_or_zero_occ_residues.polymer_flag 
_pdbx_unobs_or_zero_occ_residues.occupancy_flag 
_pdbx_unobs_or_zero_occ_residues.auth_asym_id 
_pdbx_unobs_or_zero_occ_residues.auth_comp_id 
_pdbx_unobs_or_zero_occ_residues.auth_seq_id 
_pdbx_unobs_or_zero_occ_residues.PDB_ins_code 
_pdbx_unobs_or_zero_occ_residues.label_asym_id 
_pdbx_unobs_or_zero_occ_residues.label_comp_id 
_pdbx_unobs_or_zero_occ_residues.label_seq_id 
1 1 Y 1 A SER 107 ? A SER 107 
2 1 Y 1 A LYS 108 ? A LYS 108 
# 
loop_
_chem_comp_atom.comp_id 
_chem_comp_atom.atom_id 
_chem_comp_atom.type_symbol 
_chem_comp_atom.pdbx_aromatic_flag 
_chem_comp_atom.pdbx_stereo_config 
_chem_comp_atom.pdbx_ordinal 
843 C1   C Y N 1   
843 C2   C Y N 2   
843 C3   C Y N 3   
843 C4   C Y N 4   
843 C5   C Y N 5   
843 C6   C Y N 6   
843 P7   P N N 7   
843 O8   O N N 8   
843 O9   O N N 9   
843 O10  O N N 10  
843 C11  C N N 11  
843 C12  C N S 12  
843 C13  C N N 13  
843 N14  N N N 14  
843 N15  N N N 15  
843 C16  C N N 16  
843 C17  C N N 17  
843 O18  O N N 18  
843 O19  O N N 19  
843 C20  C N S 20  
843 C21  C N N 21  
843 C22  C N N 22  
843 C23  C N N 23  
843 C24  C N N 24  
843 N25  N N N 25  
843 C26  C N N 26  
843 C27  C N N 27  
843 C28  C Y N 28  
843 O29  O N N 29  
843 O30  O N N 30  
843 C54  C Y N 31  
843 C55  C Y N 32  
843 C56  C Y N 33  
843 C57  C Y N 34  
843 C58  C Y N 35  
843 C63  C Y N 36  
843 C64  C Y N 37  
843 C65  C Y N 38  
843 C66  C Y N 39  
843 C67  C Y N 40  
843 C68  C Y N 41  
843 H1   H N N 42  
843 H2   H N N 43  
843 H4   H N N 44  
843 H5   H N N 45  
843 H8   H N N 46  
843 H10  H N N 47  
843 H111 H N N 48  
843 H112 H N N 49  
843 H12  H N N 50  
843 H14  H N N 51  
843 H15  H N N 52  
843 H171 H N N 53  
843 H172 H N N 54  
843 H173 H N N 55  
843 H20  H N N 56  
843 H211 H N N 57  
843 H212 H N N 58  
843 H221 H N N 59  
843 H222 H N N 60  
843 H231 H N N 61  
843 H232 H N N 62  
843 H241 H N N 63  
843 H242 H N N 64  
843 H271 H N N 65  
843 H272 H N N 66  
843 H54  H N N 67  
843 H55  H N N 68  
843 H57  H N N 69  
843 H58  H N N 70  
843 H64  H N N 71  
843 H65  H N N 72  
843 H66  H N N 73  
843 H67  H N N 74  
843 H68  H N N 75  
ALA N    N N N 76  
ALA CA   C N S 77  
ALA C    C N N 78  
ALA O    O N N 79  
ALA CB   C N N 80  
ALA OXT  O N N 81  
ALA H    H N N 82  
ALA H2   H N N 83  
ALA HA   H N N 84  
ALA HB1  H N N 85  
ALA HB2  H N N 86  
ALA HB3  H N N 87  
ALA HXT  H N N 88  
ARG N    N N N 89  
ARG CA   C N S 90  
ARG C    C N N 91  
ARG O    O N N 92  
ARG CB   C N N 93  
ARG CG   C N N 94  
ARG CD   C N N 95  
ARG NE   N N N 96  
ARG CZ   C N N 97  
ARG NH1  N N N 98  
ARG NH2  N N N 99  
ARG OXT  O N N 100 
ARG H    H N N 101 
ARG H2   H N N 102 
ARG HA   H N N 103 
ARG HB2  H N N 104 
ARG HB3  H N N 105 
ARG HG2  H N N 106 
ARG HG3  H N N 107 
ARG HD2  H N N 108 
ARG HD3  H N N 109 
ARG HE   H N N 110 
ARG HH11 H N N 111 
ARG HH12 H N N 112 
ARG HH21 H N N 113 
ARG HH22 H N N 114 
ARG HXT  H N N 115 
ASN N    N N N 116 
ASN CA   C N S 117 
ASN C    C N N 118 
ASN O    O N N 119 
ASN CB   C N N 120 
ASN CG   C N N 121 
ASN OD1  O N N 122 
ASN ND2  N N N 123 
ASN OXT  O N N 124 
ASN H    H N N 125 
ASN H2   H N N 126 
ASN HA   H N N 127 
ASN HB2  H N N 128 
ASN HB3  H N N 129 
ASN HD21 H N N 130 
ASN HD22 H N N 131 
ASN HXT  H N N 132 
ASP N    N N N 133 
ASP CA   C N S 134 
ASP C    C N N 135 
ASP O    O N N 136 
ASP CB   C N N 137 
ASP CG   C N N 138 
ASP OD1  O N N 139 
ASP OD2  O N N 140 
ASP OXT  O N N 141 
ASP H    H N N 142 
ASP H2   H N N 143 
ASP HA   H N N 144 
ASP HB2  H N N 145 
ASP HB3  H N N 146 
ASP HD2  H N N 147 
ASP HXT  H N N 148 
CYS N    N N N 149 
CYS CA   C N R 150 
CYS C    C N N 151 
CYS O    O N N 152 
CYS CB   C N N 153 
CYS SG   S N N 154 
CYS OXT  O N N 155 
CYS H    H N N 156 
CYS H2   H N N 157 
CYS HA   H N N 158 
CYS HB2  H N N 159 
CYS HB3  H N N 160 
CYS HG   H N N 161 
CYS HXT  H N N 162 
GLN N    N N N 163 
GLN CA   C N S 164 
GLN C    C N N 165 
GLN O    O N N 166 
GLN CB   C N N 167 
GLN CG   C N N 168 
GLN CD   C N N 169 
GLN OE1  O N N 170 
GLN NE2  N N N 171 
GLN OXT  O N N 172 
GLN H    H N N 173 
GLN H2   H N N 174 
GLN HA   H N N 175 
GLN HB2  H N N 176 
GLN HB3  H N N 177 
GLN HG2  H N N 178 
GLN HG3  H N N 179 
GLN HE21 H N N 180 
GLN HE22 H N N 181 
GLN HXT  H N N 182 
GLU N    N N N 183 
GLU CA   C N S 184 
GLU C    C N N 185 
GLU O    O N N 186 
GLU CB   C N N 187 
GLU CG   C N N 188 
GLU CD   C N N 189 
GLU OE1  O N N 190 
GLU OE2  O N N 191 
GLU OXT  O N N 192 
GLU H    H N N 193 
GLU H2   H N N 194 
GLU HA   H N N 195 
GLU HB2  H N N 196 
GLU HB3  H N N 197 
GLU HG2  H N N 198 
GLU HG3  H N N 199 
GLU HE2  H N N 200 
GLU HXT  H N N 201 
GLY N    N N N 202 
GLY CA   C N N 203 
GLY C    C N N 204 
GLY O    O N N 205 
GLY OXT  O N N 206 
GLY H    H N N 207 
GLY H2   H N N 208 
GLY HA2  H N N 209 
GLY HA3  H N N 210 
GLY HXT  H N N 211 
HIS N    N N N 212 
HIS CA   C N S 213 
HIS C    C N N 214 
HIS O    O N N 215 
HIS CB   C N N 216 
HIS CG   C Y N 217 
HIS ND1  N Y N 218 
HIS CD2  C Y N 219 
HIS CE1  C Y N 220 
HIS NE2  N Y N 221 
HIS OXT  O N N 222 
HIS H    H N N 223 
HIS H2   H N N 224 
HIS HA   H N N 225 
HIS HB2  H N N 226 
HIS HB3  H N N 227 
HIS HD1  H N N 228 
HIS HD2  H N N 229 
HIS HE1  H N N 230 
HIS HE2  H N N 231 
HIS HXT  H N N 232 
HOH O    O N N 233 
HOH H1   H N N 234 
HOH H2   H N N 235 
ILE N    N N N 236 
ILE CA   C N S 237 
ILE C    C N N 238 
ILE O    O N N 239 
ILE CB   C N S 240 
ILE CG1  C N N 241 
ILE CG2  C N N 242 
ILE CD1  C N N 243 
ILE OXT  O N N 244 
ILE H    H N N 245 
ILE H2   H N N 246 
ILE HA   H N N 247 
ILE HB   H N N 248 
ILE HG12 H N N 249 
ILE HG13 H N N 250 
ILE HG21 H N N 251 
ILE HG22 H N N 252 
ILE HG23 H N N 253 
ILE HD11 H N N 254 
ILE HD12 H N N 255 
ILE HD13 H N N 256 
ILE HXT  H N N 257 
LEU N    N N N 258 
LEU CA   C N S 259 
LEU C    C N N 260 
LEU O    O N N 261 
LEU CB   C N N 262 
LEU CG   C N N 263 
LEU CD1  C N N 264 
LEU CD2  C N N 265 
LEU OXT  O N N 266 
LEU H    H N N 267 
LEU H2   H N N 268 
LEU HA   H N N 269 
LEU HB2  H N N 270 
LEU HB3  H N N 271 
LEU HG   H N N 272 
LEU HD11 H N N 273 
LEU HD12 H N N 274 
LEU HD13 H N N 275 
LEU HD21 H N N 276 
LEU HD22 H N N 277 
LEU HD23 H N N 278 
LEU HXT  H N N 279 
LYS N    N N N 280 
LYS CA   C N S 281 
LYS C    C N N 282 
LYS O    O N N 283 
LYS CB   C N N 284 
LYS CG   C N N 285 
LYS CD   C N N 286 
LYS CE   C N N 287 
LYS NZ   N N N 288 
LYS OXT  O N N 289 
LYS H    H N N 290 
LYS H2   H N N 291 
LYS HA   H N N 292 
LYS HB2  H N N 293 
LYS HB3  H N N 294 
LYS HG2  H N N 295 
LYS HG3  H N N 296 
LYS HD2  H N N 297 
LYS HD3  H N N 298 
LYS HE2  H N N 299 
LYS HE3  H N N 300 
LYS HZ1  H N N 301 
LYS HZ2  H N N 302 
LYS HZ3  H N N 303 
LYS HXT  H N N 304 
PHE N    N N N 305 
PHE CA   C N S 306 
PHE C    C N N 307 
PHE O    O N N 308 
PHE CB   C N N 309 
PHE CG   C Y N 310 
PHE CD1  C Y N 311 
PHE CD2  C Y N 312 
PHE CE1  C Y N 313 
PHE CE2  C Y N 314 
PHE CZ   C Y N 315 
PHE OXT  O N N 316 
PHE H    H N N 317 
PHE H2   H N N 318 
PHE HA   H N N 319 
PHE HB2  H N N 320 
PHE HB3  H N N 321 
PHE HD1  H N N 322 
PHE HD2  H N N 323 
PHE HE1  H N N 324 
PHE HE2  H N N 325 
PHE HZ   H N N 326 
PHE HXT  H N N 327 
PRO N    N N N 328 
PRO CA   C N S 329 
PRO C    C N N 330 
PRO O    O N N 331 
PRO CB   C N N 332 
PRO CG   C N N 333 
PRO CD   C N N 334 
PRO OXT  O N N 335 
PRO H    H N N 336 
PRO HA   H N N 337 
PRO HB2  H N N 338 
PRO HB3  H N N 339 
PRO HG2  H N N 340 
PRO HG3  H N N 341 
PRO HD2  H N N 342 
PRO HD3  H N N 343 
PRO HXT  H N N 344 
SER N    N N N 345 
SER CA   C N S 346 
SER C    C N N 347 
SER O    O N N 348 
SER CB   C N N 349 
SER OG   O N N 350 
SER OXT  O N N 351 
SER H    H N N 352 
SER H2   H N N 353 
SER HA   H N N 354 
SER HB2  H N N 355 
SER HB3  H N N 356 
SER HG   H N N 357 
SER HXT  H N N 358 
THR N    N N N 359 
THR CA   C N S 360 
THR C    C N N 361 
THR O    O N N 362 
THR CB   C N R 363 
THR OG1  O N N 364 
THR CG2  C N N 365 
THR OXT  O N N 366 
THR H    H N N 367 
THR H2   H N N 368 
THR HA   H N N 369 
THR HB   H N N 370 
THR HG1  H N N 371 
THR HG21 H N N 372 
THR HG22 H N N 373 
THR HG23 H N N 374 
THR HXT  H N N 375 
TRP N    N N N 376 
TRP CA   C N S 377 
TRP C    C N N 378 
TRP O    O N N 379 
TRP CB   C N N 380 
TRP CG   C Y N 381 
TRP CD1  C Y N 382 
TRP CD2  C Y N 383 
TRP NE1  N Y N 384 
TRP CE2  C Y N 385 
TRP CE3  C Y N 386 
TRP CZ2  C Y N 387 
TRP CZ3  C Y N 388 
TRP CH2  C Y N 389 
TRP OXT  O N N 390 
TRP H    H N N 391 
TRP H2   H N N 392 
TRP HA   H N N 393 
TRP HB2  H N N 394 
TRP HB3  H N N 395 
TRP HD1  H N N 396 
TRP HE1  H N N 397 
TRP HE3  H N N 398 
TRP HZ2  H N N 399 
TRP HZ3  H N N 400 
TRP HH2  H N N 401 
TRP HXT  H N N 402 
TYR N    N N N 403 
TYR CA   C N S 404 
TYR C    C N N 405 
TYR O    O N N 406 
TYR CB   C N N 407 
TYR CG   C Y N 408 
TYR CD1  C Y N 409 
TYR CD2  C Y N 410 
TYR CE1  C Y N 411 
TYR CE2  C Y N 412 
TYR CZ   C Y N 413 
TYR OH   O N N 414 
TYR OXT  O N N 415 
TYR H    H N N 416 
TYR H2   H N N 417 
TYR HA   H N N 418 
TYR HB2  H N N 419 
TYR HB3  H N N 420 
TYR HD1  H N N 421 
TYR HD2  H N N 422 
TYR HE1  H N N 423 
TYR HE2  H N N 424 
TYR HH   H N N 425 
TYR HXT  H N N 426 
VAL N    N N N 427 
VAL CA   C N S 428 
VAL C    C N N 429 
VAL O    O N N 430 
VAL CB   C N N 431 
VAL CG1  C N N 432 
VAL CG2  C N N 433 
VAL OXT  O N N 434 
VAL H    H N N 435 
VAL H2   H N N 436 
VAL HA   H N N 437 
VAL HB   H N N 438 
VAL HG11 H N N 439 
VAL HG12 H N N 440 
VAL HG13 H N N 441 
VAL HG21 H N N 442 
VAL HG22 H N N 443 
VAL HG23 H N N 444 
VAL HXT  H N N 445 
# 
loop_
_chem_comp_bond.comp_id 
_chem_comp_bond.atom_id_1 
_chem_comp_bond.atom_id_2 
_chem_comp_bond.value_order 
_chem_comp_bond.pdbx_aromatic_flag 
_chem_comp_bond.pdbx_stereo_config 
_chem_comp_bond.pdbx_ordinal 
843 C1  C2   doub Y N 1   
843 C1  C6   sing Y N 2   
843 C1  H1   sing N N 3   
843 C2  C3   sing Y N 4   
843 C2  H2   sing N N 5   
843 C3  C4   doub Y N 6   
843 C3  O30  sing N N 7   
843 C4  C5   sing Y N 8   
843 C4  H4   sing N N 9   
843 C5  C6   doub Y N 10  
843 C5  H5   sing N N 11  
843 C6  C11  sing N N 12  
843 P7  O8   sing N N 13  
843 P7  O9   doub N N 14  
843 P7  O10  sing N N 15  
843 P7  O30  sing N N 16  
843 O8  H8   sing N N 17  
843 O10 H10  sing N N 18  
843 C11 C12  sing N N 19  
843 C11 H111 sing N N 20  
843 C11 H112 sing N N 21  
843 C12 C13  sing N N 22  
843 C12 N15  sing N N 23  
843 C12 H12  sing N N 24  
843 C13 N14  sing N N 25  
843 C13 O19  doub N N 26  
843 N14 C20  sing N N 27  
843 N14 H14  sing N N 28  
843 N15 C16  sing N N 29  
843 N15 H15  sing N N 30  
843 C16 C17  sing N N 31  
843 C16 O18  doub N N 32  
843 C17 H171 sing N N 33  
843 C17 H172 sing N N 34  
843 C17 H173 sing N N 35  
843 C20 C21  sing N N 36  
843 C20 C26  sing N N 37  
843 C20 H20  sing N N 38  
843 C21 C22  sing N N 39  
843 C21 H211 sing N N 40  
843 C21 H212 sing N N 41  
843 C22 C23  sing N N 42  
843 C22 H221 sing N N 43  
843 C22 H222 sing N N 44  
843 C23 C24  sing N N 45  
843 C23 H231 sing N N 46  
843 C23 H232 sing N N 47  
843 C24 N25  sing N N 48  
843 C24 H241 sing N N 49  
843 C24 H242 sing N N 50  
843 N25 C26  sing N N 51  
843 N25 C27  sing N N 52  
843 C26 O29  doub N N 53  
843 C27 C28  sing N N 54  
843 C27 H271 sing N N 55  
843 C27 H272 sing N N 56  
843 C28 C54  sing Y N 57  
843 C28 C58  doub Y N 58  
843 C54 C55  doub Y N 59  
843 C54 H54  sing N N 60  
843 C55 C56  sing Y N 61  
843 C55 H55  sing N N 62  
843 C56 C57  doub Y N 63  
843 C56 C63  sing Y N 64  
843 C57 C58  sing Y N 65  
843 C57 H57  sing N N 66  
843 C58 H58  sing N N 67  
843 C63 C64  sing Y N 68  
843 C63 C68  doub Y N 69  
843 C64 C65  doub Y N 70  
843 C64 H64  sing N N 71  
843 C65 C66  sing Y N 72  
843 C65 H65  sing N N 73  
843 C66 C67  doub Y N 74  
843 C66 H66  sing N N 75  
843 C67 C68  sing Y N 76  
843 C67 H67  sing N N 77  
843 C68 H68  sing N N 78  
ALA N   CA   sing N N 79  
ALA N   H    sing N N 80  
ALA N   H2   sing N N 81  
ALA CA  C    sing N N 82  
ALA CA  CB   sing N N 83  
ALA CA  HA   sing N N 84  
ALA C   O    doub N N 85  
ALA C   OXT  sing N N 86  
ALA CB  HB1  sing N N 87  
ALA CB  HB2  sing N N 88  
ALA CB  HB3  sing N N 89  
ALA OXT HXT  sing N N 90  
ARG N   CA   sing N N 91  
ARG N   H    sing N N 92  
ARG N   H2   sing N N 93  
ARG CA  C    sing N N 94  
ARG CA  CB   sing N N 95  
ARG CA  HA   sing N N 96  
ARG C   O    doub N N 97  
ARG C   OXT  sing N N 98  
ARG CB  CG   sing N N 99  
ARG CB  HB2  sing N N 100 
ARG CB  HB3  sing N N 101 
ARG CG  CD   sing N N 102 
ARG CG  HG2  sing N N 103 
ARG CG  HG3  sing N N 104 
ARG CD  NE   sing N N 105 
ARG CD  HD2  sing N N 106 
ARG CD  HD3  sing N N 107 
ARG NE  CZ   sing N N 108 
ARG NE  HE   sing N N 109 
ARG CZ  NH1  sing N N 110 
ARG CZ  NH2  doub N N 111 
ARG NH1 HH11 sing N N 112 
ARG NH1 HH12 sing N N 113 
ARG NH2 HH21 sing N N 114 
ARG NH2 HH22 sing N N 115 
ARG OXT HXT  sing N N 116 
ASN N   CA   sing N N 117 
ASN N   H    sing N N 118 
ASN N   H2   sing N N 119 
ASN CA  C    sing N N 120 
ASN CA  CB   sing N N 121 
ASN CA  HA   sing N N 122 
ASN C   O    doub N N 123 
ASN C   OXT  sing N N 124 
ASN CB  CG   sing N N 125 
ASN CB  HB2  sing N N 126 
ASN CB  HB3  sing N N 127 
ASN CG  OD1  doub N N 128 
ASN CG  ND2  sing N N 129 
ASN ND2 HD21 sing N N 130 
ASN ND2 HD22 sing N N 131 
ASN OXT HXT  sing N N 132 
ASP N   CA   sing N N 133 
ASP N   H    sing N N 134 
ASP N   H2   sing N N 135 
ASP CA  C    sing N N 136 
ASP CA  CB   sing N N 137 
ASP CA  HA   sing N N 138 
ASP C   O    doub N N 139 
ASP C   OXT  sing N N 140 
ASP CB  CG   sing N N 141 
ASP CB  HB2  sing N N 142 
ASP CB  HB3  sing N N 143 
ASP CG  OD1  doub N N 144 
ASP CG  OD2  sing N N 145 
ASP OD2 HD2  sing N N 146 
ASP OXT HXT  sing N N 147 
CYS N   CA   sing N N 148 
CYS N   H    sing N N 149 
CYS N   H2   sing N N 150 
CYS CA  C    sing N N 151 
CYS CA  CB   sing N N 152 
CYS CA  HA   sing N N 153 
CYS C   O    doub N N 154 
CYS C   OXT  sing N N 155 
CYS CB  SG   sing N N 156 
CYS CB  HB2  sing N N 157 
CYS CB  HB3  sing N N 158 
CYS SG  HG   sing N N 159 
CYS OXT HXT  sing N N 160 
GLN N   CA   sing N N 161 
GLN N   H    sing N N 162 
GLN N   H2   sing N N 163 
GLN CA  C    sing N N 164 
GLN CA  CB   sing N N 165 
GLN CA  HA   sing N N 166 
GLN C   O    doub N N 167 
GLN C   OXT  sing N N 168 
GLN CB  CG   sing N N 169 
GLN CB  HB2  sing N N 170 
GLN CB  HB3  sing N N 171 
GLN CG  CD   sing N N 172 
GLN CG  HG2  sing N N 173 
GLN CG  HG3  sing N N 174 
GLN CD  OE1  doub N N 175 
GLN CD  NE2  sing N N 176 
GLN NE2 HE21 sing N N 177 
GLN NE2 HE22 sing N N 178 
GLN OXT HXT  sing N N 179 
GLU N   CA   sing N N 180 
GLU N   H    sing N N 181 
GLU N   H2   sing N N 182 
GLU CA  C    sing N N 183 
GLU CA  CB   sing N N 184 
GLU CA  HA   sing N N 185 
GLU C   O    doub N N 186 
GLU C   OXT  sing N N 187 
GLU CB  CG   sing N N 188 
GLU CB  HB2  sing N N 189 
GLU CB  HB3  sing N N 190 
GLU CG  CD   sing N N 191 
GLU CG  HG2  sing N N 192 
GLU CG  HG3  sing N N 193 
GLU CD  OE1  doub N N 194 
GLU CD  OE2  sing N N 195 
GLU OE2 HE2  sing N N 196 
GLU OXT HXT  sing N N 197 
GLY N   CA   sing N N 198 
GLY N   H    sing N N 199 
GLY N   H2   sing N N 200 
GLY CA  C    sing N N 201 
GLY CA  HA2  sing N N 202 
GLY CA  HA3  sing N N 203 
GLY C   O    doub N N 204 
GLY C   OXT  sing N N 205 
GLY OXT HXT  sing N N 206 
HIS N   CA   sing N N 207 
HIS N   H    sing N N 208 
HIS N   H2   sing N N 209 
HIS CA  C    sing N N 210 
HIS CA  CB   sing N N 211 
HIS CA  HA   sing N N 212 
HIS C   O    doub N N 213 
HIS C   OXT  sing N N 214 
HIS CB  CG   sing N N 215 
HIS CB  HB2  sing N N 216 
HIS CB  HB3  sing N N 217 
HIS CG  ND1  sing Y N 218 
HIS CG  CD2  doub Y N 219 
HIS ND1 CE1  doub Y N 220 
HIS ND1 HD1  sing N N 221 
HIS CD2 NE2  sing Y N 222 
HIS CD2 HD2  sing N N 223 
HIS CE1 NE2  sing Y N 224 
HIS CE1 HE1  sing N N 225 
HIS NE2 HE2  sing N N 226 
HIS OXT HXT  sing N N 227 
HOH O   H1   sing N N 228 
HOH O   H2   sing N N 229 
ILE N   CA   sing N N 230 
ILE N   H    sing N N 231 
ILE N   H2   sing N N 232 
ILE CA  C    sing N N 233 
ILE CA  CB   sing N N 234 
ILE CA  HA   sing N N 235 
ILE C   O    doub N N 236 
ILE C   OXT  sing N N 237 
ILE CB  CG1  sing N N 238 
ILE CB  CG2  sing N N 239 
ILE CB  HB   sing N N 240 
ILE CG1 CD1  sing N N 241 
ILE CG1 HG12 sing N N 242 
ILE CG1 HG13 sing N N 243 
ILE CG2 HG21 sing N N 244 
ILE CG2 HG22 sing N N 245 
ILE CG2 HG23 sing N N 246 
ILE CD1 HD11 sing N N 247 
ILE CD1 HD12 sing N N 248 
ILE CD1 HD13 sing N N 249 
ILE OXT HXT  sing N N 250 
LEU N   CA   sing N N 251 
LEU N   H    sing N N 252 
LEU N   H2   sing N N 253 
LEU CA  C    sing N N 254 
LEU CA  CB   sing N N 255 
LEU CA  HA   sing N N 256 
LEU C   O    doub N N 257 
LEU C   OXT  sing N N 258 
LEU CB  CG   sing N N 259 
LEU CB  HB2  sing N N 260 
LEU CB  HB3  sing N N 261 
LEU CG  CD1  sing N N 262 
LEU CG  CD2  sing N N 263 
LEU CG  HG   sing N N 264 
LEU CD1 HD11 sing N N 265 
LEU CD1 HD12 sing N N 266 
LEU CD1 HD13 sing N N 267 
LEU CD2 HD21 sing N N 268 
LEU CD2 HD22 sing N N 269 
LEU CD2 HD23 sing N N 270 
LEU OXT HXT  sing N N 271 
LYS N   CA   sing N N 272 
LYS N   H    sing N N 273 
LYS N   H2   sing N N 274 
LYS CA  C    sing N N 275 
LYS CA  CB   sing N N 276 
LYS CA  HA   sing N N 277 
LYS C   O    doub N N 278 
LYS C   OXT  sing N N 279 
LYS CB  CG   sing N N 280 
LYS CB  HB2  sing N N 281 
LYS CB  HB3  sing N N 282 
LYS CG  CD   sing N N 283 
LYS CG  HG2  sing N N 284 
LYS CG  HG3  sing N N 285 
LYS CD  CE   sing N N 286 
LYS CD  HD2  sing N N 287 
LYS CD  HD3  sing N N 288 
LYS CE  NZ   sing N N 289 
LYS CE  HE2  sing N N 290 
LYS CE  HE3  sing N N 291 
LYS NZ  HZ1  sing N N 292 
LYS NZ  HZ2  sing N N 293 
LYS NZ  HZ3  sing N N 294 
LYS OXT HXT  sing N N 295 
PHE N   CA   sing N N 296 
PHE N   H    sing N N 297 
PHE N   H2   sing N N 298 
PHE CA  C    sing N N 299 
PHE CA  CB   sing N N 300 
PHE CA  HA   sing N N 301 
PHE C   O    doub N N 302 
PHE C   OXT  sing N N 303 
PHE CB  CG   sing N N 304 
PHE CB  HB2  sing N N 305 
PHE CB  HB3  sing N N 306 
PHE CG  CD1  doub Y N 307 
PHE CG  CD2  sing Y N 308 
PHE CD1 CE1  sing Y N 309 
PHE CD1 HD1  sing N N 310 
PHE CD2 CE2  doub Y N 311 
PHE CD2 HD2  sing N N 312 
PHE CE1 CZ   doub Y N 313 
PHE CE1 HE1  sing N N 314 
PHE CE2 CZ   sing Y N 315 
PHE CE2 HE2  sing N N 316 
PHE CZ  HZ   sing N N 317 
PHE OXT HXT  sing N N 318 
PRO N   CA   sing N N 319 
PRO N   CD   sing N N 320 
PRO N   H    sing N N 321 
PRO CA  C    sing N N 322 
PRO CA  CB   sing N N 323 
PRO CA  HA   sing N N 324 
PRO C   O    doub N N 325 
PRO C   OXT  sing N N 326 
PRO CB  CG   sing N N 327 
PRO CB  HB2  sing N N 328 
PRO CB  HB3  sing N N 329 
PRO CG  CD   sing N N 330 
PRO CG  HG2  sing N N 331 
PRO CG  HG3  sing N N 332 
PRO CD  HD2  sing N N 333 
PRO CD  HD3  sing N N 334 
PRO OXT HXT  sing N N 335 
SER N   CA   sing N N 336 
SER N   H    sing N N 337 
SER N   H2   sing N N 338 
SER CA  C    sing N N 339 
SER CA  CB   sing N N 340 
SER CA  HA   sing N N 341 
SER C   O    doub N N 342 
SER C   OXT  sing N N 343 
SER CB  OG   sing N N 344 
SER CB  HB2  sing N N 345 
SER CB  HB3  sing N N 346 
SER OG  HG   sing N N 347 
SER OXT HXT  sing N N 348 
THR N   CA   sing N N 349 
THR N   H    sing N N 350 
THR N   H2   sing N N 351 
THR CA  C    sing N N 352 
THR CA  CB   sing N N 353 
THR CA  HA   sing N N 354 
THR C   O    doub N N 355 
THR C   OXT  sing N N 356 
THR CB  OG1  sing N N 357 
THR CB  CG2  sing N N 358 
THR CB  HB   sing N N 359 
THR OG1 HG1  sing N N 360 
THR CG2 HG21 sing N N 361 
THR CG2 HG22 sing N N 362 
THR CG2 HG23 sing N N 363 
THR OXT HXT  sing N N 364 
TRP N   CA   sing N N 365 
TRP N   H    sing N N 366 
TRP N   H2   sing N N 367 
TRP CA  C    sing N N 368 
TRP CA  CB   sing N N 369 
TRP CA  HA   sing N N 370 
TRP C   O    doub N N 371 
TRP C   OXT  sing N N 372 
TRP CB  CG   sing N N 373 
TRP CB  HB2  sing N N 374 
TRP CB  HB3  sing N N 375 
TRP CG  CD1  doub Y N 376 
TRP CG  CD2  sing Y N 377 
TRP CD1 NE1  sing Y N 378 
TRP CD1 HD1  sing N N 379 
TRP CD2 CE2  doub Y N 380 
TRP CD2 CE3  sing Y N 381 
TRP NE1 CE2  sing Y N 382 
TRP NE1 HE1  sing N N 383 
TRP CE2 CZ2  sing Y N 384 
TRP CE3 CZ3  doub Y N 385 
TRP CE3 HE3  sing N N 386 
TRP CZ2 CH2  doub Y N 387 
TRP CZ2 HZ2  sing N N 388 
TRP CZ3 CH2  sing Y N 389 
TRP CZ3 HZ3  sing N N 390 
TRP CH2 HH2  sing N N 391 
TRP OXT HXT  sing N N 392 
TYR N   CA   sing N N 393 
TYR N   H    sing N N 394 
TYR N   H2   sing N N 395 
TYR CA  C    sing N N 396 
TYR CA  CB   sing N N 397 
TYR CA  HA   sing N N 398 
TYR C   O    doub N N 399 
TYR C   OXT  sing N N 400 
TYR CB  CG   sing N N 401 
TYR CB  HB2  sing N N 402 
TYR CB  HB3  sing N N 403 
TYR CG  CD1  doub Y N 404 
TYR CG  CD2  sing Y N 405 
TYR CD1 CE1  sing Y N 406 
TYR CD1 HD1  sing N N 407 
TYR CD2 CE2  doub Y N 408 
TYR CD2 HD2  sing N N 409 
TYR CE1 CZ   doub Y N 410 
TYR CE1 HE1  sing N N 411 
TYR CE2 CZ   sing Y N 412 
TYR CE2 HE2  sing N N 413 
TYR CZ  OH   sing N N 414 
TYR OH  HH   sing N N 415 
TYR OXT HXT  sing N N 416 
VAL N   CA   sing N N 417 
VAL N   H    sing N N 418 
VAL N   H2   sing N N 419 
VAL CA  C    sing N N 420 
VAL CA  CB   sing N N 421 
VAL CA  HA   sing N N 422 
VAL C   O    doub N N 423 
VAL C   OXT  sing N N 424 
VAL CB  CG1  sing N N 425 
VAL CB  CG2  sing N N 426 
VAL CB  HB   sing N N 427 
VAL CG1 HG11 sing N N 428 
VAL CG1 HG12 sing N N 429 
VAL CG1 HG13 sing N N 430 
VAL CG2 HG21 sing N N 431 
VAL CG2 HG22 sing N N 432 
VAL CG2 HG23 sing N N 433 
VAL OXT HXT  sing N N 434 
# 
loop_
_pdbx_entity_nonpoly.entity_id 
_pdbx_entity_nonpoly.name 
_pdbx_entity_nonpoly.comp_id 
2 "N-ACETYL-N-[1-(1,1'-BIPHENYL-4-YLMETHYL)-2-OXOAZEPAN-3-YL]-O-PHOSPHONOTYROSINAMIDE" 843 
3 water                                                                                HOH 
# 
_pdbx_initial_refinement_model.id               1 
_pdbx_initial_refinement_model.entity_id_list   ? 
_pdbx_initial_refinement_model.type             'experimental model' 
_pdbx_initial_refinement_model.source_name      PDB 
_pdbx_initial_refinement_model.accession_code   1SHD 
_pdbx_initial_refinement_model.details          ? 
# 
